data_2B3V
# 
_entry.id   2B3V 
# 
_audit_conform.dict_name       mmcif_pdbx.dic 
_audit_conform.dict_version    5.398 
_audit_conform.dict_location   http://mmcif.pdb.org/dictionaries/ascii/mmcif_pdbx.dic 
# 
loop_
_database_2.database_id 
_database_2.database_code 
_database_2.pdbx_database_accession 
_database_2.pdbx_DOI 
PDB   2B3V         pdb_00002b3v 10.2210/pdb2b3v/pdb 
RCSB  RCSB034641   ?            ?                   
WWPDB D_1000034641 ?            ?                   
# 
loop_
_pdbx_audit_revision_history.ordinal 
_pdbx_audit_revision_history.data_content_type 
_pdbx_audit_revision_history.major_revision 
_pdbx_audit_revision_history.minor_revision 
_pdbx_audit_revision_history.revision_date 
1 'Structure model' 1 0 2006-01-17 
2 'Structure model' 1 1 2008-05-01 
3 'Structure model' 1 2 2011-07-13 
4 'Structure model' 1 3 2015-06-24 
5 'Structure model' 1 4 2021-02-03 
6 'Structure model' 1 5 2024-10-30 
# 
_pdbx_audit_revision_details.ordinal             1 
_pdbx_audit_revision_details.revision_ordinal    1 
_pdbx_audit_revision_details.data_content_type   'Structure model' 
_pdbx_audit_revision_details.provider            repository 
_pdbx_audit_revision_details.type                'Initial release' 
_pdbx_audit_revision_details.description         ? 
_pdbx_audit_revision_details.details             ? 
# 
loop_
_pdbx_audit_revision_group.ordinal 
_pdbx_audit_revision_group.revision_ordinal 
_pdbx_audit_revision_group.data_content_type 
_pdbx_audit_revision_group.group 
1  2 'Structure model' 'Version format compliance' 
2  3 'Structure model' 'Derived calculations'      
3  3 'Structure model' 'Version format compliance' 
4  4 'Structure model' 'Data collection'           
5  4 'Structure model' 'Database references'       
6  5 'Structure model' 'Database references'       
7  5 'Structure model' 'Derived calculations'      
8  5 'Structure model' 'Structure summary'         
9  6 'Structure model' 'Data collection'           
10 6 'Structure model' 'Database references'       
11 6 'Structure model' 'Structure summary'         
# 
loop_
_pdbx_audit_revision_category.ordinal 
_pdbx_audit_revision_category.revision_ordinal 
_pdbx_audit_revision_category.data_content_type 
_pdbx_audit_revision_category.category 
1 5 'Structure model' audit_author              
2 5 'Structure model' struct_conn               
3 5 'Structure model' struct_ref_seq_dif        
4 5 'Structure model' struct_site               
5 6 'Structure model' chem_comp_atom            
6 6 'Structure model' chem_comp_bond            
7 6 'Structure model' database_2                
8 6 'Structure model' pdbx_entry_details        
9 6 'Structure model' pdbx_modification_feature 
# 
loop_
_pdbx_audit_revision_item.ordinal 
_pdbx_audit_revision_item.revision_ordinal 
_pdbx_audit_revision_item.data_content_type 
_pdbx_audit_revision_item.item 
1 5 'Structure model' '_audit_author.identifier_ORCID'      
2 5 'Structure model' '_struct_conn.pdbx_leaving_atom_flag' 
3 5 'Structure model' '_struct_ref_seq_dif.details'         
4 5 'Structure model' '_struct_site.pdbx_auth_asym_id'      
5 5 'Structure model' '_struct_site.pdbx_auth_comp_id'      
6 5 'Structure model' '_struct_site.pdbx_auth_seq_id'       
7 6 'Structure model' '_database_2.pdbx_DOI'                
8 6 'Structure model' '_database_2.pdbx_database_accession' 
# 
_pdbx_database_status.status_code                     REL 
_pdbx_database_status.entry_id                        2B3V 
_pdbx_database_status.recvd_initial_deposition_date   2005-09-21 
_pdbx_database_status.deposit_site                    RCSB 
_pdbx_database_status.process_site                    RCSB 
_pdbx_database_status.status_code_sf                  REL 
_pdbx_database_status.status_code_mr                  ? 
_pdbx_database_status.SG_entry                        Y 
_pdbx_database_status.status_code_cs                  ? 
_pdbx_database_status.methods_development_category    ? 
_pdbx_database_status.pdb_format_compatible           Y 
_pdbx_database_status.status_code_nmr_data            ? 
# 
loop_
_pdbx_database_related.db_name 
_pdbx_database_related.db_id 
_pdbx_database_related.details 
_pdbx_database_related.content_type 
PDB      2B3U          'spermine spermidine acetyltranferase k26r mutant' unspecified 
PDB      2B47          .                                                  unspecified 
PDB      2B4B          .                                                  unspecified 
PDB      2B4D          .                                                  unspecified 
PDB      2B5G          .                                                  unspecified 
TargetDB NYSGXRC-9502a .                                                  unspecified 
# 
loop_
_audit_author.name 
_audit_author.pdbx_ordinal 
_audit_author.identifier_ORCID 
'Bewley, M.C.'                                                   1  ?                   
'Graziano, V.'                                                   2  ?                   
'Jiang, J.S.'                                                    3  ?                   
'Matz, E.'                                                       4  ?                   
'Studier, F.W.'                                                  5  ?                   
'Pegg, A.P.'                                                     6  ?                   
'Coleman, C.S.'                                                  7  ?                   
'Flanagan, J.M.'                                                 8  ?                   
'Burley, S.K.'                                                   9  0000-0002-2487-9713 
'New York SGX Research Center for Structural Genomics (NYSGXRC)' 10 ?                   
# 
_citation.id                        primary 
_citation.title                     
'Structures of wild-type and mutant human spermidine/spermine N1-acetyltransferase, a potential therapeutic drug target.' 
_citation.journal_abbrev            Proc.Natl.Acad.Sci.USA 
_citation.journal_volume            103 
_citation.page_first                2063 
_citation.page_last                 2068 
_citation.year                      2006 
_citation.journal_id_ASTM           PNASA6 
_citation.country                   US 
_citation.journal_id_ISSN           0027-8424 
_citation.journal_id_CSD            0040 
_citation.book_publisher            ? 
_citation.pdbx_database_id_PubMed   16455797 
_citation.pdbx_database_id_DOI      10.1073/pnas.0511008103 
# 
loop_
_citation_author.citation_id 
_citation_author.name 
_citation_author.ordinal 
_citation_author.identifier_ORCID 
primary 'Bewley, M.C.'   1 ? 
primary 'Graziano, V.'   2 ? 
primary 'Jiang, J.'      3 ? 
primary 'Matz, E.'       4 ? 
primary 'Studier, F.W.'  5 ? 
primary 'Pegg, A.E.'     6 ? 
primary 'Coleman, C.S.'  7 ? 
primary 'Flanagan, J.M.' 8 ? 
# 
loop_
_entity.id 
_entity.type 
_entity.src_method 
_entity.pdbx_description 
_entity.formula_weight 
_entity.pdbx_number_of_molecules 
_entity.pdbx_ec 
_entity.pdbx_mutation 
_entity.pdbx_fragment 
_entity.details 
1 polymer     man 'Diamine acetyltransferase 1' 20404.268 1  2.3.1.57 K26R ? ? 
2 non-polymer syn 'ACETYL COENZYME *A'          809.571   1  ?        ?    ? ? 
3 water       nat water                         18.015    59 ?        ?    ? ? 
# 
_entity_name_com.entity_id   1 
_entity_name_com.name        
'Spermidine/spermine N1, - acetyltransferase 1, SSAT, SSAT-1, Putrescine acetyltransferase, Polyamine N-acetyltransferase 1' 
# 
_entity_poly.entity_id                      1 
_entity_poly.type                           'polypeptide(L)' 
_entity_poly.nstd_linkage                   no 
_entity_poly.nstd_monomer                   yes 
_entity_poly.pdbx_seq_one_letter_code       
;(MSE)AKFVIRPATAADCSDILRLIKELARYEY(MSE)EEQVILTEKDLLEDGFGEHPFYHCLVAEVPKEHWTPEGHSIV
GFA(MSE)YYFTYDPWIGKLLYLEDFFV(MSE)SDYRGFGIGSEILKNLSQVA(MSE)RCRCSS(MSE)HFLVAEWNEPS
INFYKRRGASDLSSEEGWRLFKIDKEYLLK(MSE)ATEE
;
_entity_poly.pdbx_seq_one_letter_code_can   
;MAKFVIRPATAADCSDILRLIKELARYEYMEEQVILTEKDLLEDGFGEHPFYHCLVAEVPKEHWTPEGHSIVGFAMYYFT
YDPWIGKLLYLEDFFVMSDYRGFGIGSEILKNLSQVAMRCRCSSMHFLVAEWNEPSINFYKRRGASDLSSEEGWRLFKID
KEYLLKMATEE
;
_entity_poly.pdbx_strand_id                 A 
_entity_poly.pdbx_target_identifier         NYSGXRC-9502a 
# 
loop_
_pdbx_entity_nonpoly.entity_id 
_pdbx_entity_nonpoly.name 
_pdbx_entity_nonpoly.comp_id 
2 'ACETYL COENZYME *A' ACO 
3 water                HOH 
# 
loop_
_entity_poly_seq.entity_id 
_entity_poly_seq.num 
_entity_poly_seq.mon_id 
_entity_poly_seq.hetero 
1 1   MSE n 
1 2   ALA n 
1 3   LYS n 
1 4   PHE n 
1 5   VAL n 
1 6   ILE n 
1 7   ARG n 
1 8   PRO n 
1 9   ALA n 
1 10  THR n 
1 11  ALA n 
1 12  ALA n 
1 13  ASP n 
1 14  CYS n 
1 15  SER n 
1 16  ASP n 
1 17  ILE n 
1 18  LEU n 
1 19  ARG n 
1 20  LEU n 
1 21  ILE n 
1 22  LYS n 
1 23  GLU n 
1 24  LEU n 
1 25  ALA n 
1 26  ARG n 
1 27  TYR n 
1 28  GLU n 
1 29  TYR n 
1 30  MSE n 
1 31  GLU n 
1 32  GLU n 
1 33  GLN n 
1 34  VAL n 
1 35  ILE n 
1 36  LEU n 
1 37  THR n 
1 38  GLU n 
1 39  LYS n 
1 40  ASP n 
1 41  LEU n 
1 42  LEU n 
1 43  GLU n 
1 44  ASP n 
1 45  GLY n 
1 46  PHE n 
1 47  GLY n 
1 48  GLU n 
1 49  HIS n 
1 50  PRO n 
1 51  PHE n 
1 52  TYR n 
1 53  HIS n 
1 54  CYS n 
1 55  LEU n 
1 56  VAL n 
1 57  ALA n 
1 58  GLU n 
1 59  VAL n 
1 60  PRO n 
1 61  LYS n 
1 62  GLU n 
1 63  HIS n 
1 64  TRP n 
1 65  THR n 
1 66  PRO n 
1 67  GLU n 
1 68  GLY n 
1 69  HIS n 
1 70  SER n 
1 71  ILE n 
1 72  VAL n 
1 73  GLY n 
1 74  PHE n 
1 75  ALA n 
1 76  MSE n 
1 77  TYR n 
1 78  TYR n 
1 79  PHE n 
1 80  THR n 
1 81  TYR n 
1 82  ASP n 
1 83  PRO n 
1 84  TRP n 
1 85  ILE n 
1 86  GLY n 
1 87  LYS n 
1 88  LEU n 
1 89  LEU n 
1 90  TYR n 
1 91  LEU n 
1 92  GLU n 
1 93  ASP n 
1 94  PHE n 
1 95  PHE n 
1 96  VAL n 
1 97  MSE n 
1 98  SER n 
1 99  ASP n 
1 100 TYR n 
1 101 ARG n 
1 102 GLY n 
1 103 PHE n 
1 104 GLY n 
1 105 ILE n 
1 106 GLY n 
1 107 SER n 
1 108 GLU n 
1 109 ILE n 
1 110 LEU n 
1 111 LYS n 
1 112 ASN n 
1 113 LEU n 
1 114 SER n 
1 115 GLN n 
1 116 VAL n 
1 117 ALA n 
1 118 MSE n 
1 119 ARG n 
1 120 CYS n 
1 121 ARG n 
1 122 CYS n 
1 123 SER n 
1 124 SER n 
1 125 MSE n 
1 126 HIS n 
1 127 PHE n 
1 128 LEU n 
1 129 VAL n 
1 130 ALA n 
1 131 GLU n 
1 132 TRP n 
1 133 ASN n 
1 134 GLU n 
1 135 PRO n 
1 136 SER n 
1 137 ILE n 
1 138 ASN n 
1 139 PHE n 
1 140 TYR n 
1 141 LYS n 
1 142 ARG n 
1 143 ARG n 
1 144 GLY n 
1 145 ALA n 
1 146 SER n 
1 147 ASP n 
1 148 LEU n 
1 149 SER n 
1 150 SER n 
1 151 GLU n 
1 152 GLU n 
1 153 GLY n 
1 154 TRP n 
1 155 ARG n 
1 156 LEU n 
1 157 PHE n 
1 158 LYS n 
1 159 ILE n 
1 160 ASP n 
1 161 LYS n 
1 162 GLU n 
1 163 TYR n 
1 164 LEU n 
1 165 LEU n 
1 166 LYS n 
1 167 MSE n 
1 168 ALA n 
1 169 THR n 
1 170 GLU n 
1 171 GLU n 
# 
_entity_src_gen.entity_id                          1 
_entity_src_gen.pdbx_src_id                        1 
_entity_src_gen.pdbx_alt_source_flag               sample 
_entity_src_gen.pdbx_seq_type                      ? 
_entity_src_gen.pdbx_beg_seq_num                   ? 
_entity_src_gen.pdbx_end_seq_num                   ? 
_entity_src_gen.gene_src_common_name               human 
_entity_src_gen.gene_src_genus                     Homo 
_entity_src_gen.pdbx_gene_src_gene                 SAT 
_entity_src_gen.gene_src_species                   ? 
_entity_src_gen.gene_src_strain                    ? 
_entity_src_gen.gene_src_tissue                    ? 
_entity_src_gen.gene_src_tissue_fraction           ? 
_entity_src_gen.gene_src_details                   ? 
_entity_src_gen.pdbx_gene_src_fragment             ? 
_entity_src_gen.pdbx_gene_src_scientific_name      'Homo sapiens' 
_entity_src_gen.pdbx_gene_src_ncbi_taxonomy_id     9606 
_entity_src_gen.pdbx_gene_src_variant              ? 
_entity_src_gen.pdbx_gene_src_cell_line            ? 
_entity_src_gen.pdbx_gene_src_atcc                 ? 
_entity_src_gen.pdbx_gene_src_organ                ? 
_entity_src_gen.pdbx_gene_src_organelle            ? 
_entity_src_gen.pdbx_gene_src_cell                 ? 
_entity_src_gen.pdbx_gene_src_cellular_location    ? 
_entity_src_gen.host_org_common_name               ? 
_entity_src_gen.pdbx_host_org_scientific_name      'Escherichia coli' 
_entity_src_gen.pdbx_host_org_ncbi_taxonomy_id     562 
_entity_src_gen.host_org_genus                     Escherichia 
_entity_src_gen.pdbx_host_org_gene                 ? 
_entity_src_gen.pdbx_host_org_organ                ? 
_entity_src_gen.host_org_species                   ? 
_entity_src_gen.pdbx_host_org_tissue               ? 
_entity_src_gen.pdbx_host_org_tissue_fraction      ? 
_entity_src_gen.pdbx_host_org_strain               ? 
_entity_src_gen.pdbx_host_org_variant              ? 
_entity_src_gen.pdbx_host_org_cell_line            ? 
_entity_src_gen.pdbx_host_org_atcc                 ? 
_entity_src_gen.pdbx_host_org_culture_collection   ? 
_entity_src_gen.pdbx_host_org_cell                 ? 
_entity_src_gen.pdbx_host_org_organelle            ? 
_entity_src_gen.pdbx_host_org_cellular_location    ? 
_entity_src_gen.pdbx_host_org_vector_type          plasmid 
_entity_src_gen.pdbx_host_org_vector               ? 
_entity_src_gen.host_org_details                   ? 
_entity_src_gen.expression_system_id               ? 
_entity_src_gen.plasmid_name                       pET13a 
_entity_src_gen.plasmid_details                    ? 
_entity_src_gen.pdbx_description                   ? 
# 
loop_
_chem_comp.id 
_chem_comp.type 
_chem_comp.mon_nstd_flag 
_chem_comp.name 
_chem_comp.pdbx_synonyms 
_chem_comp.formula 
_chem_comp.formula_weight 
ACO non-polymer         . 'ACETYL COENZYME *A' ? 'C23 H38 N7 O17 P3 S' 809.571 
ALA 'L-peptide linking' y ALANINE              ? 'C3 H7 N O2'          89.093  
ARG 'L-peptide linking' y ARGININE             ? 'C6 H15 N4 O2 1'      175.209 
ASN 'L-peptide linking' y ASPARAGINE           ? 'C4 H8 N2 O3'         132.118 
ASP 'L-peptide linking' y 'ASPARTIC ACID'      ? 'C4 H7 N O4'          133.103 
CYS 'L-peptide linking' y CYSTEINE             ? 'C3 H7 N O2 S'        121.158 
GLN 'L-peptide linking' y GLUTAMINE            ? 'C5 H10 N2 O3'        146.144 
GLU 'L-peptide linking' y 'GLUTAMIC ACID'      ? 'C5 H9 N O4'          147.129 
GLY 'peptide linking'   y GLYCINE              ? 'C2 H5 N O2'          75.067  
HIS 'L-peptide linking' y HISTIDINE            ? 'C6 H10 N3 O2 1'      156.162 
HOH non-polymer         . WATER                ? 'H2 O'                18.015  
ILE 'L-peptide linking' y ISOLEUCINE           ? 'C6 H13 N O2'         131.173 
LEU 'L-peptide linking' y LEUCINE              ? 'C6 H13 N O2'         131.173 
LYS 'L-peptide linking' y LYSINE               ? 'C6 H15 N2 O2 1'      147.195 
MSE 'L-peptide linking' n SELENOMETHIONINE     ? 'C5 H11 N O2 Se'      196.106 
PHE 'L-peptide linking' y PHENYLALANINE        ? 'C9 H11 N O2'         165.189 
PRO 'L-peptide linking' y PROLINE              ? 'C5 H9 N O2'          115.130 
SER 'L-peptide linking' y SERINE               ? 'C3 H7 N O3'          105.093 
THR 'L-peptide linking' y THREONINE            ? 'C4 H9 N O3'          119.119 
TRP 'L-peptide linking' y TRYPTOPHAN           ? 'C11 H12 N2 O2'       204.225 
TYR 'L-peptide linking' y TYROSINE             ? 'C9 H11 N O3'         181.189 
VAL 'L-peptide linking' y VALINE               ? 'C5 H11 N O2'         117.146 
# 
loop_
_pdbx_poly_seq_scheme.asym_id 
_pdbx_poly_seq_scheme.entity_id 
_pdbx_poly_seq_scheme.seq_id 
_pdbx_poly_seq_scheme.mon_id 
_pdbx_poly_seq_scheme.ndb_seq_num 
_pdbx_poly_seq_scheme.pdb_seq_num 
_pdbx_poly_seq_scheme.auth_seq_num 
_pdbx_poly_seq_scheme.pdb_mon_id 
_pdbx_poly_seq_scheme.auth_mon_id 
_pdbx_poly_seq_scheme.pdb_strand_id 
_pdbx_poly_seq_scheme.pdb_ins_code 
_pdbx_poly_seq_scheme.hetero 
A 1 1   MSE 1   1   ?   ?   ?   A . n 
A 1 2   ALA 2   2   ?   ?   ?   A . n 
A 1 3   LYS 3   3   ?   ?   ?   A . n 
A 1 4   PHE 4   4   4   PHE PHE A . n 
A 1 5   VAL 5   5   5   VAL VAL A . n 
A 1 6   ILE 6   6   6   ILE ILE A . n 
A 1 7   ARG 7   7   7   ARG ARG A . n 
A 1 8   PRO 8   8   8   PRO PRO A . n 
A 1 9   ALA 9   9   9   ALA ALA A . n 
A 1 10  THR 10  10  10  THR THR A . n 
A 1 11  ALA 11  11  11  ALA ALA A . n 
A 1 12  ALA 12  12  12  ALA ALA A . n 
A 1 13  ASP 13  13  13  ASP ASP A . n 
A 1 14  CYS 14  14  14  CYS CYS A . n 
A 1 15  SER 15  15  15  SER SER A . n 
A 1 16  ASP 16  16  16  ASP ASP A . n 
A 1 17  ILE 17  17  17  ILE ILE A . n 
A 1 18  LEU 18  18  18  LEU LEU A . n 
A 1 19  ARG 19  19  19  ARG ARG A . n 
A 1 20  LEU 20  20  20  LEU LEU A . n 
A 1 21  ILE 21  21  21  ILE ILE A . n 
A 1 22  LYS 22  22  22  LYS LYS A . n 
A 1 23  GLU 23  23  23  GLU GLU A . n 
A 1 24  LEU 24  24  24  LEU LEU A . n 
A 1 25  ALA 25  25  25  ALA ALA A . n 
A 1 26  ARG 26  26  26  ARG ARG A . n 
A 1 27  TYR 27  27  27  TYR TYR A . n 
A 1 28  GLU 28  28  28  GLU GLU A . n 
A 1 29  TYR 29  29  29  TYR TYR A . n 
A 1 30  MSE 30  30  30  MSE MSE A . n 
A 1 31  GLU 31  31  31  GLU GLU A . n 
A 1 32  GLU 32  32  32  GLU GLU A . n 
A 1 33  GLN 33  33  33  GLN GLN A . n 
A 1 34  VAL 34  34  34  VAL VAL A . n 
A 1 35  ILE 35  35  35  ILE ILE A . n 
A 1 36  LEU 36  36  36  LEU LEU A . n 
A 1 37  THR 37  37  37  THR THR A . n 
A 1 38  GLU 38  38  38  GLU GLU A . n 
A 1 39  LYS 39  39  39  LYS LYS A . n 
A 1 40  ASP 40  40  40  ASP ASP A . n 
A 1 41  LEU 41  41  41  LEU LEU A . n 
A 1 42  LEU 42  42  42  LEU LEU A . n 
A 1 43  GLU 43  43  43  GLU GLU A . n 
A 1 44  ASP 44  44  44  ASP ASP A . n 
A 1 45  GLY 45  45  45  GLY GLY A . n 
A 1 46  PHE 46  46  46  PHE PHE A . n 
A 1 47  GLY 47  47  47  GLY GLY A . n 
A 1 48  GLU 48  48  48  GLU GLU A . n 
A 1 49  HIS 49  49  49  HIS HIS A . n 
A 1 50  PRO 50  50  50  PRO PRO A . n 
A 1 51  PHE 51  51  51  PHE PHE A . n 
A 1 52  TYR 52  52  52  TYR TYR A . n 
A 1 53  HIS 53  53  53  HIS HIS A . n 
A 1 54  CYS 54  54  54  CYS CYS A . n 
A 1 55  LEU 55  55  55  LEU LEU A . n 
A 1 56  VAL 56  56  56  VAL VAL A . n 
A 1 57  ALA 57  57  57  ALA ALA A . n 
A 1 58  GLU 58  58  58  GLU GLU A . n 
A 1 59  VAL 59  59  59  VAL VAL A . n 
A 1 60  PRO 60  60  60  PRO PRO A . n 
A 1 61  LYS 61  61  61  LYS LYS A . n 
A 1 62  GLU 62  62  62  GLU GLU A . n 
A 1 63  HIS 63  63  63  HIS HIS A . n 
A 1 64  TRP 64  64  64  TRP TRP A . n 
A 1 65  THR 65  65  65  THR THR A . n 
A 1 66  PRO 66  66  66  PRO PRO A . n 
A 1 67  GLU 67  67  67  GLU GLU A . n 
A 1 68  GLY 68  68  68  GLY GLY A . n 
A 1 69  HIS 69  69  69  HIS HIS A . n 
A 1 70  SER 70  70  70  SER SER A . n 
A 1 71  ILE 71  71  71  ILE ILE A . n 
A 1 72  VAL 72  72  72  VAL VAL A . n 
A 1 73  GLY 73  73  73  GLY GLY A . n 
A 1 74  PHE 74  74  74  PHE PHE A . n 
A 1 75  ALA 75  75  75  ALA ALA A . n 
A 1 76  MSE 76  76  76  MSE MSE A . n 
A 1 77  TYR 77  77  77  TYR TYR A . n 
A 1 78  TYR 78  78  78  TYR TYR A . n 
A 1 79  PHE 79  79  79  PHE PHE A . n 
A 1 80  THR 80  80  80  THR THR A . n 
A 1 81  TYR 81  81  81  TYR TYR A . n 
A 1 82  ASP 82  82  82  ASP ASP A . n 
A 1 83  PRO 83  83  83  PRO PRO A . n 
A 1 84  TRP 84  84  84  TRP TRP A . n 
A 1 85  ILE 85  85  85  ILE ILE A . n 
A 1 86  GLY 86  86  86  GLY GLY A . n 
A 1 87  LYS 87  87  87  LYS LYS A . n 
A 1 88  LEU 88  88  88  LEU LEU A . n 
A 1 89  LEU 89  89  89  LEU LEU A . n 
A 1 90  TYR 90  90  90  TYR TYR A . n 
A 1 91  LEU 91  91  91  LEU LEU A . n 
A 1 92  GLU 92  92  92  GLU GLU A . n 
A 1 93  ASP 93  93  93  ASP ASP A . n 
A 1 94  PHE 94  94  94  PHE PHE A . n 
A 1 95  PHE 95  95  95  PHE PHE A . n 
A 1 96  VAL 96  96  96  VAL VAL A . n 
A 1 97  MSE 97  97  97  MSE MSE A . n 
A 1 98  SER 98  98  98  SER SER A . n 
A 1 99  ASP 99  99  99  ASP ASP A . n 
A 1 100 TYR 100 100 100 TYR TYR A . n 
A 1 101 ARG 101 101 101 ARG ARG A . n 
A 1 102 GLY 102 102 102 GLY GLY A . n 
A 1 103 PHE 103 103 103 PHE PHE A . n 
A 1 104 GLY 104 104 104 GLY GLY A . n 
A 1 105 ILE 105 105 105 ILE ILE A . n 
A 1 106 GLY 106 106 106 GLY GLY A . n 
A 1 107 SER 107 107 107 SER SER A . n 
A 1 108 GLU 108 108 108 GLU GLU A . n 
A 1 109 ILE 109 109 109 ILE ILE A . n 
A 1 110 LEU 110 110 110 LEU LEU A . n 
A 1 111 LYS 111 111 111 LYS LYS A . n 
A 1 112 ASN 112 112 112 ASN ASN A . n 
A 1 113 LEU 113 113 113 LEU LEU A . n 
A 1 114 SER 114 114 114 SER SER A . n 
A 1 115 GLN 115 115 115 GLN GLN A . n 
A 1 116 VAL 116 116 116 VAL VAL A . n 
A 1 117 ALA 117 117 117 ALA ALA A . n 
A 1 118 MSE 118 118 118 MSE MSE A . n 
A 1 119 ARG 119 119 119 ARG ARG A . n 
A 1 120 CYS 120 120 120 CYS CYS A . n 
A 1 121 ARG 121 121 121 ARG ARG A . n 
A 1 122 CYS 122 122 122 CYS CYS A . n 
A 1 123 SER 123 123 123 SER SER A . n 
A 1 124 SER 124 124 124 SER SER A . n 
A 1 125 MSE 125 125 125 MSE MSE A . n 
A 1 126 HIS 126 126 126 HIS HIS A . n 
A 1 127 PHE 127 127 127 PHE PHE A . n 
A 1 128 LEU 128 128 128 LEU LEU A . n 
A 1 129 VAL 129 129 129 VAL VAL A . n 
A 1 130 ALA 130 130 130 ALA ALA A . n 
A 1 131 GLU 131 131 131 GLU GLU A . n 
A 1 132 TRP 132 132 132 TRP TRP A . n 
A 1 133 ASN 133 133 133 ASN ASN A . n 
A 1 134 GLU 134 134 134 GLU GLU A . n 
A 1 135 PRO 135 135 135 PRO PRO A . n 
A 1 136 SER 136 136 136 SER SER A . n 
A 1 137 ILE 137 137 137 ILE ILE A . n 
A 1 138 ASN 138 138 138 ASN ASN A . n 
A 1 139 PHE 139 139 139 PHE PHE A . n 
A 1 140 TYR 140 140 140 TYR TYR A . n 
A 1 141 LYS 141 141 141 LYS LYS A . n 
A 1 142 ARG 142 142 142 ARG ARG A . n 
A 1 143 ARG 143 143 143 ARG ARG A . n 
A 1 144 GLY 144 144 144 GLY GLY A . n 
A 1 145 ALA 145 145 145 ALA ALA A . n 
A 1 146 SER 146 146 146 SER SER A . n 
A 1 147 ASP 147 147 147 ASP ASP A . n 
A 1 148 LEU 148 148 148 LEU LEU A . n 
A 1 149 SER 149 149 149 SER SER A . n 
A 1 150 SER 150 150 150 SER SER A . n 
A 1 151 GLU 151 151 151 GLU GLU A . n 
A 1 152 GLU 152 152 152 GLU GLU A . n 
A 1 153 GLY 153 153 153 GLY GLY A . n 
A 1 154 TRP 154 154 154 TRP TRP A . n 
A 1 155 ARG 155 155 155 ARG ARG A . n 
A 1 156 LEU 156 156 156 LEU LEU A . n 
A 1 157 PHE 157 157 157 PHE PHE A . n 
A 1 158 LYS 158 158 158 LYS LYS A . n 
A 1 159 ILE 159 159 159 ILE ILE A . n 
A 1 160 ASP 160 160 160 ASP ASP A . n 
A 1 161 LYS 161 161 161 LYS LYS A . n 
A 1 162 GLU 162 162 162 GLU GLU A . n 
A 1 163 TYR 163 163 163 TYR TYR A . n 
A 1 164 LEU 164 164 164 LEU LEU A . n 
A 1 165 LEU 165 165 165 LEU LEU A . n 
A 1 166 LYS 166 166 166 LYS LYS A . n 
A 1 167 MSE 167 167 167 MSE MSE A . n 
A 1 168 ALA 168 168 168 ALA ALA A . n 
A 1 169 THR 169 169 169 THR THR A . n 
A 1 170 GLU 170 170 170 GLU GLU A . n 
A 1 171 GLU 171 171 ?   ?   ?   A . n 
# 
loop_
_pdbx_nonpoly_scheme.asym_id 
_pdbx_nonpoly_scheme.entity_id 
_pdbx_nonpoly_scheme.mon_id 
_pdbx_nonpoly_scheme.ndb_seq_num 
_pdbx_nonpoly_scheme.pdb_seq_num 
_pdbx_nonpoly_scheme.auth_seq_num 
_pdbx_nonpoly_scheme.pdb_mon_id 
_pdbx_nonpoly_scheme.auth_mon_id 
_pdbx_nonpoly_scheme.pdb_strand_id 
_pdbx_nonpoly_scheme.pdb_ins_code 
B 2 ACO 1  172 1   ACO ACO A . 
C 3 HOH 1  202 202 HOH HOH A . 
C 3 HOH 2  203 203 HOH HOH A . 
C 3 HOH 3  204 204 HOH HOH A . 
C 3 HOH 4  205 205 HOH HOH A . 
C 3 HOH 5  206 206 HOH HOH A . 
C 3 HOH 6  207 207 HOH HOH A . 
C 3 HOH 7  208 208 HOH HOH A . 
C 3 HOH 8  209 209 HOH HOH A . 
C 3 HOH 9  210 210 HOH HOH A . 
C 3 HOH 10 211 211 HOH HOH A . 
C 3 HOH 11 212 212 HOH HOH A . 
C 3 HOH 12 213 213 HOH HOH A . 
C 3 HOH 13 214 214 HOH HOH A . 
C 3 HOH 14 215 215 HOH HOH A . 
C 3 HOH 15 216 216 HOH HOH A . 
C 3 HOH 16 217 217 HOH HOH A . 
C 3 HOH 17 218 218 HOH HOH A . 
C 3 HOH 18 219 219 HOH HOH A . 
C 3 HOH 19 220 220 HOH HOH A . 
C 3 HOH 20 221 221 HOH HOH A . 
C 3 HOH 21 222 222 HOH HOH A . 
C 3 HOH 22 223 223 HOH HOH A . 
C 3 HOH 23 224 224 HOH HOH A . 
C 3 HOH 24 225 225 HOH HOH A . 
C 3 HOH 25 226 226 HOH HOH A . 
C 3 HOH 26 228 228 HOH HOH A . 
C 3 HOH 27 229 229 HOH HOH A . 
C 3 HOH 28 230 230 HOH HOH A . 
C 3 HOH 29 231 231 HOH HOH A . 
C 3 HOH 30 232 232 HOH HOH A . 
C 3 HOH 31 233 233 HOH HOH A . 
C 3 HOH 32 235 235 HOH HOH A . 
C 3 HOH 33 236 236 HOH HOH A . 
C 3 HOH 34 237 237 HOH HOH A . 
C 3 HOH 35 239 239 HOH HOH A . 
C 3 HOH 36 240 240 HOH HOH A . 
C 3 HOH 37 241 241 HOH HOH A . 
C 3 HOH 38 242 242 HOH HOH A . 
C 3 HOH 39 243 243 HOH HOH A . 
C 3 HOH 40 244 244 HOH HOH A . 
C 3 HOH 41 245 245 HOH HOH A . 
C 3 HOH 42 246 246 HOH HOH A . 
C 3 HOH 43 247 247 HOH HOH A . 
C 3 HOH 44 248 248 HOH HOH A . 
C 3 HOH 45 249 249 HOH HOH A . 
C 3 HOH 46 250 250 HOH HOH A . 
C 3 HOH 47 251 251 HOH HOH A . 
C 3 HOH 48 252 252 HOH HOH A . 
C 3 HOH 49 253 253 HOH HOH A . 
C 3 HOH 50 254 254 HOH HOH A . 
C 3 HOH 51 255 255 HOH HOH A . 
C 3 HOH 52 256 256 HOH HOH A . 
C 3 HOH 53 257 257 HOH HOH A . 
C 3 HOH 54 258 258 HOH HOH A . 
C 3 HOH 55 259 259 HOH HOH A . 
C 3 HOH 56 260 260 HOH HOH A . 
C 3 HOH 57 261 261 HOH HOH A . 
C 3 HOH 58 262 262 HOH HOH A . 
C 3 HOH 59 263 263 HOH HOH A . 
# 
loop_
_software.name 
_software.classification 
_software.version 
_software.citation_id 
_software.pdbx_ordinal 
HKL-2000  'data collection' .   ? 1 
SCALEPACK 'data scaling'    .   ? 2 
SOLVE     phasing           .   ? 3 
CNS       refinement        1.1 ? 4 
HKL-2000  'data reduction'  .   ? 5 
# 
_cell.entry_id           2B3V 
_cell.length_a           62.994 
_cell.length_b           62.994 
_cell.length_c           80.909 
_cell.angle_alpha        90.00 
_cell.angle_beta         90.00 
_cell.angle_gamma        120.00 
_cell.Z_PDB              6 
_cell.pdbx_unique_axis   ? 
_cell.length_a_esd       ? 
_cell.length_b_esd       ? 
_cell.length_c_esd       ? 
_cell.angle_alpha_esd    ? 
_cell.angle_beta_esd     ? 
_cell.angle_gamma_esd    ? 
# 
_symmetry.entry_id                         2B3V 
_symmetry.space_group_name_H-M             'P 62' 
_symmetry.pdbx_full_space_group_name_H-M   ? 
_symmetry.cell_setting                     ? 
_symmetry.Int_Tables_number                171 
_symmetry.space_group_name_Hall            ? 
# 
_exptl.entry_id          2B3V 
_exptl.method            'X-RAY DIFFRACTION' 
_exptl.crystals_number   1 
# 
_exptl_crystal.id                    1 
_exptl_crystal.density_meas          ? 
_exptl_crystal.density_Matthews      2.27 
_exptl_crystal.density_percent_sol   45.83 
_exptl_crystal.description           ? 
_exptl_crystal.F_000                 ? 
_exptl_crystal.preparation           ? 
# 
_exptl_crystal_grow.crystal_id      1 
_exptl_crystal_grow.method          'VAPOR DIFFUSION, SITTING DROP' 
_exptl_crystal_grow.temp            298 
_exptl_crystal_grow.temp_details    ? 
_exptl_crystal_grow.pH              5.6 
_exptl_crystal_grow.pdbx_details    'mmPEG5000, pH 5.6, VAPOR DIFFUSION, SITTING DROP, temperature 298K' 
_exptl_crystal_grow.pdbx_pH_range   . 
# 
_diffrn.id                     1 
_diffrn.ambient_temp           ? 
_diffrn.ambient_temp_details   ? 
_diffrn.crystal_id             1 
# 
_diffrn_radiation.diffrn_id                        1 
_diffrn_radiation.wavelength_id                    1 
_diffrn_radiation.pdbx_monochromatic_or_laue_m_l   M 
_diffrn_radiation.monochromator                    ? 
_diffrn_radiation.pdbx_diffrn_protocol             'SINGLE WAVELENGTH' 
_diffrn_radiation.pdbx_scattering_type             x-ray 
# 
_diffrn_radiation_wavelength.id           1 
_diffrn_radiation_wavelength.wavelength   0.98 
_diffrn_radiation_wavelength.wt           1.0 
# 
_diffrn_source.diffrn_id                   1 
_diffrn_source.source                      SYNCHROTRON 
_diffrn_source.type                        'NSLS BEAMLINE X26C' 
_diffrn_source.pdbx_synchrotron_site       NSLS 
_diffrn_source.pdbx_synchrotron_beamline   X26C 
_diffrn_source.pdbx_wavelength             ? 
_diffrn_source.pdbx_wavelength_list        0.98 
# 
_reflns.entry_id                     2B3V 
_reflns.observed_criterion_sigma_F   -3 
_reflns.observed_criterion_sigma_I   -3 
_reflns.d_resolution_high            1.95 
_reflns.d_resolution_low             30.0 
_reflns.number_obs                   12884 
_reflns.percent_possible_obs         96.6 
_reflns.pdbx_Rmerge_I_obs            ? 
_reflns.pdbx_Rsym_value              ? 
_reflns.pdbx_netI_over_sigmaI        ? 
_reflns.B_iso_Wilson_estimate        ? 
_reflns.pdbx_redundancy              ? 
_reflns.R_free_details               ? 
_reflns.limit_h_max                  ? 
_reflns.limit_h_min                  ? 
_reflns.limit_k_max                  ? 
_reflns.limit_k_min                  ? 
_reflns.limit_l_max                  ? 
_reflns.limit_l_min                  ? 
_reflns.observed_criterion_F_max     ? 
_reflns.observed_criterion_F_min     ? 
_reflns.pdbx_chi_squared             ? 
_reflns.pdbx_scaling_rejects         ? 
_reflns.pdbx_ordinal                 1 
_reflns.pdbx_diffrn_id               1 
_reflns.number_all                   ? 
# 
_refine.entry_id                                 2B3V 
_refine.ls_d_res_high                            1.95 
_refine.ls_d_res_low                             30.0 
_refine.pdbx_ls_sigma_F                          -3 
_refine.pdbx_ls_sigma_I                          ? 
_refine.ls_number_reflns_all                     ? 
_refine.ls_number_reflns_obs                     12884 
_refine.ls_number_reflns_R_free                  651 
_refine.ls_percent_reflns_obs                    ? 
_refine.ls_R_factor_all                          ? 
_refine.ls_R_factor_obs                          ? 
_refine.ls_R_factor_R_work                       0.222 
_refine.ls_R_factor_R_free                       0.257 
_refine.ls_redundancy_reflns_obs                 ? 
_refine.pdbx_data_cutoff_high_absF               ? 
_refine.pdbx_data_cutoff_low_absF                ? 
_refine.ls_number_parameters                     ? 
_refine.ls_number_restraints                     ? 
_refine.ls_percent_reflns_R_free                 ? 
_refine.ls_R_factor_R_free_error                 ? 
_refine.ls_R_factor_R_free_error_details         ? 
_refine.pdbx_method_to_determine_struct          SAD 
_refine.pdbx_starting_model                      ? 
_refine.pdbx_ls_cross_valid_method               ? 
_refine.pdbx_R_Free_selection_details            random 
_refine.pdbx_stereochem_target_val_spec_case     ? 
_refine.pdbx_stereochemistry_target_values       'Engh & Huber' 
_refine.solvent_model_details                    ? 
_refine.solvent_model_param_bsol                 ? 
_refine.solvent_model_param_ksol                 ? 
_refine.occupancy_max                            ? 
_refine.occupancy_min                            ? 
_refine.pdbx_isotropic_thermal_model             ? 
_refine.B_iso_mean                               ? 
_refine.aniso_B[1][1]                            ? 
_refine.aniso_B[1][2]                            ? 
_refine.aniso_B[1][3]                            ? 
_refine.aniso_B[2][2]                            ? 
_refine.aniso_B[2][3]                            ? 
_refine.aniso_B[3][3]                            ? 
_refine.details                                  ? 
_refine.B_iso_min                                ? 
_refine.B_iso_max                                ? 
_refine.correlation_coeff_Fo_to_Fc               ? 
_refine.correlation_coeff_Fo_to_Fc_free          ? 
_refine.pdbx_solvent_vdw_probe_radii             ? 
_refine.pdbx_solvent_ion_probe_radii             ? 
_refine.pdbx_solvent_shrinkage_radii             ? 
_refine.overall_SU_R_Cruickshank_DPI             ? 
_refine.overall_SU_R_free                        ? 
_refine.overall_SU_ML                            ? 
_refine.overall_SU_B                             ? 
_refine.pdbx_overall_ESU_R_Free                  ? 
_refine.pdbx_data_cutoff_high_rms_absF           ? 
_refine.ls_wR_factor_R_free                      ? 
_refine.ls_wR_factor_R_work                      ? 
_refine.overall_FOM_free_R_set                   ? 
_refine.overall_FOM_work_R_set                   ? 
_refine.pdbx_refine_id                           'X-RAY DIFFRACTION' 
_refine.pdbx_overall_phase_error                 ? 
_refine.pdbx_overall_ESU_R                       ? 
_refine.pdbx_diffrn_id                           1 
_refine.pdbx_TLS_residual_ADP_flag               ? 
_refine.pdbx_overall_SU_R_free_Cruickshank_DPI   ? 
_refine.pdbx_overall_SU_R_Blow_DPI               ? 
_refine.pdbx_overall_SU_R_free_Blow_DPI          ? 
# 
_refine_hist.pdbx_refine_id                   'X-RAY DIFFRACTION' 
_refine_hist.cycle_id                         LAST 
_refine_hist.pdbx_number_atoms_protein        1380 
_refine_hist.pdbx_number_atoms_nucleic_acid   0 
_refine_hist.pdbx_number_atoms_ligand         51 
_refine_hist.number_atoms_solvent             59 
_refine_hist.number_atoms_total               1490 
_refine_hist.d_res_high                       1.95 
_refine_hist.d_res_low                        30.0 
# 
_struct.entry_id                  2B3V 
_struct.title                     'Spermine spermidine acetyltransferase in complex with acetylcoa, K26R mutant' 
_struct.pdbx_model_details        ? 
_struct.pdbx_CASP_flag            ? 
_struct.pdbx_model_type_details   ? 
# 
_struct_keywords.entry_id        2B3V 
_struct_keywords.pdbx_keywords   TRANSFERASE 
_struct_keywords.text            
;polyamine, Structural Genomics, PSI, Protein Structure Initiative, New York SGX Research Center for Structural Genomics, NYSGXRC, TRANSFERASE
;
# 
loop_
_struct_asym.id 
_struct_asym.pdbx_blank_PDB_chainid_flag 
_struct_asym.pdbx_modified 
_struct_asym.entity_id 
_struct_asym.details 
A N N 1 ? 
B N N 2 ? 
C N N 3 ? 
# 
_struct_ref.id                         1 
_struct_ref.db_name                    UNP 
_struct_ref.db_code                    SAT1_HUMAN 
_struct_ref.pdbx_db_accession          P21673 
_struct_ref.entity_id                  1 
_struct_ref.pdbx_seq_one_letter_code   
;MAKFVIRPATAADCSDILRLIKELAKYEYMEEQVILTEKDLLEDGFGEHPFYHCLVAEVPKEHWTPEGHSIVGFAMYYFT
YDPWIGKLLYLEDFFVMSDYRGFGIGSEILKNLSQVAMRCRCSSMHFLVAEWNEPSINFYKRRGASDLSSEEGWRLFKID
KEYLLKMATEE
;
_struct_ref.pdbx_align_begin           1 
_struct_ref.pdbx_db_isoform            ? 
# 
_struct_ref_seq.align_id                      1 
_struct_ref_seq.ref_id                        1 
_struct_ref_seq.pdbx_PDB_id_code              2B3V 
_struct_ref_seq.pdbx_strand_id                A 
_struct_ref_seq.seq_align_beg                 1 
_struct_ref_seq.pdbx_seq_align_beg_ins_code   ? 
_struct_ref_seq.seq_align_end                 171 
_struct_ref_seq.pdbx_seq_align_end_ins_code   ? 
_struct_ref_seq.pdbx_db_accession             P21673 
_struct_ref_seq.db_align_beg                  1 
_struct_ref_seq.pdbx_db_align_beg_ins_code    ? 
_struct_ref_seq.db_align_end                  171 
_struct_ref_seq.pdbx_db_align_end_ins_code    ? 
_struct_ref_seq.pdbx_auth_seq_align_beg       1 
_struct_ref_seq.pdbx_auth_seq_align_end       171 
# 
_struct_ref_seq_dif.align_id                     1 
_struct_ref_seq_dif.pdbx_pdb_id_code             2B3V 
_struct_ref_seq_dif.mon_id                       ARG 
_struct_ref_seq_dif.pdbx_pdb_strand_id           A 
_struct_ref_seq_dif.seq_num                      26 
_struct_ref_seq_dif.pdbx_pdb_ins_code            ? 
_struct_ref_seq_dif.pdbx_seq_db_name             UNP 
_struct_ref_seq_dif.pdbx_seq_db_accession_code   P21673 
_struct_ref_seq_dif.db_mon_id                    LYS 
_struct_ref_seq_dif.pdbx_seq_db_seq_num          26 
_struct_ref_seq_dif.details                      'engineered mutation' 
_struct_ref_seq_dif.pdbx_auth_seq_num            26 
_struct_ref_seq_dif.pdbx_ordinal                 1 
# 
_pdbx_struct_assembly.id                   1 
_pdbx_struct_assembly.details              author_and_software_defined_assembly 
_pdbx_struct_assembly.method_details       PISA,PQS 
_pdbx_struct_assembly.oligomeric_details   dimeric 
_pdbx_struct_assembly.oligomeric_count     2 
# 
loop_
_pdbx_struct_assembly_prop.biol_id 
_pdbx_struct_assembly_prop.type 
_pdbx_struct_assembly_prop.value 
_pdbx_struct_assembly_prop.details 
1 'ABSA (A^2)' 9350  ? 
1 MORE         -67   ? 
1 'SSA (A^2)'  16660 ? 
# 
_pdbx_struct_assembly_gen.assembly_id       1 
_pdbx_struct_assembly_gen.oper_expression   1,2 
_pdbx_struct_assembly_gen.asym_id_list      A,B,C 
# 
loop_
_pdbx_struct_oper_list.id 
_pdbx_struct_oper_list.type 
_pdbx_struct_oper_list.name 
_pdbx_struct_oper_list.symmetry_operation 
_pdbx_struct_oper_list.matrix[1][1] 
_pdbx_struct_oper_list.matrix[1][2] 
_pdbx_struct_oper_list.matrix[1][3] 
_pdbx_struct_oper_list.vector[1] 
_pdbx_struct_oper_list.matrix[2][1] 
_pdbx_struct_oper_list.matrix[2][2] 
_pdbx_struct_oper_list.matrix[2][3] 
_pdbx_struct_oper_list.vector[2] 
_pdbx_struct_oper_list.matrix[3][1] 
_pdbx_struct_oper_list.matrix[3][2] 
_pdbx_struct_oper_list.matrix[3][3] 
_pdbx_struct_oper_list.vector[3] 
1 'identity operation'         1_555 x,y,z       1.0000000000  0.0000000000 0.0000000000  0.0000000000  0.0000000000 1.0000000000  0.0000000000  0.0000000000 0.0000000000  0.0000000000  1.0000000000 0.0000000000 
2 'crystal symmetry operation' 4_675 -x+1,-y+2,z -0.9782329598 0.1426327422 -0.1507188678 22.5164588201 0.1426327422 -0.0653713594 -0.9876145433 2.2079800642 -0.1507188678 -0.9876145433 0.0436043192 5.3413811167 
# 
_struct_biol.id        1 
_struct_biol.details   ? 
# 
loop_
_struct_conf.conf_type_id 
_struct_conf.id 
_struct_conf.pdbx_PDB_helix_id 
_struct_conf.beg_label_comp_id 
_struct_conf.beg_label_asym_id 
_struct_conf.beg_label_seq_id 
_struct_conf.pdbx_beg_PDB_ins_code 
_struct_conf.end_label_comp_id 
_struct_conf.end_label_asym_id 
_struct_conf.end_label_seq_id 
_struct_conf.pdbx_end_PDB_ins_code 
_struct_conf.beg_auth_comp_id 
_struct_conf.beg_auth_asym_id 
_struct_conf.beg_auth_seq_id 
_struct_conf.end_auth_comp_id 
_struct_conf.end_auth_asym_id 
_struct_conf.end_auth_seq_id 
_struct_conf.pdbx_PDB_helix_class 
_struct_conf.details 
_struct_conf.pdbx_PDB_helix_length 
HELX_P HELX_P1 1 THR A 10  ? ALA A 12  ? THR A 10  ALA A 12  5 ? 3  
HELX_P HELX_P2 2 ASP A 13  ? GLU A 28  ? ASP A 13  GLU A 28  1 ? 16 
HELX_P HELX_P3 3 MSE A 30  ? VAL A 34  ? MSE A 30  VAL A 34  5 ? 5  
HELX_P HELX_P4 4 THR A 37  ? GLY A 47  ? THR A 37  GLY A 47  1 ? 11 
HELX_P HELX_P5 5 PRO A 60  ? TRP A 64  ? PRO A 60  TRP A 64  5 ? 5  
HELX_P HELX_P6 6 SER A 98  ? ARG A 101 ? SER A 98  ARG A 101 5 ? 4  
HELX_P HELX_P7 7 GLY A 104 ? CYS A 120 ? GLY A 104 CYS A 120 1 ? 17 
HELX_P HELX_P8 8 ASN A 133 ? ARG A 143 ? ASN A 133 ARG A 143 1 ? 11 
HELX_P HELX_P9 9 ASP A 160 ? GLU A 170 ? ASP A 160 GLU A 170 1 ? 11 
# 
_struct_conf_type.id          HELX_P 
_struct_conf_type.criteria    ? 
_struct_conf_type.reference   ? 
# 
loop_
_struct_conn.id 
_struct_conn.conn_type_id 
_struct_conn.pdbx_leaving_atom_flag 
_struct_conn.pdbx_PDB_id 
_struct_conn.ptnr1_label_asym_id 
_struct_conn.ptnr1_label_comp_id 
_struct_conn.ptnr1_label_seq_id 
_struct_conn.ptnr1_label_atom_id 
_struct_conn.pdbx_ptnr1_label_alt_id 
_struct_conn.pdbx_ptnr1_PDB_ins_code 
_struct_conn.pdbx_ptnr1_standard_comp_id 
_struct_conn.ptnr1_symmetry 
_struct_conn.ptnr2_label_asym_id 
_struct_conn.ptnr2_label_comp_id 
_struct_conn.ptnr2_label_seq_id 
_struct_conn.ptnr2_label_atom_id 
_struct_conn.pdbx_ptnr2_label_alt_id 
_struct_conn.pdbx_ptnr2_PDB_ins_code 
_struct_conn.ptnr1_auth_asym_id 
_struct_conn.ptnr1_auth_comp_id 
_struct_conn.ptnr1_auth_seq_id 
_struct_conn.ptnr2_auth_asym_id 
_struct_conn.ptnr2_auth_comp_id 
_struct_conn.ptnr2_auth_seq_id 
_struct_conn.ptnr2_symmetry 
_struct_conn.pdbx_ptnr3_label_atom_id 
_struct_conn.pdbx_ptnr3_label_seq_id 
_struct_conn.pdbx_ptnr3_label_comp_id 
_struct_conn.pdbx_ptnr3_label_asym_id 
_struct_conn.pdbx_ptnr3_label_alt_id 
_struct_conn.pdbx_ptnr3_PDB_ins_code 
_struct_conn.details 
_struct_conn.pdbx_dist_value 
_struct_conn.pdbx_value_order 
_struct_conn.pdbx_role 
covale1  covale both ? A TYR 29  C ? ? ? 1_555 A MSE 30  N ? ? A TYR 29  A MSE 30  1_555 ? ? ? ? ? ? ? 1.332 ? ? 
covale2  covale both ? A MSE 30  C ? ? ? 1_555 A GLU 31  N ? ? A MSE 30  A GLU 31  1_555 ? ? ? ? ? ? ? 1.329 ? ? 
covale3  covale both ? A ALA 75  C ? ? ? 1_555 A MSE 76  N ? ? A ALA 75  A MSE 76  1_555 ? ? ? ? ? ? ? 1.326 ? ? 
covale4  covale both ? A MSE 76  C ? ? ? 1_555 A TYR 77  N ? ? A MSE 76  A TYR 77  1_555 ? ? ? ? ? ? ? 1.327 ? ? 
covale5  covale both ? A VAL 96  C ? ? ? 1_555 A MSE 97  N ? ? A VAL 96  A MSE 97  1_555 ? ? ? ? ? ? ? 1.325 ? ? 
covale6  covale both ? A MSE 97  C ? ? ? 1_555 A SER 98  N ? ? A MSE 97  A SER 98  1_555 ? ? ? ? ? ? ? 1.334 ? ? 
covale7  covale both ? A ALA 117 C ? ? ? 1_555 A MSE 118 N ? ? A ALA 117 A MSE 118 1_555 ? ? ? ? ? ? ? 1.328 ? ? 
covale8  covale both ? A MSE 118 C ? ? ? 1_555 A ARG 119 N ? ? A MSE 118 A ARG 119 1_555 ? ? ? ? ? ? ? 1.326 ? ? 
covale9  covale both ? A SER 124 C ? ? ? 1_555 A MSE 125 N ? ? A SER 124 A MSE 125 1_555 ? ? ? ? ? ? ? 1.326 ? ? 
covale10 covale both ? A MSE 125 C ? ? ? 1_555 A HIS 126 N ? ? A MSE 125 A HIS 126 1_555 ? ? ? ? ? ? ? 1.326 ? ? 
covale11 covale both ? A LYS 166 C ? ? ? 1_555 A MSE 167 N ? ? A LYS 166 A MSE 167 1_555 ? ? ? ? ? ? ? 1.335 ? ? 
covale12 covale both ? A MSE 167 C ? ? ? 1_555 A ALA 168 N ? ? A MSE 167 A ALA 168 1_555 ? ? ? ? ? ? ? 1.326 ? ? 
# 
_struct_conn_type.id          covale 
_struct_conn_type.criteria    ? 
_struct_conn_type.reference   ? 
# 
loop_
_pdbx_modification_feature.ordinal 
_pdbx_modification_feature.label_comp_id 
_pdbx_modification_feature.label_asym_id 
_pdbx_modification_feature.label_seq_id 
_pdbx_modification_feature.label_alt_id 
_pdbx_modification_feature.modified_residue_label_comp_id 
_pdbx_modification_feature.modified_residue_label_asym_id 
_pdbx_modification_feature.modified_residue_label_seq_id 
_pdbx_modification_feature.modified_residue_label_alt_id 
_pdbx_modification_feature.auth_comp_id 
_pdbx_modification_feature.auth_asym_id 
_pdbx_modification_feature.auth_seq_id 
_pdbx_modification_feature.PDB_ins_code 
_pdbx_modification_feature.symmetry 
_pdbx_modification_feature.modified_residue_auth_comp_id 
_pdbx_modification_feature.modified_residue_auth_asym_id 
_pdbx_modification_feature.modified_residue_auth_seq_id 
_pdbx_modification_feature.modified_residue_PDB_ins_code 
_pdbx_modification_feature.modified_residue_symmetry 
_pdbx_modification_feature.comp_id_linking_atom 
_pdbx_modification_feature.modified_residue_id_linking_atom 
_pdbx_modification_feature.modified_residue_id 
_pdbx_modification_feature.ref_pcm_id 
_pdbx_modification_feature.ref_comp_id 
_pdbx_modification_feature.type 
_pdbx_modification_feature.category 
1 MSE A 30  ? . . . . MSE A 30  ? 1_555 . . . . . . . MET 1 MSE Selenomethionine 'Named protein modification' 
2 MSE A 76  ? . . . . MSE A 76  ? 1_555 . . . . . . . MET 1 MSE Selenomethionine 'Named protein modification' 
3 MSE A 97  ? . . . . MSE A 97  ? 1_555 . . . . . . . MET 1 MSE Selenomethionine 'Named protein modification' 
4 MSE A 118 ? . . . . MSE A 118 ? 1_555 . . . . . . . MET 1 MSE Selenomethionine 'Named protein modification' 
5 MSE A 125 ? . . . . MSE A 125 ? 1_555 . . . . . . . MET 1 MSE Selenomethionine 'Named protein modification' 
6 MSE A 167 ? . . . . MSE A 167 ? 1_555 . . . . . . . MET 1 MSE Selenomethionine 'Named protein modification' 
# 
_struct_sheet.id               A 
_struct_sheet.type             ? 
_struct_sheet.number_strands   5 
_struct_sheet.details          ? 
# 
loop_
_struct_sheet_order.sheet_id 
_struct_sheet_order.range_id_1 
_struct_sheet_order.range_id_2 
_struct_sheet_order.offset 
_struct_sheet_order.sense 
A 1 2 ? anti-parallel 
A 2 3 ? anti-parallel 
A 3 4 ? anti-parallel 
A 4 5 ? parallel      
# 
loop_
_struct_sheet_range.sheet_id 
_struct_sheet_range.id 
_struct_sheet_range.beg_label_comp_id 
_struct_sheet_range.beg_label_asym_id 
_struct_sheet_range.beg_label_seq_id 
_struct_sheet_range.pdbx_beg_PDB_ins_code 
_struct_sheet_range.end_label_comp_id 
_struct_sheet_range.end_label_asym_id 
_struct_sheet_range.end_label_seq_id 
_struct_sheet_range.pdbx_end_PDB_ins_code 
_struct_sheet_range.beg_auth_comp_id 
_struct_sheet_range.beg_auth_asym_id 
_struct_sheet_range.beg_auth_seq_id 
_struct_sheet_range.end_auth_comp_id 
_struct_sheet_range.end_auth_asym_id 
_struct_sheet_range.end_auth_seq_id 
A 1 VAL A 5   ? PRO A 8   ? VAL A 5   PRO A 8   
A 2 HIS A 53  ? GLU A 58  ? HIS A 53  GLU A 58  
A 3 ILE A 71  ? ASP A 82  ? ILE A 71  ASP A 82  
A 4 GLY A 86  ? VAL A 96  ? GLY A 86  VAL A 96  
A 5 SER A 124 ? HIS A 126 ? SER A 124 HIS A 126 
# 
loop_
_pdbx_struct_sheet_hbond.sheet_id 
_pdbx_struct_sheet_hbond.range_id_1 
_pdbx_struct_sheet_hbond.range_id_2 
_pdbx_struct_sheet_hbond.range_1_label_atom_id 
_pdbx_struct_sheet_hbond.range_1_label_comp_id 
_pdbx_struct_sheet_hbond.range_1_label_asym_id 
_pdbx_struct_sheet_hbond.range_1_label_seq_id 
_pdbx_struct_sheet_hbond.range_1_PDB_ins_code 
_pdbx_struct_sheet_hbond.range_1_auth_atom_id 
_pdbx_struct_sheet_hbond.range_1_auth_comp_id 
_pdbx_struct_sheet_hbond.range_1_auth_asym_id 
_pdbx_struct_sheet_hbond.range_1_auth_seq_id 
_pdbx_struct_sheet_hbond.range_2_label_atom_id 
_pdbx_struct_sheet_hbond.range_2_label_comp_id 
_pdbx_struct_sheet_hbond.range_2_label_asym_id 
_pdbx_struct_sheet_hbond.range_2_label_seq_id 
_pdbx_struct_sheet_hbond.range_2_PDB_ins_code 
_pdbx_struct_sheet_hbond.range_2_auth_atom_id 
_pdbx_struct_sheet_hbond.range_2_auth_comp_id 
_pdbx_struct_sheet_hbond.range_2_auth_asym_id 
_pdbx_struct_sheet_hbond.range_2_auth_seq_id 
A 1 2 N VAL A 5  ? N VAL A 5  O GLU A 58  ? O GLU A 58  
A 2 3 N HIS A 53 ? N HIS A 53 O TYR A 77  ? O TYR A 77  
A 3 4 N ASP A 82 ? N ASP A 82 O GLY A 86  ? O GLY A 86  
A 4 5 N LEU A 91 ? N LEU A 91 O HIS A 126 ? O HIS A 126 
# 
_struct_site.id                   AC1 
_struct_site.pdbx_evidence_code   Software 
_struct_site.pdbx_auth_asym_id    A 
_struct_site.pdbx_auth_comp_id    ACO 
_struct_site.pdbx_auth_seq_id     172 
_struct_site.pdbx_auth_ins_code   ? 
_struct_site.pdbx_num_residues    23 
_struct_site.details              'BINDING SITE FOR RESIDUE ACO A 172' 
# 
loop_
_struct_site_gen.id 
_struct_site_gen.site_id 
_struct_site_gen.pdbx_num_res 
_struct_site_gen.label_comp_id 
_struct_site_gen.label_asym_id 
_struct_site_gen.label_seq_id 
_struct_site_gen.pdbx_auth_ins_code 
_struct_site_gen.auth_comp_id 
_struct_site_gen.auth_asym_id 
_struct_site_gen.auth_seq_id 
_struct_site_gen.label_atom_id 
_struct_site_gen.label_alt_id 
_struct_site_gen.symmetry 
_struct_site_gen.details 
1  AC1 23 LEU A 91  ? LEU A 91  . ? 1_555 ? 
2  AC1 23 GLU A 92  ? GLU A 92  . ? 1_555 ? 
3  AC1 23 PHE A 94  ? PHE A 94  . ? 1_555 ? 
4  AC1 23 PHE A 95  ? PHE A 95  . ? 1_555 ? 
5  AC1 23 VAL A 96  ? VAL A 96  . ? 1_555 ? 
6  AC1 23 ARG A 101 ? ARG A 101 . ? 1_555 ? 
7  AC1 23 GLY A 102 ? GLY A 102 . ? 1_555 ? 
8  AC1 23 PHE A 103 ? PHE A 103 . ? 1_555 ? 
9  AC1 23 GLY A 104 ? GLY A 104 . ? 1_555 ? 
10 AC1 23 ILE A 105 ? ILE A 105 . ? 1_555 ? 
11 AC1 23 GLY A 106 ? GLY A 106 . ? 1_555 ? 
12 AC1 23 SER A 107 ? SER A 107 . ? 1_555 ? 
13 AC1 23 PHE A 127 ? PHE A 127 . ? 1_555 ? 
14 AC1 23 LEU A 128 ? LEU A 128 . ? 1_555 ? 
15 AC1 23 ASN A 133 ? ASN A 133 . ? 1_555 ? 
16 AC1 23 SER A 136 ? SER A 136 . ? 1_555 ? 
17 AC1 23 PHE A 139 ? PHE A 139 . ? 1_555 ? 
18 AC1 23 TYR A 140 ? TYR A 140 . ? 1_555 ? 
19 AC1 23 ARG A 142 ? ARG A 142 . ? 1_555 ? 
20 AC1 23 ARG A 143 ? ARG A 143 . ? 1_555 ? 
21 AC1 23 HOH C .   ? HOH A 202 . ? 1_555 ? 
22 AC1 23 HOH C .   ? HOH A 233 . ? 1_555 ? 
23 AC1 23 HOH C .   ? HOH A 253 . ? 1_555 ? 
# 
_pdbx_entry_details.entry_id                   2B3V 
_pdbx_entry_details.compound_details           ? 
_pdbx_entry_details.source_details             ? 
_pdbx_entry_details.nonpolymer_details         ? 
_pdbx_entry_details.sequence_details           ? 
_pdbx_entry_details.has_ligand_of_interest     ? 
_pdbx_entry_details.has_protein_modification   Y 
# 
_pdbx_validate_torsion.id              1 
_pdbx_validate_torsion.PDB_model_num   1 
_pdbx_validate_torsion.auth_comp_id    ASP 
_pdbx_validate_torsion.auth_asym_id    A 
_pdbx_validate_torsion.auth_seq_id     99 
_pdbx_validate_torsion.PDB_ins_code    ? 
_pdbx_validate_torsion.label_alt_id    ? 
_pdbx_validate_torsion.phi             -56.82 
_pdbx_validate_torsion.psi             -2.60 
# 
_pdbx_validate_planes.id              1 
_pdbx_validate_planes.PDB_model_num   1 
_pdbx_validate_planes.auth_comp_id    TYR 
_pdbx_validate_planes.auth_asym_id    A 
_pdbx_validate_planes.auth_seq_id     90 
_pdbx_validate_planes.PDB_ins_code    ? 
_pdbx_validate_planes.label_alt_id    ? 
_pdbx_validate_planes.rmsd            0.067 
_pdbx_validate_planes.type            'SIDE CHAIN' 
# 
_pdbx_SG_project.id                    1 
_pdbx_SG_project.project_name          'PSI, Protein Structure Initiative' 
_pdbx_SG_project.full_name_of_center   'New York SGX Research Center for Structural Genomics' 
_pdbx_SG_project.initial_of_center     NYSGXRC 
# 
loop_
_pdbx_struct_mod_residue.id 
_pdbx_struct_mod_residue.label_asym_id 
_pdbx_struct_mod_residue.label_comp_id 
_pdbx_struct_mod_residue.label_seq_id 
_pdbx_struct_mod_residue.auth_asym_id 
_pdbx_struct_mod_residue.auth_comp_id 
_pdbx_struct_mod_residue.auth_seq_id 
_pdbx_struct_mod_residue.PDB_ins_code 
_pdbx_struct_mod_residue.parent_comp_id 
_pdbx_struct_mod_residue.details 
1 A MSE 30  A MSE 30  ? MET SELENOMETHIONINE 
2 A MSE 76  A MSE 76  ? MET SELENOMETHIONINE 
3 A MSE 97  A MSE 97  ? MET SELENOMETHIONINE 
4 A MSE 118 A MSE 118 ? MET SELENOMETHIONINE 
5 A MSE 125 A MSE 125 ? MET SELENOMETHIONINE 
6 A MSE 167 A MSE 167 ? MET SELENOMETHIONINE 
# 
loop_
_pdbx_unobs_or_zero_occ_residues.id 
_pdbx_unobs_or_zero_occ_residues.PDB_model_num 
_pdbx_unobs_or_zero_occ_residues.polymer_flag 
_pdbx_unobs_or_zero_occ_residues.occupancy_flag 
_pdbx_unobs_or_zero_occ_residues.auth_asym_id 
_pdbx_unobs_or_zero_occ_residues.auth_comp_id 
_pdbx_unobs_or_zero_occ_residues.auth_seq_id 
_pdbx_unobs_or_zero_occ_residues.PDB_ins_code 
_pdbx_unobs_or_zero_occ_residues.label_asym_id 
_pdbx_unobs_or_zero_occ_residues.label_comp_id 
_pdbx_unobs_or_zero_occ_residues.label_seq_id 
1 1 Y 1 A MSE 1   ? A MSE 1   
2 1 Y 1 A ALA 2   ? A ALA 2   
3 1 Y 1 A LYS 3   ? A LYS 3   
4 1 Y 1 A GLU 171 ? A GLU 171 
# 
loop_
_chem_comp_atom.comp_id 
_chem_comp_atom.atom_id 
_chem_comp_atom.type_symbol 
_chem_comp_atom.pdbx_aromatic_flag 
_chem_comp_atom.pdbx_stereo_config 
_chem_comp_atom.pdbx_ordinal 
ACO N1A  N  Y N 1   
ACO C2A  C  Y N 2   
ACO N3A  N  Y N 3   
ACO C4A  C  Y N 4   
ACO C5A  C  Y N 5   
ACO C6A  C  Y N 6   
ACO N6A  N  N N 7   
ACO N7A  N  Y N 8   
ACO C8A  C  Y N 9   
ACO N9A  N  Y N 10  
ACO C1B  C  N R 11  
ACO C2B  C  N R 12  
ACO O2B  O  N N 13  
ACO C3B  C  N S 14  
ACO O3B  O  N N 15  
ACO P3B  P  N N 16  
ACO O7A  O  N N 17  
ACO O8A  O  N N 18  
ACO O9A  O  N N 19  
ACO C4B  C  N R 20  
ACO O4B  O  N N 21  
ACO C5B  C  N N 22  
ACO O5B  O  N N 23  
ACO P1A  P  N S 24  
ACO O1A  O  N N 25  
ACO O2A  O  N N 26  
ACO O3A  O  N N 27  
ACO P2A  P  N S 28  
ACO O4A  O  N N 29  
ACO O5A  O  N N 30  
ACO O6A  O  N N 31  
ACO CBP  C  N N 32  
ACO CCP  C  N N 33  
ACO CDP  C  N N 34  
ACO CEP  C  N N 35  
ACO CAP  C  N R 36  
ACO OAP  O  N N 37  
ACO C9P  C  N N 38  
ACO O9P  O  N N 39  
ACO N8P  N  N N 40  
ACO C7P  C  N N 41  
ACO C6P  C  N N 42  
ACO C5P  C  N N 43  
ACO O5P  O  N N 44  
ACO N4P  N  N N 45  
ACO C3P  C  N N 46  
ACO C2P  C  N N 47  
ACO S1P  S  N N 48  
ACO C    C  N N 49  
ACO O    O  N N 50  
ACO CH3  C  N N 51  
ACO H2A  H  N N 52  
ACO H61A H  N N 53  
ACO H62A H  N N 54  
ACO H8A  H  N N 55  
ACO H1B  H  N N 56  
ACO H2B  H  N N 57  
ACO HO2A H  N N 58  
ACO H3B  H  N N 59  
ACO HOA8 H  N N 60  
ACO HOA9 H  N N 61  
ACO H4B  H  N N 62  
ACO H51A H  N N 63  
ACO H52A H  N N 64  
ACO HOA2 H  N N 65  
ACO HOA5 H  N N 66  
ACO H121 H  N N 67  
ACO H122 H  N N 68  
ACO H131 H  N N 69  
ACO H132 H  N N 70  
ACO H133 H  N N 71  
ACO H141 H  N N 72  
ACO H142 H  N N 73  
ACO H143 H  N N 74  
ACO H10  H  N N 75  
ACO HO1  H  N N 76  
ACO HN8  H  N N 77  
ACO H71  H  N N 78  
ACO H72  H  N N 79  
ACO H61  H  N N 80  
ACO H62  H  N N 81  
ACO HN4  H  N N 82  
ACO H31  H  N N 83  
ACO H32  H  N N 84  
ACO H21  H  N N 85  
ACO H22  H  N N 86  
ACO HH31 H  N N 87  
ACO HH32 H  N N 88  
ACO HH33 H  N N 89  
ALA N    N  N N 90  
ALA CA   C  N S 91  
ALA C    C  N N 92  
ALA O    O  N N 93  
ALA CB   C  N N 94  
ALA OXT  O  N N 95  
ALA H    H  N N 96  
ALA H2   H  N N 97  
ALA HA   H  N N 98  
ALA HB1  H  N N 99  
ALA HB2  H  N N 100 
ALA HB3  H  N N 101 
ALA HXT  H  N N 102 
ARG N    N  N N 103 
ARG CA   C  N S 104 
ARG C    C  N N 105 
ARG O    O  N N 106 
ARG CB   C  N N 107 
ARG CG   C  N N 108 
ARG CD   C  N N 109 
ARG NE   N  N N 110 
ARG CZ   C  N N 111 
ARG NH1  N  N N 112 
ARG NH2  N  N N 113 
ARG OXT  O  N N 114 
ARG H    H  N N 115 
ARG H2   H  N N 116 
ARG HA   H  N N 117 
ARG HB2  H  N N 118 
ARG HB3  H  N N 119 
ARG HG2  H  N N 120 
ARG HG3  H  N N 121 
ARG HD2  H  N N 122 
ARG HD3  H  N N 123 
ARG HE   H  N N 124 
ARG HH11 H  N N 125 
ARG HH12 H  N N 126 
ARG HH21 H  N N 127 
ARG HH22 H  N N 128 
ARG HXT  H  N N 129 
ASN N    N  N N 130 
ASN CA   C  N S 131 
ASN C    C  N N 132 
ASN O    O  N N 133 
ASN CB   C  N N 134 
ASN CG   C  N N 135 
ASN OD1  O  N N 136 
ASN ND2  N  N N 137 
ASN OXT  O  N N 138 
ASN H    H  N N 139 
ASN H2   H  N N 140 
ASN HA   H  N N 141 
ASN HB2  H  N N 142 
ASN HB3  H  N N 143 
ASN HD21 H  N N 144 
ASN HD22 H  N N 145 
ASN HXT  H  N N 146 
ASP N    N  N N 147 
ASP CA   C  N S 148 
ASP C    C  N N 149 
ASP O    O  N N 150 
ASP CB   C  N N 151 
ASP CG   C  N N 152 
ASP OD1  O  N N 153 
ASP OD2  O  N N 154 
ASP OXT  O  N N 155 
ASP H    H  N N 156 
ASP H2   H  N N 157 
ASP HA   H  N N 158 
ASP HB2  H  N N 159 
ASP HB3  H  N N 160 
ASP HD2  H  N N 161 
ASP HXT  H  N N 162 
CYS N    N  N N 163 
CYS CA   C  N R 164 
CYS C    C  N N 165 
CYS O    O  N N 166 
CYS CB   C  N N 167 
CYS SG   S  N N 168 
CYS OXT  O  N N 169 
CYS H    H  N N 170 
CYS H2   H  N N 171 
CYS HA   H  N N 172 
CYS HB2  H  N N 173 
CYS HB3  H  N N 174 
CYS HG   H  N N 175 
CYS HXT  H  N N 176 
GLN N    N  N N 177 
GLN CA   C  N S 178 
GLN C    C  N N 179 
GLN O    O  N N 180 
GLN CB   C  N N 181 
GLN CG   C  N N 182 
GLN CD   C  N N 183 
GLN OE1  O  N N 184 
GLN NE2  N  N N 185 
GLN OXT  O  N N 186 
GLN H    H  N N 187 
GLN H2   H  N N 188 
GLN HA   H  N N 189 
GLN HB2  H  N N 190 
GLN HB3  H  N N 191 
GLN HG2  H  N N 192 
GLN HG3  H  N N 193 
GLN HE21 H  N N 194 
GLN HE22 H  N N 195 
GLN HXT  H  N N 196 
GLU N    N  N N 197 
GLU CA   C  N S 198 
GLU C    C  N N 199 
GLU O    O  N N 200 
GLU CB   C  N N 201 
GLU CG   C  N N 202 
GLU CD   C  N N 203 
GLU OE1  O  N N 204 
GLU OE2  O  N N 205 
GLU OXT  O  N N 206 
GLU H    H  N N 207 
GLU H2   H  N N 208 
GLU HA   H  N N 209 
GLU HB2  H  N N 210 
GLU HB3  H  N N 211 
GLU HG2  H  N N 212 
GLU HG3  H  N N 213 
GLU HE2  H  N N 214 
GLU HXT  H  N N 215 
GLY N    N  N N 216 
GLY CA   C  N N 217 
GLY C    C  N N 218 
GLY O    O  N N 219 
GLY OXT  O  N N 220 
GLY H    H  N N 221 
GLY H2   H  N N 222 
GLY HA2  H  N N 223 
GLY HA3  H  N N 224 
GLY HXT  H  N N 225 
HIS N    N  N N 226 
HIS CA   C  N S 227 
HIS C    C  N N 228 
HIS O    O  N N 229 
HIS CB   C  N N 230 
HIS CG   C  Y N 231 
HIS ND1  N  Y N 232 
HIS CD2  C  Y N 233 
HIS CE1  C  Y N 234 
HIS NE2  N  Y N 235 
HIS OXT  O  N N 236 
HIS H    H  N N 237 
HIS H2   H  N N 238 
HIS HA   H  N N 239 
HIS HB2  H  N N 240 
HIS HB3  H  N N 241 
HIS HD1  H  N N 242 
HIS HD2  H  N N 243 
HIS HE1  H  N N 244 
HIS HE2  H  N N 245 
HIS HXT  H  N N 246 
HOH O    O  N N 247 
HOH H1   H  N N 248 
HOH H2   H  N N 249 
ILE N    N  N N 250 
ILE CA   C  N S 251 
ILE C    C  N N 252 
ILE O    O  N N 253 
ILE CB   C  N S 254 
ILE CG1  C  N N 255 
ILE CG2  C  N N 256 
ILE CD1  C  N N 257 
ILE OXT  O  N N 258 
ILE H    H  N N 259 
ILE H2   H  N N 260 
ILE HA   H  N N 261 
ILE HB   H  N N 262 
ILE HG12 H  N N 263 
ILE HG13 H  N N 264 
ILE HG21 H  N N 265 
ILE HG22 H  N N 266 
ILE HG23 H  N N 267 
ILE HD11 H  N N 268 
ILE HD12 H  N N 269 
ILE HD13 H  N N 270 
ILE HXT  H  N N 271 
LEU N    N  N N 272 
LEU CA   C  N S 273 
LEU C    C  N N 274 
LEU O    O  N N 275 
LEU CB   C  N N 276 
LEU CG   C  N N 277 
LEU CD1  C  N N 278 
LEU CD2  C  N N 279 
LEU OXT  O  N N 280 
LEU H    H  N N 281 
LEU H2   H  N N 282 
LEU HA   H  N N 283 
LEU HB2  H  N N 284 
LEU HB3  H  N N 285 
LEU HG   H  N N 286 
LEU HD11 H  N N 287 
LEU HD12 H  N N 288 
LEU HD13 H  N N 289 
LEU HD21 H  N N 290 
LEU HD22 H  N N 291 
LEU HD23 H  N N 292 
LEU HXT  H  N N 293 
LYS N    N  N N 294 
LYS CA   C  N S 295 
LYS C    C  N N 296 
LYS O    O  N N 297 
LYS CB   C  N N 298 
LYS CG   C  N N 299 
LYS CD   C  N N 300 
LYS CE   C  N N 301 
LYS NZ   N  N N 302 
LYS OXT  O  N N 303 
LYS H    H  N N 304 
LYS H2   H  N N 305 
LYS HA   H  N N 306 
LYS HB2  H  N N 307 
LYS HB3  H  N N 308 
LYS HG2  H  N N 309 
LYS HG3  H  N N 310 
LYS HD2  H  N N 311 
LYS HD3  H  N N 312 
LYS HE2  H  N N 313 
LYS HE3  H  N N 314 
LYS HZ1  H  N N 315 
LYS HZ2  H  N N 316 
LYS HZ3  H  N N 317 
LYS HXT  H  N N 318 
MSE N    N  N N 319 
MSE CA   C  N S 320 
MSE C    C  N N 321 
MSE O    O  N N 322 
MSE OXT  O  N N 323 
MSE CB   C  N N 324 
MSE CG   C  N N 325 
MSE SE   SE N N 326 
MSE CE   C  N N 327 
MSE H    H  N N 328 
MSE H2   H  N N 329 
MSE HA   H  N N 330 
MSE HXT  H  N N 331 
MSE HB2  H  N N 332 
MSE HB3  H  N N 333 
MSE HG2  H  N N 334 
MSE HG3  H  N N 335 
MSE HE1  H  N N 336 
MSE HE2  H  N N 337 
MSE HE3  H  N N 338 
PHE N    N  N N 339 
PHE CA   C  N S 340 
PHE C    C  N N 341 
PHE O    O  N N 342 
PHE CB   C  N N 343 
PHE CG   C  Y N 344 
PHE CD1  C  Y N 345 
PHE CD2  C  Y N 346 
PHE CE1  C  Y N 347 
PHE CE2  C  Y N 348 
PHE CZ   C  Y N 349 
PHE OXT  O  N N 350 
PHE H    H  N N 351 
PHE H2   H  N N 352 
PHE HA   H  N N 353 
PHE HB2  H  N N 354 
PHE HB3  H  N N 355 
PHE HD1  H  N N 356 
PHE HD2  H  N N 357 
PHE HE1  H  N N 358 
PHE HE2  H  N N 359 
PHE HZ   H  N N 360 
PHE HXT  H  N N 361 
PRO N    N  N N 362 
PRO CA   C  N S 363 
PRO C    C  N N 364 
PRO O    O  N N 365 
PRO CB   C  N N 366 
PRO CG   C  N N 367 
PRO CD   C  N N 368 
PRO OXT  O  N N 369 
PRO H    H  N N 370 
PRO HA   H  N N 371 
PRO HB2  H  N N 372 
PRO HB3  H  N N 373 
PRO HG2  H  N N 374 
PRO HG3  H  N N 375 
PRO HD2  H  N N 376 
PRO HD3  H  N N 377 
PRO HXT  H  N N 378 
SER N    N  N N 379 
SER CA   C  N S 380 
SER C    C  N N 381 
SER O    O  N N 382 
SER CB   C  N N 383 
SER OG   O  N N 384 
SER OXT  O  N N 385 
SER H    H  N N 386 
SER H2   H  N N 387 
SER HA   H  N N 388 
SER HB2  H  N N 389 
SER HB3  H  N N 390 
SER HG   H  N N 391 
SER HXT  H  N N 392 
THR N    N  N N 393 
THR CA   C  N S 394 
THR C    C  N N 395 
THR O    O  N N 396 
THR CB   C  N R 397 
THR OG1  O  N N 398 
THR CG2  C  N N 399 
THR OXT  O  N N 400 
THR H    H  N N 401 
THR H2   H  N N 402 
THR HA   H  N N 403 
THR HB   H  N N 404 
THR HG1  H  N N 405 
THR HG21 H  N N 406 
THR HG22 H  N N 407 
THR HG23 H  N N 408 
THR HXT  H  N N 409 
TRP N    N  N N 410 
TRP CA   C  N S 411 
TRP C    C  N N 412 
TRP O    O  N N 413 
TRP CB   C  N N 414 
TRP CG   C  Y N 415 
TRP CD1  C  Y N 416 
TRP CD2  C  Y N 417 
TRP NE1  N  Y N 418 
TRP CE2  C  Y N 419 
TRP CE3  C  Y N 420 
TRP CZ2  C  Y N 421 
TRP CZ3  C  Y N 422 
TRP CH2  C  Y N 423 
TRP OXT  O  N N 424 
TRP H    H  N N 425 
TRP H2   H  N N 426 
TRP HA   H  N N 427 
TRP HB2  H  N N 428 
TRP HB3  H  N N 429 
TRP HD1  H  N N 430 
TRP HE1  H  N N 431 
TRP HE3  H  N N 432 
TRP HZ2  H  N N 433 
TRP HZ3  H  N N 434 
TRP HH2  H  N N 435 
TRP HXT  H  N N 436 
TYR N    N  N N 437 
TYR CA   C  N S 438 
TYR C    C  N N 439 
TYR O    O  N N 440 
TYR CB   C  N N 441 
TYR CG   C  Y N 442 
TYR CD1  C  Y N 443 
TYR CD2  C  Y N 444 
TYR CE1  C  Y N 445 
TYR CE2  C  Y N 446 
TYR CZ   C  Y N 447 
TYR OH   O  N N 448 
TYR OXT  O  N N 449 
TYR H    H  N N 450 
TYR H2   H  N N 451 
TYR HA   H  N N 452 
TYR HB2  H  N N 453 
TYR HB3  H  N N 454 
TYR HD1  H  N N 455 
TYR HD2  H  N N 456 
TYR HE1  H  N N 457 
TYR HE2  H  N N 458 
TYR HH   H  N N 459 
TYR HXT  H  N N 460 
VAL N    N  N N 461 
VAL CA   C  N S 462 
VAL C    C  N N 463 
VAL O    O  N N 464 
VAL CB   C  N N 465 
VAL CG1  C  N N 466 
VAL CG2  C  N N 467 
VAL OXT  O  N N 468 
VAL H    H  N N 469 
VAL H2   H  N N 470 
VAL HA   H  N N 471 
VAL HB   H  N N 472 
VAL HG11 H  N N 473 
VAL HG12 H  N N 474 
VAL HG13 H  N N 475 
VAL HG21 H  N N 476 
VAL HG22 H  N N 477 
VAL HG23 H  N N 478 
VAL HXT  H  N N 479 
# 
loop_
_chem_comp_bond.comp_id 
_chem_comp_bond.atom_id_1 
_chem_comp_bond.atom_id_2 
_chem_comp_bond.value_order 
_chem_comp_bond.pdbx_aromatic_flag 
_chem_comp_bond.pdbx_stereo_config 
_chem_comp_bond.pdbx_ordinal 
ACO N1A C2A  sing Y N 1   
ACO N1A C6A  doub Y N 2   
ACO C2A N3A  doub Y N 3   
ACO C2A H2A  sing N N 4   
ACO N3A C4A  sing Y N 5   
ACO C4A C5A  doub Y N 6   
ACO C4A N9A  sing Y N 7   
ACO C5A C6A  sing Y N 8   
ACO C5A N7A  sing Y N 9   
ACO C6A N6A  sing N N 10  
ACO N6A H61A sing N N 11  
ACO N6A H62A sing N N 12  
ACO N7A C8A  doub Y N 13  
ACO C8A N9A  sing Y N 14  
ACO C8A H8A  sing N N 15  
ACO N9A C1B  sing N N 16  
ACO C1B C2B  sing N N 17  
ACO C1B O4B  sing N N 18  
ACO C1B H1B  sing N N 19  
ACO C2B O2B  sing N N 20  
ACO C2B C3B  sing N N 21  
ACO C2B H2B  sing N N 22  
ACO O2B HO2A sing N N 23  
ACO C3B O3B  sing N N 24  
ACO C3B C4B  sing N N 25  
ACO C3B H3B  sing N N 26  
ACO O3B P3B  sing N N 27  
ACO P3B O7A  doub N N 28  
ACO P3B O8A  sing N N 29  
ACO P3B O9A  sing N N 30  
ACO O8A HOA8 sing N N 31  
ACO O9A HOA9 sing N N 32  
ACO C4B O4B  sing N N 33  
ACO C4B C5B  sing N N 34  
ACO C4B H4B  sing N N 35  
ACO C5B O5B  sing N N 36  
ACO C5B H51A sing N N 37  
ACO C5B H52A sing N N 38  
ACO O5B P1A  sing N N 39  
ACO P1A O1A  doub N N 40  
ACO P1A O2A  sing N N 41  
ACO P1A O3A  sing N N 42  
ACO O2A HOA2 sing N N 43  
ACO O3A P2A  sing N N 44  
ACO P2A O4A  doub N N 45  
ACO P2A O5A  sing N N 46  
ACO P2A O6A  sing N N 47  
ACO O5A HOA5 sing N N 48  
ACO O6A CCP  sing N N 49  
ACO CBP CCP  sing N N 50  
ACO CBP CDP  sing N N 51  
ACO CBP CEP  sing N N 52  
ACO CBP CAP  sing N N 53  
ACO CCP H121 sing N N 54  
ACO CCP H122 sing N N 55  
ACO CDP H131 sing N N 56  
ACO CDP H132 sing N N 57  
ACO CDP H133 sing N N 58  
ACO CEP H141 sing N N 59  
ACO CEP H142 sing N N 60  
ACO CEP H143 sing N N 61  
ACO CAP OAP  sing N N 62  
ACO CAP C9P  sing N N 63  
ACO CAP H10  sing N N 64  
ACO OAP HO1  sing N N 65  
ACO C9P O9P  doub N N 66  
ACO C9P N8P  sing N N 67  
ACO N8P C7P  sing N N 68  
ACO N8P HN8  sing N N 69  
ACO C7P C6P  sing N N 70  
ACO C7P H71  sing N N 71  
ACO C7P H72  sing N N 72  
ACO C6P C5P  sing N N 73  
ACO C6P H61  sing N N 74  
ACO C6P H62  sing N N 75  
ACO C5P O5P  doub N N 76  
ACO C5P N4P  sing N N 77  
ACO N4P C3P  sing N N 78  
ACO N4P HN4  sing N N 79  
ACO C3P C2P  sing N N 80  
ACO C3P H31  sing N N 81  
ACO C3P H32  sing N N 82  
ACO C2P S1P  sing N N 83  
ACO C2P H21  sing N N 84  
ACO C2P H22  sing N N 85  
ACO S1P C    sing N N 86  
ACO C   O    doub N N 87  
ACO C   CH3  sing N N 88  
ACO CH3 HH31 sing N N 89  
ACO CH3 HH32 sing N N 90  
ACO CH3 HH33 sing N N 91  
ALA N   CA   sing N N 92  
ALA N   H    sing N N 93  
ALA N   H2   sing N N 94  
ALA CA  C    sing N N 95  
ALA CA  CB   sing N N 96  
ALA CA  HA   sing N N 97  
ALA C   O    doub N N 98  
ALA C   OXT  sing N N 99  
ALA CB  HB1  sing N N 100 
ALA CB  HB2  sing N N 101 
ALA CB  HB3  sing N N 102 
ALA OXT HXT  sing N N 103 
ARG N   CA   sing N N 104 
ARG N   H    sing N N 105 
ARG N   H2   sing N N 106 
ARG CA  C    sing N N 107 
ARG CA  CB   sing N N 108 
ARG CA  HA   sing N N 109 
ARG C   O    doub N N 110 
ARG C   OXT  sing N N 111 
ARG CB  CG   sing N N 112 
ARG CB  HB2  sing N N 113 
ARG CB  HB3  sing N N 114 
ARG CG  CD   sing N N 115 
ARG CG  HG2  sing N N 116 
ARG CG  HG3  sing N N 117 
ARG CD  NE   sing N N 118 
ARG CD  HD2  sing N N 119 
ARG CD  HD3  sing N N 120 
ARG NE  CZ   sing N N 121 
ARG NE  HE   sing N N 122 
ARG CZ  NH1  sing N N 123 
ARG CZ  NH2  doub N N 124 
ARG NH1 HH11 sing N N 125 
ARG NH1 HH12 sing N N 126 
ARG NH2 HH21 sing N N 127 
ARG NH2 HH22 sing N N 128 
ARG OXT HXT  sing N N 129 
ASN N   CA   sing N N 130 
ASN N   H    sing N N 131 
ASN N   H2   sing N N 132 
ASN CA  C    sing N N 133 
ASN CA  CB   sing N N 134 
ASN CA  HA   sing N N 135 
ASN C   O    doub N N 136 
ASN C   OXT  sing N N 137 
ASN CB  CG   sing N N 138 
ASN CB  HB2  sing N N 139 
ASN CB  HB3  sing N N 140 
ASN CG  OD1  doub N N 141 
ASN CG  ND2  sing N N 142 
ASN ND2 HD21 sing N N 143 
ASN ND2 HD22 sing N N 144 
ASN OXT HXT  sing N N 145 
ASP N   CA   sing N N 146 
ASP N   H    sing N N 147 
ASP N   H2   sing N N 148 
ASP CA  C    sing N N 149 
ASP CA  CB   sing N N 150 
ASP CA  HA   sing N N 151 
ASP C   O    doub N N 152 
ASP C   OXT  sing N N 153 
ASP CB  CG   sing N N 154 
ASP CB  HB2  sing N N 155 
ASP CB  HB3  sing N N 156 
ASP CG  OD1  doub N N 157 
ASP CG  OD2  sing N N 158 
ASP OD2 HD2  sing N N 159 
ASP OXT HXT  sing N N 160 
CYS N   CA   sing N N 161 
CYS N   H    sing N N 162 
CYS N   H2   sing N N 163 
CYS CA  C    sing N N 164 
CYS CA  CB   sing N N 165 
CYS CA  HA   sing N N 166 
CYS C   O    doub N N 167 
CYS C   OXT  sing N N 168 
CYS CB  SG   sing N N 169 
CYS CB  HB2  sing N N 170 
CYS CB  HB3  sing N N 171 
CYS SG  HG   sing N N 172 
CYS OXT HXT  sing N N 173 
GLN N   CA   sing N N 174 
GLN N   H    sing N N 175 
GLN N   H2   sing N N 176 
GLN CA  C    sing N N 177 
GLN CA  CB   sing N N 178 
GLN CA  HA   sing N N 179 
GLN C   O    doub N N 180 
GLN C   OXT  sing N N 181 
GLN CB  CG   sing N N 182 
GLN CB  HB2  sing N N 183 
GLN CB  HB3  sing N N 184 
GLN CG  CD   sing N N 185 
GLN CG  HG2  sing N N 186 
GLN CG  HG3  sing N N 187 
GLN CD  OE1  doub N N 188 
GLN CD  NE2  sing N N 189 
GLN NE2 HE21 sing N N 190 
GLN NE2 HE22 sing N N 191 
GLN OXT HXT  sing N N 192 
GLU N   CA   sing N N 193 
GLU N   H    sing N N 194 
GLU N   H2   sing N N 195 
GLU CA  C    sing N N 196 
GLU CA  CB   sing N N 197 
GLU CA  HA   sing N N 198 
GLU C   O    doub N N 199 
GLU C   OXT  sing N N 200 
GLU CB  CG   sing N N 201 
GLU CB  HB2  sing N N 202 
GLU CB  HB3  sing N N 203 
GLU CG  CD   sing N N 204 
GLU CG  HG2  sing N N 205 
GLU CG  HG3  sing N N 206 
GLU CD  OE1  doub N N 207 
GLU CD  OE2  sing N N 208 
GLU OE2 HE2  sing N N 209 
GLU OXT HXT  sing N N 210 
GLY N   CA   sing N N 211 
GLY N   H    sing N N 212 
GLY N   H2   sing N N 213 
GLY CA  C    sing N N 214 
GLY CA  HA2  sing N N 215 
GLY CA  HA3  sing N N 216 
GLY C   O    doub N N 217 
GLY C   OXT  sing N N 218 
GLY OXT HXT  sing N N 219 
HIS N   CA   sing N N 220 
HIS N   H    sing N N 221 
HIS N   H2   sing N N 222 
HIS CA  C    sing N N 223 
HIS CA  CB   sing N N 224 
HIS CA  HA   sing N N 225 
HIS C   O    doub N N 226 
HIS C   OXT  sing N N 227 
HIS CB  CG   sing N N 228 
HIS CB  HB2  sing N N 229 
HIS CB  HB3  sing N N 230 
HIS CG  ND1  sing Y N 231 
HIS CG  CD2  doub Y N 232 
HIS ND1 CE1  doub Y N 233 
HIS ND1 HD1  sing N N 234 
HIS CD2 NE2  sing Y N 235 
HIS CD2 HD2  sing N N 236 
HIS CE1 NE2  sing Y N 237 
HIS CE1 HE1  sing N N 238 
HIS NE2 HE2  sing N N 239 
HIS OXT HXT  sing N N 240 
HOH O   H1   sing N N 241 
HOH O   H2   sing N N 242 
ILE N   CA   sing N N 243 
ILE N   H    sing N N 244 
ILE N   H2   sing N N 245 
ILE CA  C    sing N N 246 
ILE CA  CB   sing N N 247 
ILE CA  HA   sing N N 248 
ILE C   O    doub N N 249 
ILE C   OXT  sing N N 250 
ILE CB  CG1  sing N N 251 
ILE CB  CG2  sing N N 252 
ILE CB  HB   sing N N 253 
ILE CG1 CD1  sing N N 254 
ILE CG1 HG12 sing N N 255 
ILE CG1 HG13 sing N N 256 
ILE CG2 HG21 sing N N 257 
ILE CG2 HG22 sing N N 258 
ILE CG2 HG23 sing N N 259 
ILE CD1 HD11 sing N N 260 
ILE CD1 HD12 sing N N 261 
ILE CD1 HD13 sing N N 262 
ILE OXT HXT  sing N N 263 
LEU N   CA   sing N N 264 
LEU N   H    sing N N 265 
LEU N   H2   sing N N 266 
LEU CA  C    sing N N 267 
LEU CA  CB   sing N N 268 
LEU CA  HA   sing N N 269 
LEU C   O    doub N N 270 
LEU C   OXT  sing N N 271 
LEU CB  CG   sing N N 272 
LEU CB  HB2  sing N N 273 
LEU CB  HB3  sing N N 274 
LEU CG  CD1  sing N N 275 
LEU CG  CD2  sing N N 276 
LEU CG  HG   sing N N 277 
LEU CD1 HD11 sing N N 278 
LEU CD1 HD12 sing N N 279 
LEU CD1 HD13 sing N N 280 
LEU CD2 HD21 sing N N 281 
LEU CD2 HD22 sing N N 282 
LEU CD2 HD23 sing N N 283 
LEU OXT HXT  sing N N 284 
LYS N   CA   sing N N 285 
LYS N   H    sing N N 286 
LYS N   H2   sing N N 287 
LYS CA  C    sing N N 288 
LYS CA  CB   sing N N 289 
LYS CA  HA   sing N N 290 
LYS C   O    doub N N 291 
LYS C   OXT  sing N N 292 
LYS CB  CG   sing N N 293 
LYS CB  HB2  sing N N 294 
LYS CB  HB3  sing N N 295 
LYS CG  CD   sing N N 296 
LYS CG  HG2  sing N N 297 
LYS CG  HG3  sing N N 298 
LYS CD  CE   sing N N 299 
LYS CD  HD2  sing N N 300 
LYS CD  HD3  sing N N 301 
LYS CE  NZ   sing N N 302 
LYS CE  HE2  sing N N 303 
LYS CE  HE3  sing N N 304 
LYS NZ  HZ1  sing N N 305 
LYS NZ  HZ2  sing N N 306 
LYS NZ  HZ3  sing N N 307 
LYS OXT HXT  sing N N 308 
MSE N   CA   sing N N 309 
MSE N   H    sing N N 310 
MSE N   H2   sing N N 311 
MSE CA  C    sing N N 312 
MSE CA  CB   sing N N 313 
MSE CA  HA   sing N N 314 
MSE C   O    doub N N 315 
MSE C   OXT  sing N N 316 
MSE OXT HXT  sing N N 317 
MSE CB  CG   sing N N 318 
MSE CB  HB2  sing N N 319 
MSE CB  HB3  sing N N 320 
MSE CG  SE   sing N N 321 
MSE CG  HG2  sing N N 322 
MSE CG  HG3  sing N N 323 
MSE SE  CE   sing N N 324 
MSE CE  HE1  sing N N 325 
MSE CE  HE2  sing N N 326 
MSE CE  HE3  sing N N 327 
PHE N   CA   sing N N 328 
PHE N   H    sing N N 329 
PHE N   H2   sing N N 330 
PHE CA  C    sing N N 331 
PHE CA  CB   sing N N 332 
PHE CA  HA   sing N N 333 
PHE C   O    doub N N 334 
PHE C   OXT  sing N N 335 
PHE CB  CG   sing N N 336 
PHE CB  HB2  sing N N 337 
PHE CB  HB3  sing N N 338 
PHE CG  CD1  doub Y N 339 
PHE CG  CD2  sing Y N 340 
PHE CD1 CE1  sing Y N 341 
PHE CD1 HD1  sing N N 342 
PHE CD2 CE2  doub Y N 343 
PHE CD2 HD2  sing N N 344 
PHE CE1 CZ   doub Y N 345 
PHE CE1 HE1  sing N N 346 
PHE CE2 CZ   sing Y N 347 
PHE CE2 HE2  sing N N 348 
PHE CZ  HZ   sing N N 349 
PHE OXT HXT  sing N N 350 
PRO N   CA   sing N N 351 
PRO N   CD   sing N N 352 
PRO N   H    sing N N 353 
PRO CA  C    sing N N 354 
PRO CA  CB   sing N N 355 
PRO CA  HA   sing N N 356 
PRO C   O    doub N N 357 
PRO C   OXT  sing N N 358 
PRO CB  CG   sing N N 359 
PRO CB  HB2  sing N N 360 
PRO CB  HB3  sing N N 361 
PRO CG  CD   sing N N 362 
PRO CG  HG2  sing N N 363 
PRO CG  HG3  sing N N 364 
PRO CD  HD2  sing N N 365 
PRO CD  HD3  sing N N 366 
PRO OXT HXT  sing N N 367 
SER N   CA   sing N N 368 
SER N   H    sing N N 369 
SER N   H2   sing N N 370 
SER CA  C    sing N N 371 
SER CA  CB   sing N N 372 
SER CA  HA   sing N N 373 
SER C   O    doub N N 374 
SER C   OXT  sing N N 375 
SER CB  OG   sing N N 376 
SER CB  HB2  sing N N 377 
SER CB  HB3  sing N N 378 
SER OG  HG   sing N N 379 
SER OXT HXT  sing N N 380 
THR N   CA   sing N N 381 
THR N   H    sing N N 382 
THR N   H2   sing N N 383 
THR CA  C    sing N N 384 
THR CA  CB   sing N N 385 
THR CA  HA   sing N N 386 
THR C   O    doub N N 387 
THR C   OXT  sing N N 388 
THR CB  OG1  sing N N 389 
THR CB  CG2  sing N N 390 
THR CB  HB   sing N N 391 
THR OG1 HG1  sing N N 392 
THR CG2 HG21 sing N N 393 
THR CG2 HG22 sing N N 394 
THR CG2 HG23 sing N N 395 
THR OXT HXT  sing N N 396 
TRP N   CA   sing N N 397 
TRP N   H    sing N N 398 
TRP N   H2   sing N N 399 
TRP CA  C    sing N N 400 
TRP CA  CB   sing N N 401 
TRP CA  HA   sing N N 402 
TRP C   O    doub N N 403 
TRP C   OXT  sing N N 404 
TRP CB  CG   sing N N 405 
TRP CB  HB2  sing N N 406 
TRP CB  HB3  sing N N 407 
TRP CG  CD1  doub Y N 408 
TRP CG  CD2  sing Y N 409 
TRP CD1 NE1  sing Y N 410 
TRP CD1 HD1  sing N N 411 
TRP CD2 CE2  doub Y N 412 
TRP CD2 CE3  sing Y N 413 
TRP NE1 CE2  sing Y N 414 
TRP NE1 HE1  sing N N 415 
TRP CE2 CZ2  sing Y N 416 
TRP CE3 CZ3  doub Y N 417 
TRP CE3 HE3  sing N N 418 
TRP CZ2 CH2  doub Y N 419 
TRP CZ2 HZ2  sing N N 420 
TRP CZ3 CH2  sing Y N 421 
TRP CZ3 HZ3  sing N N 422 
TRP CH2 HH2  sing N N 423 
TRP OXT HXT  sing N N 424 
TYR N   CA   sing N N 425 
TYR N   H    sing N N 426 
TYR N   H2   sing N N 427 
TYR CA  C    sing N N 428 
TYR CA  CB   sing N N 429 
TYR CA  HA   sing N N 430 
TYR C   O    doub N N 431 
TYR C   OXT  sing N N 432 
TYR CB  CG   sing N N 433 
TYR CB  HB2  sing N N 434 
TYR CB  HB3  sing N N 435 
TYR CG  CD1  doub Y N 436 
TYR CG  CD2  sing Y N 437 
TYR CD1 CE1  sing Y N 438 
TYR CD1 HD1  sing N N 439 
TYR CD2 CE2  doub Y N 440 
TYR CD2 HD2  sing N N 441 
TYR CE1 CZ   doub Y N 442 
TYR CE1 HE1  sing N N 443 
TYR CE2 CZ   sing Y N 444 
TYR CE2 HE2  sing N N 445 
TYR CZ  OH   sing N N 446 
TYR OH  HH   sing N N 447 
TYR OXT HXT  sing N N 448 
VAL N   CA   sing N N 449 
VAL N   H    sing N N 450 
VAL N   H2   sing N N 451 
VAL CA  C    sing N N 452 
VAL CA  CB   sing N N 453 
VAL CA  HA   sing N N 454 
VAL C   O    doub N N 455 
VAL C   OXT  sing N N 456 
VAL CB  CG1  sing N N 457 
VAL CB  CG2  sing N N 458 
VAL CB  HB   sing N N 459 
VAL CG1 HG11 sing N N 460 
VAL CG1 HG12 sing N N 461 
VAL CG1 HG13 sing N N 462 
VAL CG2 HG21 sing N N 463 
VAL CG2 HG22 sing N N 464 
VAL CG2 HG23 sing N N 465 
VAL OXT HXT  sing N N 466 
# 
_atom_sites.entry_id                    2B3V 
_atom_sites.fract_transf_matrix[1][1]   -0.01760743 
_atom_sites.fract_transf_matrix[1][2]   -0.00218184 
_atom_sites.fract_transf_matrix[1][3]   -0.00460767 
_atom_sites.fract_transf_matrix[2][1]   -0.00471044 
_atom_sites.fract_transf_matrix[2][2]   -0.01252174 
_atom_sites.fract_transf_matrix[2][3]   -0.01253023 
_atom_sites.fract_transf_matrix[3][1]   -0.00128945 
_atom_sites.fract_transf_matrix[3][2]   -0.00844934 
_atom_sites.fract_transf_matrix[3][3]   0.00892835 
_atom_sites.fract_transf_vector[1]      0.712934 
_atom_sites.fract_transf_vector[2]      1.100302 
_atom_sites.fract_transf_vector[3]      0.677127 
# 
loop_
_atom_type.symbol 
C  
N  
O  
P  
S  
SE 
# 
loop_
_atom_site.group_PDB 
_atom_site.id 
_atom_site.type_symbol 
_atom_site.label_atom_id 
_atom_site.label_alt_id 
_atom_site.label_comp_id 
_atom_site.label_asym_id 
_atom_site.label_entity_id 
_atom_site.label_seq_id 
_atom_site.pdbx_PDB_ins_code 
_atom_site.Cartn_x 
_atom_site.Cartn_y 
_atom_site.Cartn_z 
_atom_site.occupancy 
_atom_site.B_iso_or_equiv 
_atom_site.pdbx_formal_charge 
_atom_site.auth_seq_id 
_atom_site.auth_comp_id 
_atom_site.auth_asym_id 
_atom_site.auth_atom_id 
_atom_site.pdbx_PDB_model_num 
ATOM   1    N  N   . PHE A 1 4   ? -19.175 0.712   6.341   1.00 27.12 ? 4   PHE A N   1 
ATOM   2    C  CA  . PHE A 1 4   ? -17.961 -0.117  6.052   1.00 25.69 ? 4   PHE A CA  1 
ATOM   3    C  C   . PHE A 1 4   ? -17.059 -0.298  7.264   1.00 27.09 ? 4   PHE A C   1 
ATOM   4    O  O   . PHE A 1 4   ? -17.175 0.414   8.267   1.00 26.67 ? 4   PHE A O   1 
ATOM   5    C  CB  . PHE A 1 4   ? -17.165 0.491   4.881   1.00 25.11 ? 4   PHE A CB  1 
ATOM   6    C  CG  . PHE A 1 4   ? -16.588 1.867   5.165   1.00 25.38 ? 4   PHE A CG  1 
ATOM   7    C  CD1 . PHE A 1 4   ? -15.344 2.009   5.767   1.00 26.44 ? 4   PHE A CD1 1 
ATOM   8    C  CD2 . PHE A 1 4   ? -17.280 3.017   4.809   1.00 27.53 ? 4   PHE A CD2 1 
ATOM   9    C  CE1 . PHE A 1 4   ? -14.805 3.271   6.004   1.00 24.14 ? 4   PHE A CE1 1 
ATOM   10   C  CE2 . PHE A 1 4   ? -16.738 4.296   5.046   1.00 25.92 ? 4   PHE A CE2 1 
ATOM   11   C  CZ  . PHE A 1 4   ? -15.506 4.416   5.642   1.00 26.27 ? 4   PHE A CZ  1 
ATOM   12   N  N   . VAL A 1 5   ? -16.155 -1.265  7.155   1.00 26.45 ? 5   VAL A N   1 
ATOM   13   C  CA  . VAL A 1 5   ? -15.205 -1.575  8.207   1.00 26.93 ? 5   VAL A CA  1 
ATOM   14   C  C   . VAL A 1 5   ? -13.771 -1.569  7.670   1.00 24.92 ? 5   VAL A C   1 
ATOM   15   O  O   . VAL A 1 5   ? -13.501 -2.134  6.609   1.00 25.38 ? 5   VAL A O   1 
ATOM   16   C  CB  . VAL A 1 5   ? -15.497 -2.963  8.810   1.00 27.65 ? 5   VAL A CB  1 
ATOM   17   C  CG1 . VAL A 1 5   ? -14.262 -3.512  9.480   1.00 28.36 ? 5   VAL A CG1 1 
ATOM   18   C  CG2 . VAL A 1 5   ? -16.652 -2.860  9.813   1.00 28.71 ? 5   VAL A CG2 1 
ATOM   19   N  N   . ILE A 1 6   ? -12.875 -0.902  8.394   1.00 23.54 ? 6   ILE A N   1 
ATOM   20   C  CA  . ILE A 1 6   ? -11.461 -0.866  8.039   1.00 23.38 ? 6   ILE A CA  1 
ATOM   21   C  C   . ILE A 1 6   ? -10.771 -1.736  9.088   1.00 22.49 ? 6   ILE A C   1 
ATOM   22   O  O   . ILE A 1 6   ? -10.866 -1.454  10.278  1.00 23.46 ? 6   ILE A O   1 
ATOM   23   C  CB  . ILE A 1 6   ? -10.893 0.560   8.108   1.00 22.16 ? 6   ILE A CB  1 
ATOM   24   C  CG1 . ILE A 1 6   ? -11.598 1.454   7.078   1.00 23.13 ? 6   ILE A CG1 1 
ATOM   25   C  CG2 . ILE A 1 6   ? -9.398  0.531   7.856   1.00 22.45 ? 6   ILE A CG2 1 
ATOM   26   C  CD1 . ILE A 1 6   ? -11.738 0.842   5.699   1.00 19.76 ? 6   ILE A CD1 1 
ATOM   27   N  N   . ARG A 1 7   ? -10.084 -2.791  8.661   1.00 21.95 ? 7   ARG A N   1 
ATOM   28   C  CA  . ARG A 1 7   ? -9.449  -3.680  9.621   1.00 24.12 ? 7   ARG A CA  1 
ATOM   29   C  C   . ARG A 1 7   ? -8.134  -4.212  9.082   1.00 23.80 ? 7   ARG A C   1 
ATOM   30   O  O   . ARG A 1 7   ? -7.867  -4.119  7.895   1.00 23.18 ? 7   ARG A O   1 
ATOM   31   C  CB  . ARG A 1 7   ? -10.373 -4.874  9.931   1.00 21.54 ? 7   ARG A CB  1 
ATOM   32   C  CG  . ARG A 1 7   ? -10.639 -5.763  8.706   1.00 23.01 ? 7   ARG A CG  1 
ATOM   33   C  CD  . ARG A 1 7   ? -11.429 -7.047  9.012   1.00 23.06 ? 7   ARG A CD  1 
ATOM   34   N  NE  . ARG A 1 7   ? -11.836 -7.716  7.775   1.00 24.44 ? 7   ARG A NE  1 
ATOM   35   C  CZ  . ARG A 1 7   ? -11.049 -8.502  7.037   1.00 23.33 ? 7   ARG A CZ  1 
ATOM   36   N  NH1 . ARG A 1 7   ? -9.793  -8.750  7.413   1.00 22.69 ? 7   ARG A NH1 1 
ATOM   37   N  NH2 . ARG A 1 7   ? -11.508 -9.009  5.896   1.00 24.67 ? 7   ARG A NH2 1 
ATOM   38   N  N   . PRO A 1 8   ? -7.274  -4.736  9.970   1.00 24.52 ? 8   PRO A N   1 
ATOM   39   C  CA  . PRO A 1 8   ? -6.006  -5.278  9.482   1.00 23.68 ? 8   PRO A CA  1 
ATOM   40   C  C   . PRO A 1 8   ? -6.392  -6.505  8.669   1.00 23.57 ? 8   PRO A C   1 
ATOM   41   O  O   . PRO A 1 8   ? -7.389  -7.163  8.980   1.00 22.42 ? 8   PRO A O   1 
ATOM   42   C  CB  . PRO A 1 8   ? -5.281  -5.674  10.764  1.00 25.09 ? 8   PRO A CB  1 
ATOM   43   C  CG  . PRO A 1 8   ? -5.836  -4.719  11.783  1.00 25.68 ? 8   PRO A CG  1 
ATOM   44   C  CD  . PRO A 1 8   ? -7.304  -4.698  11.441  1.00 24.38 ? 8   PRO A CD  1 
ATOM   45   N  N   . ALA A 1 9   ? -5.630  -6.816  7.623   1.00 22.56 ? 9   ALA A N   1 
ATOM   46   C  CA  . ALA A 1 9   ? -5.926  -7.994  6.823   1.00 23.10 ? 9   ALA A CA  1 
ATOM   47   C  C   . ALA A 1 9   ? -5.579  -9.249  7.624   1.00 23.65 ? 9   ALA A C   1 
ATOM   48   O  O   . ALA A 1 9   ? -4.890  -9.178  8.640   1.00 22.74 ? 9   ALA A O   1 
ATOM   49   C  CB  . ALA A 1 9   ? -5.114  -7.970  5.525   1.00 23.70 ? 9   ALA A CB  1 
ATOM   50   N  N   . THR A 1 10  ? -6.075  -10.395 7.157   1.00 24.95 ? 10  THR A N   1 
ATOM   51   C  CA  . THR A 1 10  ? -5.801  -11.684 7.792   1.00 24.53 ? 10  THR A CA  1 
ATOM   52   C  C   . THR A 1 10  ? -5.290  -12.549 6.665   1.00 23.53 ? 10  THR A C   1 
ATOM   53   O  O   . THR A 1 10  ? -5.444  -12.200 5.500   1.00 23.03 ? 10  THR A O   1 
ATOM   54   C  CB  . THR A 1 10  ? -7.064  -12.395 8.311   1.00 25.21 ? 10  THR A CB  1 
ATOM   55   O  OG1 . THR A 1 10  ? -7.859  -12.786 7.191   1.00 24.93 ? 10  THR A OG1 1 
ATOM   56   C  CG2 . THR A 1 10  ? -7.884  -11.495 9.240   1.00 26.09 ? 10  THR A CG2 1 
ATOM   57   N  N   . ALA A 1 11  ? -4.703  -13.690 7.002   1.00 24.70 ? 11  ALA A N   1 
ATOM   58   C  CA  . ALA A 1 11  ? -4.203  -14.577 5.972   1.00 24.78 ? 11  ALA A CA  1 
ATOM   59   C  C   . ALA A 1 11  ? -5.330  -14.911 4.977   1.00 25.10 ? 11  ALA A C   1 
ATOM   60   O  O   . ALA A 1 11  ? -5.076  -15.136 3.804   1.00 24.55 ? 11  ALA A O   1 
ATOM   61   C  CB  . ALA A 1 11  ? -3.639  -15.857 6.604   1.00 26.42 ? 11  ALA A CB  1 
ATOM   62   N  N   . ALA A 1 12  ? -6.575  -14.901 5.443   1.00 24.73 ? 12  ALA A N   1 
ATOM   63   C  CA  . ALA A 1 12  ? -7.708  -15.232 4.581   1.00 25.88 ? 12  ALA A CA  1 
ATOM   64   C  C   . ALA A 1 12  ? -7.983  -14.216 3.478   1.00 25.01 ? 12  ALA A C   1 
ATOM   65   O  O   . ALA A 1 12  ? -8.566  -14.557 2.458   1.00 27.01 ? 12  ALA A O   1 
ATOM   66   C  CB  . ALA A 1 12  ? -8.956  -15.431 5.430   1.00 26.05 ? 12  ALA A CB  1 
ATOM   67   N  N   . ASP A 1 13  ? -7.538  -12.980 3.675   1.00 25.95 ? 13  ASP A N   1 
ATOM   68   C  CA  . ASP A 1 13  ? -7.754  -11.925 2.694   1.00 25.71 ? 13  ASP A CA  1 
ATOM   69   C  C   . ASP A 1 13  ? -6.732  -11.889 1.557   1.00 25.14 ? 13  ASP A C   1 
ATOM   70   O  O   . ASP A 1 13  ? -6.872  -11.080 0.650   1.00 24.63 ? 13  ASP A O   1 
ATOM   71   C  CB  . ASP A 1 13  ? -7.724  -10.544 3.358   1.00 26.32 ? 13  ASP A CB  1 
ATOM   72   C  CG  . ASP A 1 13  ? -8.608  -10.446 4.566   1.00 27.61 ? 13  ASP A CG  1 
ATOM   73   O  OD1 . ASP A 1 13  ? -9.734  -10.968 4.520   1.00 33.29 ? 13  ASP A OD1 1 
ATOM   74   O  OD2 . ASP A 1 13  ? -8.181  -9.833  5.561   1.00 25.89 ? 13  ASP A OD2 1 
ATOM   75   N  N   . CYS A 1 14  ? -5.709  -12.740 1.597   1.00 25.10 ? 14  CYS A N   1 
ATOM   76   C  CA  . CYS A 1 14  ? -4.675  -12.697 0.549   1.00 25.00 ? 14  CYS A CA  1 
ATOM   77   C  C   . CYS A 1 14  ? -5.233  -12.704 -0.858  1.00 24.46 ? 14  CYS A C   1 
ATOM   78   O  O   . CYS A 1 14  ? -4.743  -11.993 -1.743  1.00 22.54 ? 14  CYS A O   1 
ATOM   79   C  CB  . CYS A 1 14  ? -3.670  -13.837 0.718   1.00 26.33 ? 14  CYS A CB  1 
ATOM   80   S  SG  . CYS A 1 14  ? -2.542  -13.599 2.098   1.00 29.81 ? 14  CYS A SG  1 
ATOM   81   N  N   . SER A 1 15  ? -6.263  -13.516 -1.065  1.00 24.51 ? 15  SER A N   1 
ATOM   82   C  CA  . SER A 1 15  ? -6.911  -13.607 -2.363  1.00 24.24 ? 15  SER A CA  1 
ATOM   83   C  C   . SER A 1 15  ? -7.395  -12.204 -2.737  1.00 22.17 ? 15  SER A C   1 
ATOM   84   O  O   . SER A 1 15  ? -7.152  -11.700 -3.840  1.00 19.26 ? 15  SER A O   1 
ATOM   85   C  CB  . SER A 1 15  ? -8.105  -14.562 -2.265  1.00 28.39 ? 15  SER A CB  1 
ATOM   86   O  OG  . SER A 1 15  ? -8.747  -14.710 -3.512  1.00 32.79 ? 15  SER A OG  1 
ATOM   87   N  N   . ASP A 1 16  ? -8.079  -11.568 -1.799  1.00 21.88 ? 16  ASP A N   1 
ATOM   88   C  CA  . ASP A 1 16  ? -8.572  -10.228 -2.045  1.00 22.83 ? 16  ASP A CA  1 
ATOM   89   C  C   . ASP A 1 16  ? -7.461  -9.202  -2.267  1.00 22.26 ? 16  ASP A C   1 
ATOM   90   O  O   . ASP A 1 16  ? -7.602  -8.302  -3.095  1.00 21.48 ? 16  ASP A O   1 
ATOM   91   C  CB  . ASP A 1 16  ? -9.475  -9.803  -0.892  1.00 24.95 ? 16  ASP A CB  1 
ATOM   92   C  CG  . ASP A 1 16  ? -10.687 -10.708 -0.761  1.00 28.07 ? 16  ASP A CG  1 
ATOM   93   O  OD1 . ASP A 1 16  ? -10.807 -11.411 0.261   1.00 31.44 ? 16  ASP A OD1 1 
ATOM   94   O  OD2 . ASP A 1 16  ? -11.507 -10.727 -1.695  1.00 27.90 ? 16  ASP A OD2 1 
ATOM   95   N  N   . ILE A 1 17  ? -6.350  -9.343  -1.547  1.00 21.34 ? 17  ILE A N   1 
ATOM   96   C  CA  . ILE A 1 17  ? -5.267  -8.387  -1.701  1.00 20.69 ? 17  ILE A CA  1 
ATOM   97   C  C   . ILE A 1 17  ? -4.686  -8.508  -3.095  1.00 19.90 ? 17  ILE A C   1 
ATOM   98   O  O   . ILE A 1 17  ? -4.460  -7.512  -3.767  1.00 19.27 ? 17  ILE A O   1 
ATOM   99   C  CB  . ILE A 1 17  ? -4.164  -8.602  -0.640  1.00 20.67 ? 17  ILE A CB  1 
ATOM   100  C  CG1 . ILE A 1 17  ? -4.723  -8.307  0.753   1.00 20.60 ? 17  ILE A CG1 1 
ATOM   101  C  CG2 . ILE A 1 17  ? -2.976  -7.655  -0.912  1.00 17.97 ? 17  ILE A CG2 1 
ATOM   102  C  CD1 . ILE A 1 17  ? -3.872  -8.889  1.865   1.00 23.23 ? 17  ILE A CD1 1 
ATOM   103  N  N   . LEU A 1 18  ? -4.467  -9.732  -3.551  1.00 21.14 ? 18  LEU A N   1 
ATOM   104  C  CA  . LEU A 1 18  ? -3.920  -9.900  -4.882  1.00 20.95 ? 18  LEU A CA  1 
ATOM   105  C  C   . LEU A 1 18  ? -4.900  -9.335  -5.918  1.00 20.32 ? 18  LEU A C   1 
ATOM   106  O  O   . LEU A 1 18  ? -4.500  -8.678  -6.878  1.00 19.76 ? 18  LEU A O   1 
ATOM   107  C  CB  . LEU A 1 18  ? -3.610  -11.377 -5.158  1.00 20.83 ? 18  LEU A CB  1 
ATOM   108  C  CG  . LEU A 1 18  ? -2.961  -11.679 -6.518  1.00 24.21 ? 18  LEU A CG  1 
ATOM   109  C  CD1 . LEU A 1 18  ? -1.658  -10.895 -6.641  1.00 25.27 ? 18  LEU A CD1 1 
ATOM   110  C  CD2 . LEU A 1 18  ? -2.717  -13.175 -6.679  1.00 23.48 ? 18  LEU A CD2 1 
ATOM   111  N  N   . ARG A 1 19  ? -6.188  -9.582  -5.727  1.00 21.20 ? 19  ARG A N   1 
ATOM   112  C  CA  . ARG A 1 19  ? -7.163  -9.063  -6.676  1.00 20.66 ? 19  ARG A CA  1 
ATOM   113  C  C   . ARG A 1 19  ? -7.124  -7.526  -6.725  1.00 18.81 ? 19  ARG A C   1 
ATOM   114  O  O   . ARG A 1 19  ? -7.141  -6.936  -7.806  1.00 18.74 ? 19  ARG A O   1 
ATOM   115  C  CB  . ARG A 1 19  ? -8.571  -9.550  -6.311  1.00 21.22 ? 19  ARG A CB  1 
ATOM   116  C  CG  . ARG A 1 19  ? -9.695  -8.983  -7.206  1.00 21.13 ? 19  ARG A CG  1 
ATOM   117  C  CD  . ARG A 1 19  ? -11.060 -9.502  -6.785  1.00 22.80 ? 19  ARG A CD  1 
ATOM   118  N  NE  . ARG A 1 19  ? -11.310 -9.255  -5.370  1.00 24.54 ? 19  ARG A NE  1 
ATOM   119  C  CZ  . ARG A 1 19  ? -11.683 -8.082  -4.870  1.00 23.95 ? 19  ARG A CZ  1 
ATOM   120  N  NH1 . ARG A 1 19  ? -11.860 -7.041  -5.669  1.00 24.36 ? 19  ARG A NH1 1 
ATOM   121  N  NH2 . ARG A 1 19  ? -11.867 -7.955  -3.566  1.00 24.46 ? 19  ARG A NH2 1 
ATOM   122  N  N   . LEU A 1 20  ? -7.050  -6.887  -5.557  1.00 18.99 ? 20  LEU A N   1 
ATOM   123  C  CA  . LEU A 1 20  ? -7.028  -5.424  -5.487  1.00 20.10 ? 20  LEU A CA  1 
ATOM   124  C  C   . LEU A 1 20  ? -5.703  -4.854  -6.047  1.00 20.34 ? 20  LEU A C   1 
ATOM   125  O  O   . LEU A 1 20  ? -5.665  -3.756  -6.652  1.00 17.50 ? 20  LEU A O   1 
ATOM   126  C  CB  . LEU A 1 20  ? -7.264  -4.982  -4.034  1.00 20.26 ? 20  LEU A CB  1 
ATOM   127  C  CG  . LEU A 1 20  ? -8.429  -4.059  -3.591  1.00 23.82 ? 20  LEU A CG  1 
ATOM   128  C  CD1 . LEU A 1 20  ? -9.655  -4.125  -4.483  1.00 22.32 ? 20  LEU A CD1 1 
ATOM   129  C  CD2 . LEU A 1 20  ? -8.791  -4.455  -2.178  1.00 22.48 ? 20  LEU A CD2 1 
ATOM   130  N  N   . ILE A 1 21  ? -4.619  -5.596  -5.842  1.00 19.97 ? 21  ILE A N   1 
ATOM   131  C  CA  . ILE A 1 21  ? -3.318  -5.183  -6.357  1.00 20.19 ? 21  ILE A CA  1 
ATOM   132  C  C   . ILE A 1 21  ? -3.393  -5.209  -7.882  1.00 19.00 ? 21  ILE A C   1 
ATOM   133  O  O   . ILE A 1 21  ? -2.822  -4.362  -8.565  1.00 19.97 ? 21  ILE A O   1 
ATOM   134  C  CB  . ILE A 1 21  ? -2.186  -6.148  -5.905  1.00 17.83 ? 21  ILE A CB  1 
ATOM   135  C  CG1 . ILE A 1 21  ? -1.854  -5.927  -4.441  1.00 21.30 ? 21  ILE A CG1 1 
ATOM   136  C  CG2 . ILE A 1 21  ? -0.957  -5.945  -6.746  1.00 20.90 ? 21  ILE A CG2 1 
ATOM   137  C  CD1 . ILE A 1 21  ? -0.910  -6.972  -3.897  1.00 20.64 ? 21  ILE A CD1 1 
ATOM   138  N  N   . LYS A 1 22  ? -4.100  -6.188  -8.416  1.00 19.56 ? 22  LYS A N   1 
ATOM   139  C  CA  . LYS A 1 22  ? -4.222  -6.269  -9.858  1.00 20.76 ? 22  LYS A CA  1 
ATOM   140  C  C   . LYS A 1 22  ? -5.134  -5.200  -10.432 1.00 20.95 ? 22  LYS A C   1 
ATOM   141  O  O   . LYS A 1 22  ? -4.908  -4.755  -11.546 1.00 22.40 ? 22  LYS A O   1 
ATOM   142  C  CB  . LYS A 1 22  ? -4.667  -7.664  -10.277 1.00 22.20 ? 22  LYS A CB  1 
ATOM   143  C  CG  . LYS A 1 22  ? -3.577  -8.677  -10.009 1.00 27.04 ? 22  LYS A CG  1 
ATOM   144  C  CD  . LYS A 1 22  ? -3.741  -9.976  -10.778 1.00 30.15 ? 22  LYS A CD  1 
ATOM   145  C  CE  . LYS A 1 22  ? -2.497  -10.832 -10.572 1.00 32.75 ? 22  LYS A CE  1 
ATOM   146  N  NZ  . LYS A 1 22  ? -2.556  -12.092 -11.342 1.00 34.41 ? 22  LYS A NZ  1 
ATOM   147  N  N   . GLU A 1 23  ? -6.140  -4.765  -9.669  1.00 21.97 ? 23  GLU A N   1 
ATOM   148  C  CA  . GLU A 1 23  ? -7.047  -3.705  -10.130 1.00 21.03 ? 23  GLU A CA  1 
ATOM   149  C  C   . GLU A 1 23  ? -6.243  -2.396  -10.196 1.00 20.81 ? 23  GLU A C   1 
ATOM   150  O  O   . GLU A 1 23  ? -6.351  -1.622  -11.149 1.00 22.29 ? 23  GLU A O   1 
ATOM   151  C  CB  . GLU A 1 23  ? -8.252  -3.545  -9.189  1.00 22.05 ? 23  GLU A CB  1 
ATOM   152  C  CG  . GLU A 1 23  ? -9.123  -4.790  -9.040  1.00 28.47 ? 23  GLU A CG  1 
ATOM   153  C  CD  . GLU A 1 23  ? -10.564 -4.467  -8.684  1.00 32.91 ? 23  GLU A CD  1 
ATOM   154  O  OE1 . GLU A 1 23  ? -10.792 -3.465  -7.957  1.00 37.33 ? 23  GLU A OE1 1 
ATOM   155  O  OE2 . GLU A 1 23  ? -11.485 -5.216  -9.117  1.00 35.02 ? 23  GLU A OE2 1 
ATOM   156  N  N   . LEU A 1 24  ? -5.429  -2.149  -9.181  1.00 19.03 ? 24  LEU A N   1 
ATOM   157  C  CA  . LEU A 1 24  ? -4.600  -0.961  -9.178  1.00 19.14 ? 24  LEU A CA  1 
ATOM   158  C  C   . LEU A 1 24  ? -3.666  -0.945  -10.398 1.00 20.15 ? 24  LEU A C   1 
ATOM   159  O  O   . LEU A 1 24  ? -3.498  0.091   -11.052 1.00 18.00 ? 24  LEU A O   1 
ATOM   160  C  CB  . LEU A 1 24  ? -3.778  -0.922  -7.894  1.00 17.55 ? 24  LEU A CB  1 
ATOM   161  C  CG  . LEU A 1 24  ? -2.803  0.235   -7.720  1.00 20.47 ? 24  LEU A CG  1 
ATOM   162  C  CD1 . LEU A 1 24  ? -3.464  1.603   -8.024  1.00 18.17 ? 24  LEU A CD1 1 
ATOM   163  C  CD2 . LEU A 1 24  ? -2.323  0.182   -6.282  1.00 22.67 ? 24  LEU A CD2 1 
ATOM   164  N  N   . ALA A 1 25  ? -3.048  -2.093  -10.684 1.00 20.53 ? 25  ALA A N   1 
ATOM   165  C  CA  . ALA A 1 25  ? -2.124  -2.208  -11.806 1.00 22.29 ? 25  ALA A CA  1 
ATOM   166  C  C   . ALA A 1 25  ? -2.835  -1.936  -13.124 1.00 23.80 ? 25  ALA A C   1 
ATOM   167  O  O   . ALA A 1 25  ? -2.286  -1.286  -14.018 1.00 23.22 ? 25  ALA A O   1 
ATOM   168  C  CB  . ALA A 1 25  ? -1.478  -3.597  -11.821 1.00 21.83 ? 25  ALA A CB  1 
ATOM   169  N  N   . ARG A 1 26  ? -4.060  -2.443  -13.234 1.00 24.05 ? 26  ARG A N   1 
ATOM   170  C  CA  . ARG A 1 26  ? -4.879  -2.267  -14.423 1.00 24.46 ? 26  ARG A CA  1 
ATOM   171  C  C   . ARG A 1 26  ? -5.299  -0.787  -14.517 1.00 24.22 ? 26  ARG A C   1 
ATOM   172  O  O   . ARG A 1 26  ? -5.321  -0.213  -15.613 1.00 22.98 ? 26  ARG A O   1 
ATOM   173  C  CB  . ARG A 1 26  ? -6.070  -3.240  -14.328 1.00 28.29 ? 26  ARG A CB  1 
ATOM   174  C  CG  . ARG A 1 26  ? -7.235  -3.057  -15.273 1.00 33.03 ? 26  ARG A CG  1 
ATOM   175  C  CD  . ARG A 1 26  ? -8.167  -4.315  -15.238 1.00 36.78 ? 26  ARG A CD  1 
ATOM   176  N  NE  . ARG A 1 26  ? -9.209  -4.197  -16.264 1.00 41.81 ? 26  ARG A NE  1 
ATOM   177  C  CZ  . ARG A 1 26  ? -9.933  -5.202  -16.772 1.00 43.79 ? 26  ARG A CZ  1 
ATOM   178  N  NH1 . ARG A 1 26  ? -9.768  -6.470  -16.372 1.00 45.30 ? 26  ARG A NH1 1 
ATOM   179  N  NH2 . ARG A 1 26  ? -10.834 -4.934  -17.715 1.00 45.79 ? 26  ARG A NH2 1 
ATOM   180  N  N   . TYR A 1 27  ? -5.593  -0.168  -13.372 1.00 21.97 ? 27  TYR A N   1 
ATOM   181  C  CA  . TYR A 1 27  ? -5.947  1.251   -13.346 1.00 23.65 ? 27  TYR A CA  1 
ATOM   182  C  C   . TYR A 1 27  ? -4.751  2.060   -13.866 1.00 24.32 ? 27  TYR A C   1 
ATOM   183  O  O   . TYR A 1 27  ? -4.908  3.121   -14.480 1.00 23.54 ? 27  TYR A O   1 
ATOM   184  C  CB  . TYR A 1 27  ? -6.291  1.676   -11.917 1.00 23.66 ? 27  TYR A CB  1 
ATOM   185  C  CG  . TYR A 1 27  ? -6.541  3.152   -11.710 1.00 23.17 ? 27  TYR A CG  1 
ATOM   186  C  CD1 . TYR A 1 27  ? -5.577  3.978   -11.113 1.00 24.53 ? 27  TYR A CD1 1 
ATOM   187  C  CD2 . TYR A 1 27  ? -7.742  3.720   -12.091 1.00 23.41 ? 27  TYR A CD2 1 
ATOM   188  C  CE1 . TYR A 1 27  ? -5.828  5.347   -10.897 1.00 24.70 ? 27  TYR A CE1 1 
ATOM   189  C  CE2 . TYR A 1 27  ? -7.998  5.059   -11.895 1.00 23.49 ? 27  TYR A CE2 1 
ATOM   190  C  CZ  . TYR A 1 27  ? -7.051  5.871   -11.305 1.00 23.64 ? 27  TYR A CZ  1 
ATOM   191  O  OH  . TYR A 1 27  ? -7.335  7.208   -11.185 1.00 23.50 ? 27  TYR A OH  1 
ATOM   192  N  N   . GLU A 1 28  ? -3.555  1.544   -13.621 1.00 25.21 ? 28  GLU A N   1 
ATOM   193  C  CA  . GLU A 1 28  ? -2.335  2.199   -14.071 1.00 29.01 ? 28  GLU A CA  1 
ATOM   194  C  C   . GLU A 1 28  ? -1.814  1.615   -15.409 1.00 30.77 ? 28  GLU A C   1 
ATOM   195  O  O   . GLU A 1 28  ? -0.733  1.970   -15.879 1.00 30.34 ? 28  GLU A O   1 
ATOM   196  C  CB  . GLU A 1 28  ? -1.267  2.088   -12.971 1.00 30.43 ? 28  GLU A CB  1 
ATOM   197  C  CG  . GLU A 1 28  ? -1.778  2.584   -11.596 1.00 32.47 ? 28  GLU A CG  1 
ATOM   198  C  CD  . GLU A 1 28  ? -0.743  2.508   -10.482 1.00 33.84 ? 28  GLU A CD  1 
ATOM   199  O  OE1 . GLU A 1 28  ? -0.027  1.492   -10.402 1.00 36.42 ? 28  GLU A OE1 1 
ATOM   200  O  OE2 . GLU A 1 28  ? -0.660  3.461   -9.668  1.00 35.46 ? 28  GLU A OE2 1 
ATOM   201  N  N   . TYR A 1 29  ? -2.598  0.726   -16.019 1.00 33.16 ? 29  TYR A N   1 
ATOM   202  C  CA  . TYR A 1 29  ? -2.236  0.102   -17.285 1.00 35.49 ? 29  TYR A CA  1 
ATOM   203  C  C   . TYR A 1 29  ? -0.946  -0.728  -17.260 1.00 37.05 ? 29  TYR A C   1 
ATOM   204  O  O   . TYR A 1 29  ? -0.214  -0.765  -18.247 1.00 36.60 ? 29  TYR A O   1 
ATOM   205  C  CB  . TYR A 1 29  ? -2.132  1.177   -18.357 1.00 37.42 ? 29  TYR A CB  1 
ATOM   206  C  CG  . TYR A 1 29  ? -3.467  1.764   -18.723 1.00 38.23 ? 29  TYR A CG  1 
ATOM   207  C  CD1 . TYR A 1 29  ? -4.298  1.134   -19.646 1.00 39.69 ? 29  TYR A CD1 1 
ATOM   208  C  CD2 . TYR A 1 29  ? -3.908  2.949   -18.140 1.00 39.26 ? 29  TYR A CD2 1 
ATOM   209  C  CE1 . TYR A 1 29  ? -5.545  1.679   -19.984 1.00 40.53 ? 29  TYR A CE1 1 
ATOM   210  C  CE2 . TYR A 1 29  ? -5.134  3.498   -18.467 1.00 40.11 ? 29  TYR A CE2 1 
ATOM   211  C  CZ  . TYR A 1 29  ? -5.951  2.863   -19.389 1.00 40.09 ? 29  TYR A CZ  1 
ATOM   212  O  OH  . TYR A 1 29  ? -7.170  3.425   -19.703 1.00 41.70 ? 29  TYR A OH  1 
HETATM 213  N  N   . MSE A 1 30  ? -0.690  -1.407  -16.143 1.00 37.51 ? 30  MSE A N   1 
HETATM 214  C  CA  . MSE A 1 30  ? 0.510   -2.234  -15.979 1.00 39.76 ? 30  MSE A CA  1 
HETATM 215  C  C   . MSE A 1 30  ? 0.211   -3.565  -15.285 1.00 37.32 ? 30  MSE A C   1 
HETATM 216  O  O   . MSE A 1 30  ? 1.091   -4.135  -14.635 1.00 35.98 ? 30  MSE A O   1 
HETATM 217  C  CB  . MSE A 1 30  ? 1.546   -1.481  -15.146 1.00 44.32 ? 30  MSE A CB  1 
HETATM 218  C  CG  . MSE A 1 30  ? 1.886   -0.105  -15.680 1.00 52.28 ? 30  MSE A CG  1 
HETATM 219  SE SE  . MSE A 1 30  ? 3.185   0.780   -14.541 1.00 64.77 ? 30  MSE A SE  1 
HETATM 220  C  CE  . MSE A 1 30  ? 4.616   1.006   -15.854 1.00 60.00 ? 30  MSE A CE  1 
ATOM   221  N  N   . GLU A 1 31  ? -1.003  -4.079  -15.454 1.00 36.18 ? 31  GLU A N   1 
ATOM   222  C  CA  . GLU A 1 31  ? -1.400  -5.325  -14.803 1.00 37.11 ? 31  GLU A CA  1 
ATOM   223  C  C   . GLU A 1 31  ? -0.463  -6.506  -15.005 1.00 36.39 ? 31  GLU A C   1 
ATOM   224  O  O   . GLU A 1 31  ? -0.313  -7.340  -14.114 1.00 36.47 ? 31  GLU A O   1 
ATOM   225  C  CB  . GLU A 1 31  ? -2.803  -5.736  -15.242 1.00 38.17 ? 31  GLU A CB  1 
ATOM   226  C  CG  . GLU A 1 31  ? -3.631  -6.292  -14.092 1.00 41.85 ? 31  GLU A CG  1 
ATOM   227  C  CD  . GLU A 1 31  ? -4.896  -6.990  -14.546 1.00 44.74 ? 31  GLU A CD  1 
ATOM   228  O  OE1 . GLU A 1 31  ? -5.552  -6.510  -15.502 1.00 46.53 ? 31  GLU A OE1 1 
ATOM   229  O  OE2 . GLU A 1 31  ? -5.241  -8.019  -13.927 1.00 46.70 ? 31  GLU A OE2 1 
ATOM   230  N  N   . GLU A 1 32  ? 0.163   -6.591  -16.170 1.00 36.54 ? 32  GLU A N   1 
ATOM   231  C  CA  . GLU A 1 32  ? 1.062   -7.707  -16.443 1.00 37.50 ? 32  GLU A CA  1 
ATOM   232  C  C   . GLU A 1 32  ? 2.309   -7.661  -15.560 1.00 36.58 ? 32  GLU A C   1 
ATOM   233  O  O   . GLU A 1 32  ? 3.041   -8.643  -15.442 1.00 35.79 ? 32  GLU A O   1 
ATOM   234  C  CB  . GLU A 1 32  ? 1.457   -7.719  -17.926 1.00 38.26 ? 32  GLU A CB  1 
ATOM   235  C  CG  . GLU A 1 32  ? 2.345   -6.565  -18.393 1.00 41.54 ? 32  GLU A CG  1 
ATOM   236  C  CD  . GLU A 1 32  ? 1.655   -5.205  -18.355 1.00 44.19 ? 32  GLU A CD  1 
ATOM   237  O  OE1 . GLU A 1 32  ? 0.453   -5.127  -18.704 1.00 44.58 ? 32  GLU A OE1 1 
ATOM   238  O  OE2 . GLU A 1 32  ? 2.325   -4.209  -17.990 1.00 44.05 ? 32  GLU A OE2 1 
ATOM   239  N  N   . GLN A 1 33  ? 2.536   -6.510  -14.941 1.00 35.30 ? 33  GLN A N   1 
ATOM   240  C  CA  . GLN A 1 33  ? 3.684   -6.309  -14.071 1.00 34.87 ? 33  GLN A CA  1 
ATOM   241  C  C   . GLN A 1 33  ? 3.578   -7.082  -12.775 1.00 33.26 ? 33  GLN A C   1 
ATOM   242  O  O   . GLN A 1 33  ? 4.597   -7.391  -12.139 1.00 32.40 ? 33  GLN A O   1 
ATOM   243  C  CB  . GLN A 1 33  ? 3.824   -4.828  -13.747 1.00 37.33 ? 33  GLN A CB  1 
ATOM   244  C  CG  . GLN A 1 33  ? 4.061   -4.022  -14.968 1.00 39.65 ? 33  GLN A CG  1 
ATOM   245  C  CD  . GLN A 1 33  ? 5.260   -4.545  -15.687 1.00 42.80 ? 33  GLN A CD  1 
ATOM   246  O  OE1 . GLN A 1 33  ? 6.386   -4.391  -15.211 1.00 43.87 ? 33  GLN A OE1 1 
ATOM   247  N  NE2 . GLN A 1 33  ? 5.036   -5.197  -16.827 1.00 42.86 ? 33  GLN A NE2 1 
ATOM   248  N  N   . VAL A 1 34  ? 2.345   -7.377  -12.369 1.00 30.42 ? 34  VAL A N   1 
ATOM   249  C  CA  . VAL A 1 34  ? 2.134   -8.096  -11.123 1.00 30.34 ? 34  VAL A CA  1 
ATOM   250  C  C   . VAL A 1 34  ? 2.466   -9.568  -11.286 1.00 29.78 ? 34  VAL A C   1 
ATOM   251  O  O   . VAL A 1 34  ? 1.738   -10.295 -11.946 1.00 28.88 ? 34  VAL A O   1 
ATOM   252  C  CB  . VAL A 1 34  ? 0.672   -7.990  -10.631 1.00 29.94 ? 34  VAL A CB  1 
ATOM   253  C  CG1 . VAL A 1 34  ? 0.501   -8.802  -9.355  1.00 27.75 ? 34  VAL A CG1 1 
ATOM   254  C  CG2 . VAL A 1 34  ? 0.295   -6.529  -10.410 1.00 30.30 ? 34  VAL A CG2 1 
ATOM   255  N  N   . ILE A 1 35  ? 3.565   -10.006 -10.686 1.00 30.17 ? 35  ILE A N   1 
ATOM   256  C  CA  . ILE A 1 35  ? 3.936   -11.404 -10.787 1.00 30.19 ? 35  ILE A CA  1 
ATOM   257  C  C   . ILE A 1 35  ? 3.866   -12.061 -9.416  1.00 30.03 ? 35  ILE A C   1 
ATOM   258  O  O   . ILE A 1 35  ? 4.116   -13.257 -9.273  1.00 29.58 ? 35  ILE A O   1 
ATOM   259  C  CB  . ILE A 1 35  ? 5.341   -11.571 -11.410 1.00 31.33 ? 35  ILE A CB  1 
ATOM   260  C  CG1 . ILE A 1 35  ? 6.406   -10.951 -10.499 1.00 33.80 ? 35  ILE A CG1 1 
ATOM   261  C  CG2 . ILE A 1 35  ? 5.382   -10.908 -12.803 1.00 29.70 ? 35  ILE A CG2 1 
ATOM   262  C  CD1 . ILE A 1 35  ? 7.830   -11.128 -11.030 1.00 35.37 ? 35  ILE A CD1 1 
ATOM   263  N  N   . LEU A 1 36  ? 3.516   -11.279 -8.403  1.00 28.50 ? 36  LEU A N   1 
ATOM   264  C  CA  . LEU A 1 36  ? 3.383   -11.827 -7.060  1.00 29.46 ? 36  LEU A CA  1 
ATOM   265  C  C   . LEU A 1 36  ? 2.206   -12.788 -7.104  1.00 28.92 ? 36  LEU A C   1 
ATOM   266  O  O   . LEU A 1 36  ? 1.247   -12.565 -7.827  1.00 29.51 ? 36  LEU A O   1 
ATOM   267  C  CB  . LEU A 1 36  ? 3.084   -10.724 -6.039  1.00 30.14 ? 36  LEU A CB  1 
ATOM   268  C  CG  . LEU A 1 36  ? 4.220   -10.018 -5.306  1.00 33.10 ? 36  LEU A CG  1 
ATOM   269  C  CD1 . LEU A 1 36  ? 3.639   -8.926  -4.448  1.00 34.37 ? 36  LEU A CD1 1 
ATOM   270  C  CD2 . LEU A 1 36  ? 4.987   -11.003 -4.438  1.00 32.48 ? 36  LEU A CD2 1 
ATOM   271  N  N   . THR A 1 37  ? 2.275   -13.858 -6.329  1.00 28.55 ? 37  THR A N   1 
ATOM   272  C  CA  . THR A 1 37  ? 1.186   -14.822 -6.290  1.00 27.68 ? 37  THR A CA  1 
ATOM   273  C  C   . THR A 1 37  ? 0.490   -14.724 -4.946  1.00 27.91 ? 37  THR A C   1 
ATOM   274  O  O   . THR A 1 37  ? 0.986   -14.057 -4.026  1.00 25.81 ? 37  THR A O   1 
ATOM   275  C  CB  . THR A 1 37  ? 1.706   -16.252 -6.441  1.00 28.13 ? 37  THR A CB  1 
ATOM   276  O  OG1 . THR A 1 37  ? 2.511   -16.582 -5.299  1.00 27.13 ? 37  THR A OG1 1 
ATOM   277  C  CG2 . THR A 1 37  ? 2.542   -16.382 -7.714  1.00 26.43 ? 37  THR A CG2 1 
ATOM   278  N  N   . GLU A 1 38  ? -0.651  -15.405 -4.832  1.00 26.79 ? 38  GLU A N   1 
ATOM   279  C  CA  . GLU A 1 38  ? -1.410  -15.401 -3.594  1.00 28.29 ? 38  GLU A CA  1 
ATOM   280  C  C   . GLU A 1 38  ? -0.537  -16.050 -2.533  1.00 27.41 ? 38  GLU A C   1 
ATOM   281  O  O   . GLU A 1 38  ? -0.514  -15.635 -1.378  1.00 25.47 ? 38  GLU A O   1 
ATOM   282  C  CB  . GLU A 1 38  ? -2.701  -16.211 -3.747  1.00 30.58 ? 38  GLU A CB  1 
ATOM   283  C  CG  . GLU A 1 38  ? -3.692  -15.970 -2.622  1.00 32.57 ? 38  GLU A CG  1 
ATOM   284  C  CD  . GLU A 1 38  ? -4.860  -16.948 -2.647  1.00 34.52 ? 38  GLU A CD  1 
ATOM   285  O  OE1 . GLU A 1 38  ? -5.378  -17.235 -3.753  1.00 31.46 ? 38  GLU A OE1 1 
ATOM   286  O  OE2 . GLU A 1 38  ? -5.268  -17.412 -1.557  1.00 34.59 ? 38  GLU A OE2 1 
ATOM   287  N  N   . LYS A 1 39  ? 0.165   -17.092 -2.951  1.00 27.89 ? 39  LYS A N   1 
ATOM   288  C  CA  . LYS A 1 39  ? 1.056   -17.835 -2.072  1.00 29.05 ? 39  LYS A CA  1 
ATOM   289  C  C   . LYS A 1 39  ? 2.166   -16.909 -1.595  1.00 28.74 ? 39  LYS A C   1 
ATOM   290  O  O   . LYS A 1 39  ? 2.612   -17.006 -0.455  1.00 29.46 ? 39  LYS A O   1 
ATOM   291  C  CB  . LYS A 1 39  ? 1.646   -19.024 -2.824  1.00 29.50 ? 39  LYS A CB  1 
ATOM   292  C  CG  . LYS A 1 39  ? 2.466   -19.954 -1.973  1.00 31.43 ? 39  LYS A CG  1 
ATOM   293  C  CD  . LYS A 1 39  ? 2.928   -21.128 -2.813  1.00 34.70 ? 39  LYS A CD  1 
ATOM   294  C  CE  . LYS A 1 39  ? 3.714   -22.132 -1.993  1.00 35.82 ? 39  LYS A CE  1 
ATOM   295  N  NZ  . LYS A 1 39  ? 5.001   -21.543 -1.546  1.00 37.67 ? 39  LYS A NZ  1 
ATOM   296  N  N   . ASP A 1 40  ? 2.612   -16.021 -2.481  1.00 29.83 ? 40  ASP A N   1 
ATOM   297  C  CA  . ASP A 1 40  ? 3.648   -15.048 -2.138  1.00 29.22 ? 40  ASP A CA  1 
ATOM   298  C  C   . ASP A 1 40  ? 3.165   -14.167 -0.992  1.00 27.11 ? 40  ASP A C   1 
ATOM   299  O  O   . ASP A 1 40  ? 3.852   -14.025 0.014   1.00 25.72 ? 40  ASP A O   1 
ATOM   300  C  CB  . ASP A 1 40  ? 3.995   -14.135 -3.335  1.00 30.82 ? 40  ASP A CB  1 
ATOM   301  C  CG  . ASP A 1 40  ? 4.868   -14.821 -4.385  1.00 32.23 ? 40  ASP A CG  1 
ATOM   302  O  OD1 . ASP A 1 40  ? 5.759   -15.610 -4.006  1.00 32.38 ? 40  ASP A OD1 1 
ATOM   303  O  OD2 . ASP A 1 40  ? 4.675   -14.554 -5.595  1.00 32.14 ? 40  ASP A OD2 1 
ATOM   304  N  N   . LEU A 1 41  ? 1.976   -13.579 -1.150  1.00 27.83 ? 41  LEU A N   1 
ATOM   305  C  CA  . LEU A 1 41  ? 1.408   -12.686 -0.128  1.00 26.57 ? 41  LEU A CA  1 
ATOM   306  C  C   . LEU A 1 41  ? 1.208   -13.374 1.207   1.00 27.50 ? 41  LEU A C   1 
ATOM   307  O  O   . LEU A 1 41  ? 1.520   -12.818 2.261   1.00 27.17 ? 41  LEU A O   1 
ATOM   308  C  CB  . LEU A 1 41  ? 0.064   -12.108 -0.588  1.00 26.97 ? 41  LEU A CB  1 
ATOM   309  C  CG  . LEU A 1 41  ? 0.047   -11.145 -1.780  1.00 26.41 ? 41  LEU A CG  1 
ATOM   310  C  CD1 . LEU A 1 41  ? -1.401  -10.871 -2.203  1.00 27.84 ? 41  LEU A CD1 1 
ATOM   311  C  CD2 . LEU A 1 41  ? 0.764   -9.840  -1.402  1.00 26.11 ? 41  LEU A CD2 1 
ATOM   312  N  N   . LEU A 1 42  ? 0.680   -14.588 1.167   1.00 26.75 ? 42  LEU A N   1 
ATOM   313  C  CA  . LEU A 1 42  ? 0.452   -15.332 2.396   1.00 27.52 ? 42  LEU A CA  1 
ATOM   314  C  C   . LEU A 1 42  ? 1.762   -15.508 3.135   1.00 26.28 ? 42  LEU A C   1 
ATOM   315  O  O   . LEU A 1 42  ? 1.844   -15.327 4.352   1.00 25.96 ? 42  LEU A O   1 
ATOM   316  C  CB  . LEU A 1 42  ? -0.140  -16.701 2.067   1.00 28.71 ? 42  LEU A CB  1 
ATOM   317  C  CG  . LEU A 1 42  ? -0.339  -17.659 3.233   1.00 31.05 ? 42  LEU A CG  1 
ATOM   318  C  CD1 . LEU A 1 42  ? -1.422  -17.127 4.168   1.00 29.83 ? 42  LEU A CD1 1 
ATOM   319  C  CD2 . LEU A 1 42  ? -0.730  -19.031 2.671   1.00 30.87 ? 42  LEU A CD2 1 
ATOM   320  N  N   . GLU A 1 43  ? 2.796   -15.860 2.385   1.00 27.50 ? 43  GLU A N   1 
ATOM   321  C  CA  . GLU A 1 43  ? 4.111   -16.074 2.964   1.00 27.22 ? 43  GLU A CA  1 
ATOM   322  C  C   . GLU A 1 43  ? 4.817   -14.791 3.405   1.00 25.63 ? 43  GLU A C   1 
ATOM   323  O  O   . GLU A 1 43  ? 5.361   -14.730 4.502   1.00 25.44 ? 43  GLU A O   1 
ATOM   324  C  CB  . GLU A 1 43  ? 4.975   -16.854 1.974   1.00 29.19 ? 43  GLU A CB  1 
ATOM   325  C  CG  . GLU A 1 43  ? 4.774   -18.360 2.098   1.00 34.05 ? 43  GLU A CG  1 
ATOM   326  C  CD  . GLU A 1 43  ? 5.220   -19.116 0.870   1.00 36.35 ? 43  GLU A CD  1 
ATOM   327  O  OE1 . GLU A 1 43  ? 6.118   -18.609 0.156   1.00 37.90 ? 43  GLU A OE1 1 
ATOM   328  O  OE2 . GLU A 1 43  ? 4.671   -20.215 0.633   1.00 36.54 ? 43  GLU A OE2 1 
ATOM   329  N  N   . ASP A 1 44  ? 4.798   -13.771 2.555   1.00 25.70 ? 44  ASP A N   1 
ATOM   330  C  CA  . ASP A 1 44  ? 5.443   -12.499 2.875   1.00 25.56 ? 44  ASP A CA  1 
ATOM   331  C  C   . ASP A 1 44  ? 4.664   -11.667 3.887   1.00 25.99 ? 44  ASP A C   1 
ATOM   332  O  O   . ASP A 1 44  ? 5.238   -10.845 4.602   1.00 24.05 ? 44  ASP A O   1 
ATOM   333  C  CB  . ASP A 1 44  ? 5.624   -11.649 1.614   1.00 24.74 ? 44  ASP A CB  1 
ATOM   334  C  CG  . ASP A 1 44  ? 6.455   -12.336 0.556   1.00 24.00 ? 44  ASP A CG  1 
ATOM   335  O  OD1 . ASP A 1 44  ? 7.249   -13.209 0.937   1.00 22.91 ? 44  ASP A OD1 1 
ATOM   336  O  OD2 . ASP A 1 44  ? 6.321   -11.993 -0.647  1.00 24.00 ? 44  ASP A OD2 1 
ATOM   337  N  N   . GLY A 1 45  ? 3.356   -11.882 3.942   1.00 26.70 ? 45  GLY A N   1 
ATOM   338  C  CA  . GLY A 1 45  ? 2.532   -11.098 4.844   1.00 27.70 ? 45  GLY A CA  1 
ATOM   339  C  C   . GLY A 1 45  ? 2.050   -11.726 6.133   1.00 28.75 ? 45  GLY A C   1 
ATOM   340  O  O   . GLY A 1 45  ? 1.809   -11.021 7.100   1.00 27.14 ? 45  GLY A O   1 
ATOM   341  N  N   . PHE A 1 46  ? 1.896   -13.040 6.173   1.00 30.32 ? 46  PHE A N   1 
ATOM   342  C  CA  . PHE A 1 46  ? 1.412   -13.648 7.404   1.00 32.50 ? 46  PHE A CA  1 
ATOM   343  C  C   . PHE A 1 46  ? 2.316   -14.709 7.983   1.00 34.55 ? 46  PHE A C   1 
ATOM   344  O  O   . PHE A 1 46  ? 1.967   -15.395 8.947   1.00 35.18 ? 46  PHE A O   1 
ATOM   345  C  CB  . PHE A 1 46  ? -0.003  -14.152 7.177   1.00 30.12 ? 46  PHE A CB  1 
ATOM   346  C  CG  . PHE A 1 46  ? -0.887  -13.099 6.616   1.00 29.37 ? 46  PHE A CG  1 
ATOM   347  C  CD1 . PHE A 1 46  ? -0.929  -12.877 5.246   1.00 28.81 ? 46  PHE A CD1 1 
ATOM   348  C  CD2 . PHE A 1 46  ? -1.556  -12.224 7.457   1.00 27.99 ? 46  PHE A CD2 1 
ATOM   349  C  CE1 . PHE A 1 46  ? -1.615  -11.797 4.725   1.00 29.26 ? 46  PHE A CE1 1 
ATOM   350  C  CE2 . PHE A 1 46  ? -2.245  -11.137 6.937   1.00 29.21 ? 46  PHE A CE2 1 
ATOM   351  C  CZ  . PHE A 1 46  ? -2.272  -10.925 5.570   1.00 28.05 ? 46  PHE A CZ  1 
ATOM   352  N  N   . GLY A 1 47  ? 3.493   -14.824 7.381   1.00 35.14 ? 47  GLY A N   1 
ATOM   353  C  CA  . GLY A 1 47  ? 4.479   -15.751 7.874   1.00 37.27 ? 47  GLY A CA  1 
ATOM   354  C  C   . GLY A 1 47  ? 4.848   -15.186 9.231   1.00 38.06 ? 47  GLY A C   1 
ATOM   355  O  O   . GLY A 1 47  ? 4.278   -14.193 9.694   1.00 36.69 ? 47  GLY A O   1 
ATOM   356  N  N   . GLU A 1 48  ? 5.823   -15.802 9.868   1.00 39.79 ? 48  GLU A N   1 
ATOM   357  C  CA  . GLU A 1 48  ? 6.243   -15.363 11.183  1.00 41.40 ? 48  GLU A CA  1 
ATOM   358  C  C   . GLU A 1 48  ? 6.909   -13.980 11.161  1.00 41.19 ? 48  GLU A C   1 
ATOM   359  O  O   . GLU A 1 48  ? 7.060   -13.354 12.214  1.00 41.56 ? 48  GLU A O   1 
ATOM   360  C  CB  . GLU A 1 48  ? 7.150   -16.443 11.772  1.00 42.62 ? 48  GLU A CB  1 
ATOM   361  C  CG  . GLU A 1 48  ? 6.664   -17.856 11.375  1.00 46.31 ? 48  GLU A CG  1 
ATOM   362  C  CD  . GLU A 1 48  ? 5.387   -18.288 12.096  1.00 48.53 ? 48  GLU A CD  1 
ATOM   363  O  OE1 . GLU A 1 48  ? 4.545   -17.413 12.415  1.00 50.13 ? 48  GLU A OE1 1 
ATOM   364  O  OE2 . GLU A 1 48  ? 5.218   -19.513 12.347  1.00 49.25 ? 48  GLU A OE2 1 
ATOM   365  N  N   . HIS A 1 49  ? 7.286   -13.502 9.969   1.00 39.59 ? 49  HIS A N   1 
ATOM   366  C  CA  . HIS A 1 49  ? 7.904   -12.172 9.806   1.00 38.66 ? 49  HIS A CA  1 
ATOM   367  C  C   . HIS A 1 49  ? 7.316   -11.451 8.576   1.00 35.92 ? 49  HIS A C   1 
ATOM   368  O  O   . HIS A 1 49  ? 7.688   -11.749 7.434   1.00 36.47 ? 49  HIS A O   1 
ATOM   369  C  CB  . HIS A 1 49  ? 9.421   -12.294 9.634   1.00 40.01 ? 49  HIS A CB  1 
ATOM   370  C  CG  . HIS A 1 49  ? 10.099  -11.004 9.265   1.00 42.04 ? 49  HIS A CG  1 
ATOM   371  N  ND1 . HIS A 1 49  ? 9.780   -10.292 8.127   1.00 43.06 ? 49  HIS A ND1 1 
ATOM   372  C  CD2 . HIS A 1 49  ? 11.094  -10.314 9.872   1.00 42.50 ? 49  HIS A CD2 1 
ATOM   373  C  CE1 . HIS A 1 49  ? 10.550  -9.218  8.049   1.00 43.91 ? 49  HIS A CE1 1 
ATOM   374  N  NE2 . HIS A 1 49  ? 11.357  -9.209  9.095   1.00 43.52 ? 49  HIS A NE2 1 
ATOM   375  N  N   . PRO A 1 50  ? 6.419   -10.469 8.792   1.00 32.11 ? 50  PRO A N   1 
ATOM   376  C  CA  . PRO A 1 50  ? 5.833   -9.772  7.640   1.00 27.46 ? 50  PRO A CA  1 
ATOM   377  C  C   . PRO A 1 50  ? 6.729   -8.742  6.962   1.00 22.80 ? 50  PRO A C   1 
ATOM   378  O  O   . PRO A 1 50  ? 7.360   -7.932  7.615   1.00 20.99 ? 50  PRO A O   1 
ATOM   379  C  CB  . PRO A 1 50  ? 4.569   -9.112  8.221   1.00 27.63 ? 50  PRO A CB  1 
ATOM   380  C  CG  . PRO A 1 50  ? 4.451   -9.647  9.639   1.00 31.26 ? 50  PRO A CG  1 
ATOM   381  C  CD  . PRO A 1 50  ? 5.877   -9.931  10.046  1.00 30.61 ? 50  PRO A CD  1 
ATOM   382  N  N   . PHE A 1 51  ? 6.754   -8.772  5.637   1.00 22.93 ? 51  PHE A N   1 
ATOM   383  C  CA  . PHE A 1 51  ? 7.521   -7.809  4.858   1.00 21.37 ? 51  PHE A CA  1 
ATOM   384  C  C   . PHE A 1 51  ? 6.600   -6.672  4.450   1.00 21.01 ? 51  PHE A C   1 
ATOM   385  O  O   . PHE A 1 51  ? 7.015   -5.735  3.790   1.00 21.74 ? 51  PHE A O   1 
ATOM   386  C  CB  . PHE A 1 51  ? 8.132   -8.479  3.632   1.00 21.16 ? 51  PHE A CB  1 
ATOM   387  C  CG  . PHE A 1 51  ? 9.282   -9.388  3.972   1.00 22.30 ? 51  PHE A CG  1 
ATOM   388  C  CD1 . PHE A 1 51  ? 10.571  -8.889  4.057   1.00 22.72 ? 51  PHE A CD1 1 
ATOM   389  C  CD2 . PHE A 1 51  ? 9.058   -10.721 4.292   1.00 23.82 ? 51  PHE A CD2 1 
ATOM   390  C  CE1 . PHE A 1 51  ? 11.619  -9.700  4.461   1.00 23.36 ? 51  PHE A CE1 1 
ATOM   391  C  CE2 . PHE A 1 51  ? 10.107  -11.551 4.702   1.00 24.38 ? 51  PHE A CE2 1 
ATOM   392  C  CZ  . PHE A 1 51  ? 11.387  -11.039 4.785   1.00 23.44 ? 51  PHE A CZ  1 
ATOM   393  N  N   . TYR A 1 52  ? 5.337   -6.768  4.841   1.00 20.30 ? 52  TYR A N   1 
ATOM   394  C  CA  . TYR A 1 52  ? 4.378   -5.705  4.543   1.00 18.20 ? 52  TYR A CA  1 
ATOM   395  C  C   . TYR A 1 52  ? 3.200   -5.868  5.483   1.00 17.85 ? 52  TYR A C   1 
ATOM   396  O  O   . TYR A 1 52  ? 2.998   -6.932  6.033   1.00 18.29 ? 52  TYR A O   1 
ATOM   397  C  CB  . TYR A 1 52  ? 3.906   -5.759  3.070   1.00 17.60 ? 52  TYR A CB  1 
ATOM   398  C  CG  . TYR A 1 52  ? 2.917   -6.860  2.769   1.00 17.67 ? 52  TYR A CG  1 
ATOM   399  C  CD1 . TYR A 1 52  ? 1.570   -6.734  3.119   1.00 19.18 ? 52  TYR A CD1 1 
ATOM   400  C  CD2 . TYR A 1 52  ? 3.343   -8.067  2.208   1.00 18.55 ? 52  TYR A CD2 1 
ATOM   401  C  CE1 . TYR A 1 52  ? 0.673   -7.793  2.928   1.00 19.05 ? 52  TYR A CE1 1 
ATOM   402  C  CE2 . TYR A 1 52  ? 2.471   -9.118  2.017   1.00 21.86 ? 52  TYR A CE2 1 
ATOM   403  C  CZ  . TYR A 1 52  ? 1.133   -8.986  2.383   1.00 20.95 ? 52  TYR A CZ  1 
ATOM   404  O  OH  . TYR A 1 52  ? 0.293   -10.072 2.261   1.00 20.45 ? 52  TYR A OH  1 
ATOM   405  N  N   . HIS A 1 53  ? 2.437   -4.803  5.665   1.00 17.67 ? 53  HIS A N   1 
ATOM   406  C  CA  . HIS A 1 53  ? 1.244   -4.842  6.494   1.00 18.75 ? 53  HIS A CA  1 
ATOM   407  C  C   . HIS A 1 53  ? 0.144   -4.320  5.600   1.00 19.75 ? 53  HIS A C   1 
ATOM   408  O  O   . HIS A 1 53  ? 0.375   -3.508  4.710   1.00 19.15 ? 53  HIS A O   1 
ATOM   409  C  CB  . HIS A 1 53  ? 1.373   -3.944  7.712   1.00 19.37 ? 53  HIS A CB  1 
ATOM   410  C  CG  . HIS A 1 53  ? 2.549   -4.268  8.566   1.00 20.78 ? 53  HIS A CG  1 
ATOM   411  N  ND1 . HIS A 1 53  ? 2.520   -5.256  9.525   1.00 24.40 ? 53  HIS A ND1 1 
ATOM   412  C  CD2 . HIS A 1 53  ? 3.799   -3.752  8.588   1.00 22.91 ? 53  HIS A CD2 1 
ATOM   413  C  CE1 . HIS A 1 53  ? 3.706   -5.335  10.102  1.00 25.24 ? 53  HIS A CE1 1 
ATOM   414  N  NE2 . HIS A 1 53  ? 4.500   -4.431  9.551   1.00 24.40 ? 53  HIS A NE2 1 
ATOM   415  N  N   . CYS A 1 54  ? -1.072  -4.766  5.859   1.00 20.48 ? 54  CYS A N   1 
ATOM   416  C  CA  . CYS A 1 54  ? -2.164  -4.356  5.019   1.00 20.73 ? 54  CYS A CA  1 
ATOM   417  C  C   . CYS A 1 54  ? -3.450  -4.089  5.801   1.00 19.95 ? 54  CYS A C   1 
ATOM   418  O  O   . CYS A 1 54  ? -3.764  -4.787  6.766   1.00 18.14 ? 54  CYS A O   1 
ATOM   419  C  CB  . CYS A 1 54  ? -2.356  -5.460  3.979   1.00 23.46 ? 54  CYS A CB  1 
ATOM   420  S  SG  . CYS A 1 54  ? -3.720  -5.293  2.886   1.00 28.93 ? 54  CYS A SG  1 
ATOM   421  N  N   . LEU A 1 55  ? -4.154  -3.041  5.395   1.00 20.02 ? 55  LEU A N   1 
ATOM   422  C  CA  . LEU A 1 55  ? -5.450  -2.689  5.963   1.00 19.75 ? 55  LEU A CA  1 
ATOM   423  C  C   . LEU A 1 55  ? -6.424  -2.899  4.809   1.00 19.57 ? 55  LEU A C   1 
ATOM   424  O  O   . LEU A 1 55  ? -6.088  -2.640  3.656   1.00 19.95 ? 55  LEU A O   1 
ATOM   425  C  CB  . LEU A 1 55  ? -5.502  -1.229  6.406   1.00 18.51 ? 55  LEU A CB  1 
ATOM   426  C  CG  . LEU A 1 55  ? -4.774  -0.840  7.689   1.00 19.62 ? 55  LEU A CG  1 
ATOM   427  C  CD1 . LEU A 1 55  ? -4.891  0.647   7.901   1.00 19.45 ? 55  LEU A CD1 1 
ATOM   428  C  CD2 . LEU A 1 55  ? -5.368  -1.606  8.884   1.00 21.84 ? 55  LEU A CD2 1 
ATOM   429  N  N   . VAL A 1 56  ? -7.627  -3.371  5.109   1.00 19.05 ? 56  VAL A N   1 
ATOM   430  C  CA  . VAL A 1 56  ? -8.603  -3.608  4.052   1.00 19.98 ? 56  VAL A CA  1 
ATOM   431  C  C   . VAL A 1 56  ? -9.917  -2.993  4.480   1.00 20.90 ? 56  VAL A C   1 
ATOM   432  O  O   . VAL A 1 56  ? -10.185 -2.879  5.675   1.00 19.78 ? 56  VAL A O   1 
ATOM   433  C  CB  . VAL A 1 56  ? -8.835  -5.122  3.797   1.00 19.81 ? 56  VAL A CB  1 
ATOM   434  C  CG1 . VAL A 1 56  ? -7.641  -5.730  3.047   1.00 21.44 ? 56  VAL A CG1 1 
ATOM   435  C  CG2 . VAL A 1 56  ? -9.065  -5.855  5.136   1.00 19.76 ? 56  VAL A CG2 1 
ATOM   436  N  N   . ALA A 1 57  ? -10.713 -2.589  3.492   1.00 21.05 ? 57  ALA A N   1 
ATOM   437  C  CA  . ALA A 1 57  ? -12.028 -1.989  3.717   1.00 21.67 ? 57  ALA A CA  1 
ATOM   438  C  C   . ALA A 1 57  ? -13.069 -3.048  3.353   1.00 21.98 ? 57  ALA A C   1 
ATOM   439  O  O   . ALA A 1 57  ? -13.148 -3.457  2.203   1.00 17.94 ? 57  ALA A O   1 
ATOM   440  C  CB  . ALA A 1 57  ? -12.195 -0.763  2.822   1.00 23.04 ? 57  ALA A CB  1 
ATOM   441  N  N   . GLU A 1 58  ? -13.840 -3.493  4.341   1.00 22.25 ? 58  GLU A N   1 
ATOM   442  C  CA  . GLU A 1 58  ? -14.850 -4.526  4.127   1.00 25.23 ? 58  GLU A CA  1 
ATOM   443  C  C   . GLU A 1 58  ? -16.256 -3.936  4.224   1.00 25.57 ? 58  GLU A C   1 
ATOM   444  O  O   . GLU A 1 58  ? -16.567 -3.132  5.122   1.00 24.41 ? 58  GLU A O   1 
ATOM   445  C  CB  . GLU A 1 58  ? -14.679 -5.680  5.149   1.00 28.24 ? 58  GLU A CB  1 
ATOM   446  C  CG  . GLU A 1 58  ? -15.774 -6.773  5.059   1.00 33.10 ? 58  GLU A CG  1 
ATOM   447  C  CD  . GLU A 1 58  ? -15.537 -7.999  5.971   1.00 36.91 ? 58  GLU A CD  1 
ATOM   448  O  OE1 . GLU A 1 58  ? -14.751 -7.918  6.942   1.00 39.00 ? 58  GLU A OE1 1 
ATOM   449  O  OE2 . GLU A 1 58  ? -16.167 -9.056  5.723   1.00 38.66 ? 58  GLU A OE2 1 
ATOM   450  N  N   . VAL A 1 59  ? -17.095 -4.316  3.270   1.00 25.22 ? 59  VAL A N   1 
ATOM   451  C  CA  . VAL A 1 59  ? -18.462 -3.832  3.239   1.00 25.35 ? 59  VAL A CA  1 
ATOM   452  C  C   . VAL A 1 59  ? -19.383 -4.979  3.573   1.00 26.58 ? 59  VAL A C   1 
ATOM   453  O  O   . VAL A 1 59  ? -18.999 -6.148  3.440   1.00 26.81 ? 59  VAL A O   1 
ATOM   454  C  CB  . VAL A 1 59  ? -18.848 -3.294  1.847   1.00 24.73 ? 59  VAL A CB  1 
ATOM   455  C  CG1 . VAL A 1 59  ? -17.935 -2.111  1.477   1.00 22.69 ? 59  VAL A CG1 1 
ATOM   456  C  CG2 . VAL A 1 59  ? -18.784 -4.422  0.796   1.00 23.12 ? 59  VAL A CG2 1 
ATOM   457  N  N   . PRO A 1 60  ? -20.611 -4.661  4.020   1.00 27.31 ? 60  PRO A N   1 
ATOM   458  C  CA  . PRO A 1 60  ? -21.617 -5.665  4.382   1.00 28.13 ? 60  PRO A CA  1 
ATOM   459  C  C   . PRO A 1 60  ? -21.887 -6.560  3.191   1.00 28.77 ? 60  PRO A C   1 
ATOM   460  O  O   . PRO A 1 60  ? -21.842 -6.103  2.049   1.00 29.02 ? 60  PRO A O   1 
ATOM   461  C  CB  . PRO A 1 60  ? -22.832 -4.822  4.767   1.00 26.04 ? 60  PRO A CB  1 
ATOM   462  C  CG  . PRO A 1 60  ? -22.220 -3.575  5.294   1.00 28.82 ? 60  PRO A CG  1 
ATOM   463  C  CD  . PRO A 1 60  ? -21.108 -3.301  4.294   1.00 26.59 ? 60  PRO A CD  1 
ATOM   464  N  N   . LYS A 1 61  ? -22.168 -7.830  3.447   1.00 29.54 ? 61  LYS A N   1 
ATOM   465  C  CA  . LYS A 1 61  ? -22.418 -8.775  2.360   1.00 31.60 ? 61  LYS A CA  1 
ATOM   466  C  C   . LYS A 1 61  ? -23.505 -8.294  1.395   1.00 31.38 ? 61  LYS A C   1 
ATOM   467  O  O   . LYS A 1 61  ? -23.472 -8.643  0.217   1.00 30.56 ? 61  LYS A O   1 
ATOM   468  C  CB  . LYS A 1 61  ? -22.767 -10.155 2.931   1.00 32.65 ? 61  LYS A CB  1 
ATOM   469  C  CG  . LYS A 1 61  ? -22.898 -11.270 1.890   1.00 34.24 ? 61  LYS A CG  1 
ATOM   470  C  CD  . LYS A 1 61  ? -22.791 -12.664 2.536   1.00 36.17 ? 61  LYS A CD  1 
ATOM   471  C  CE  . LYS A 1 61  ? -23.758 -13.696 1.907   1.00 37.82 ? 61  LYS A CE  1 
ATOM   472  N  NZ  . LYS A 1 61  ? -25.197 -13.277 2.072   1.00 37.73 ? 61  LYS A NZ  1 
ATOM   473  N  N   . GLU A 1 62  ? -24.445 -7.488  1.894   1.00 32.12 ? 62  GLU A N   1 
ATOM   474  C  CA  . GLU A 1 62  ? -25.527 -6.929  1.082   1.00 32.70 ? 62  GLU A CA  1 
ATOM   475  C  C   . GLU A 1 62  ? -24.965 -6.065  -0.029  1.00 33.02 ? 62  GLU A C   1 
ATOM   476  O  O   . GLU A 1 62  ? -25.545 -5.946  -1.101  1.00 32.65 ? 62  GLU A O   1 
ATOM   477  C  CB  . GLU A 1 62  ? -26.457 -6.055  1.931   1.00 34.37 ? 62  GLU A CB  1 
ATOM   478  C  CG  . GLU A 1 62  ? -27.780 -6.701  2.278   1.00 36.76 ? 62  GLU A CG  1 
ATOM   479  C  CD  . GLU A 1 62  ? -28.674 -6.913  1.065   1.00 36.72 ? 62  GLU A CD  1 
ATOM   480  O  OE1 . GLU A 1 62  ? -29.326 -5.948  0.626   1.00 38.93 ? 62  GLU A OE1 1 
ATOM   481  O  OE2 . GLU A 1 62  ? -28.727 -8.046  0.550   1.00 38.17 ? 62  GLU A OE2 1 
ATOM   482  N  N   . HIS A 1 63  ? -23.827 -5.443  0.229   1.00 34.02 ? 63  HIS A N   1 
ATOM   483  C  CA  . HIS A 1 63  ? -23.236 -4.587  -0.775  1.00 36.15 ? 63  HIS A CA  1 
ATOM   484  C  C   . HIS A 1 63  ? -21.954 -5.112  -1.410  1.00 36.67 ? 63  HIS A C   1 
ATOM   485  O  O   . HIS A 1 63  ? -21.115 -4.332  -1.866  1.00 37.36 ? 63  HIS A O   1 
ATOM   486  C  CB  . HIS A 1 63  ? -23.031 -3.196  -0.184  1.00 38.09 ? 63  HIS A CB  1 
ATOM   487  C  CG  . HIS A 1 63  ? -24.307 -2.551  0.255   1.00 39.93 ? 63  HIS A CG  1 
ATOM   488  N  ND1 . HIS A 1 63  ? -24.650 -2.400  1.582   1.00 42.54 ? 63  HIS A ND1 1 
ATOM   489  C  CD2 . HIS A 1 63  ? -25.338 -2.042  -0.460  1.00 39.98 ? 63  HIS A CD2 1 
ATOM   490  C  CE1 . HIS A 1 63  ? -25.835 -1.821  1.666   1.00 42.57 ? 63  HIS A CE1 1 
ATOM   491  N  NE2 . HIS A 1 63  ? -26.274 -1.595  0.440   1.00 42.23 ? 63  HIS A NE2 1 
ATOM   492  N  N   . TRP A 1 64  ? -21.815 -6.434  -1.456  1.00 37.34 ? 64  TRP A N   1 
ATOM   493  C  CA  . TRP A 1 64  ? -20.643 -7.065  -2.069  1.00 37.56 ? 64  TRP A CA  1 
ATOM   494  C  C   . TRP A 1 64  ? -20.517 -6.641  -3.519  1.00 36.08 ? 64  TRP A C   1 
ATOM   495  O  O   . TRP A 1 64  ? -21.466 -6.152  -4.131  1.00 35.04 ? 64  TRP A O   1 
ATOM   496  C  CB  . TRP A 1 64  ? -20.750 -8.592  -2.039  1.00 40.95 ? 64  TRP A CB  1 
ATOM   497  C  CG  . TRP A 1 64  ? -20.311 -9.226  -0.772  1.00 44.50 ? 64  TRP A CG  1 
ATOM   498  C  CD1 . TRP A 1 64  ? -19.885 -8.597  0.366   1.00 46.70 ? 64  TRP A CD1 1 
ATOM   499  C  CD2 . TRP A 1 64  ? -20.267 -10.631 -0.496  1.00 47.09 ? 64  TRP A CD2 1 
ATOM   500  N  NE1 . TRP A 1 64  ? -19.579 -9.527  1.339   1.00 47.13 ? 64  TRP A NE1 1 
ATOM   501  C  CE2 . TRP A 1 64  ? -19.804 -10.784 0.834   1.00 48.48 ? 64  TRP A CE2 1 
ATOM   502  C  CE3 . TRP A 1 64  ? -20.573 -11.779 -1.246  1.00 48.36 ? 64  TRP A CE3 1 
ATOM   503  C  CZ2 . TRP A 1 64  ? -19.638 -12.046 1.433   1.00 49.68 ? 64  TRP A CZ2 1 
ATOM   504  C  CZ3 . TRP A 1 64  ? -20.410 -13.029 -0.656  1.00 48.88 ? 64  TRP A CZ3 1 
ATOM   505  C  CH2 . TRP A 1 64  ? -19.945 -13.152 0.674   1.00 50.40 ? 64  TRP A CH2 1 
ATOM   506  N  N   . THR A 1 65  ? -19.331 -6.840  -4.067  1.00 34.38 ? 65  THR A N   1 
ATOM   507  C  CA  . THR A 1 65  ? -19.074 -6.495  -5.449  1.00 34.95 ? 65  THR A CA  1 
ATOM   508  C  C   . THR A 1 65  ? -19.854 -7.504  -6.289  1.00 35.40 ? 65  THR A C   1 
ATOM   509  O  O   . THR A 1 65  ? -20.299 -8.523  -5.778  1.00 34.24 ? 65  THR A O   1 
ATOM   510  C  CB  . THR A 1 65  ? -17.569 -6.637  -5.759  1.00 34.09 ? 65  THR A CB  1 
ATOM   511  O  OG1 . THR A 1 65  ? -17.220 -8.026  -5.814  1.00 32.35 ? 65  THR A OG1 1 
ATOM   512  C  CG2 . THR A 1 65  ? -16.746 -5.985  -4.652  1.00 32.55 ? 65  THR A CG2 1 
ATOM   513  N  N   . PRO A 1 66  ? -20.048 -7.221  -7.582  1.00 37.05 ? 66  PRO A N   1 
ATOM   514  C  CA  . PRO A 1 66  ? -20.777 -8.146  -8.459  1.00 37.78 ? 66  PRO A CA  1 
ATOM   515  C  C   . PRO A 1 66  ? -20.148 -9.546  -8.405  1.00 38.31 ? 66  PRO A C   1 
ATOM   516  O  O   . PRO A 1 66  ? -20.844 -10.556 -8.533  1.00 38.67 ? 66  PRO A O   1 
ATOM   517  C  CB  . PRO A 1 66  ? -20.639 -7.483  -9.822  1.00 37.43 ? 66  PRO A CB  1 
ATOM   518  C  CG  . PRO A 1 66  ? -20.736 -6.033  -9.464  1.00 37.50 ? 66  PRO A CG  1 
ATOM   519  C  CD  . PRO A 1 66  ? -19.833 -5.926  -8.252  1.00 37.51 ? 66  PRO A CD  1 
ATOM   520  N  N   . GLU A 1 67  ? -18.831 -9.586  -8.202  1.00 38.71 ? 67  GLU A N   1 
ATOM   521  C  CA  . GLU A 1 67  ? -18.081 -10.840 -8.093  1.00 39.04 ? 67  GLU A CA  1 
ATOM   522  C  C   . GLU A 1 67  ? -18.217 -11.501 -6.728  1.00 38.15 ? 67  GLU A C   1 
ATOM   523  O  O   . GLU A 1 67  ? -17.554 -12.511 -6.467  1.00 37.86 ? 67  GLU A O   1 
ATOM   524  C  CB  . GLU A 1 67  ? -16.588 -10.609 -8.324  1.00 41.18 ? 67  GLU A CB  1 
ATOM   525  C  CG  . GLU A 1 67  ? -16.133 -10.619 -9.772  1.00 45.02 ? 67  GLU A CG  1 
ATOM   526  C  CD  . GLU A 1 67  ? -14.630 -10.541 -9.892  1.00 47.27 ? 67  GLU A CD  1 
ATOM   527  O  OE1 . GLU A 1 67  ? -13.924 -11.350 -9.220  1.00 49.93 ? 67  GLU A OE1 1 
ATOM   528  O  OE2 . GLU A 1 67  ? -14.133 -9.680  -10.656 1.00 48.67 ? 67  GLU A OE2 1 
ATOM   529  N  N   . GLY A 1 68  ? -19.019 -10.914 -5.842  1.00 36.43 ? 68  GLY A N   1 
ATOM   530  C  CA  . GLY A 1 68  ? -19.214 -11.501 -4.525  1.00 35.91 ? 68  GLY A CA  1 
ATOM   531  C  C   . GLY A 1 68  ? -18.095 -11.278 -3.519  1.00 35.45 ? 68  GLY A C   1 
ATOM   532  O  O   . GLY A 1 68  ? -17.839 -12.120 -2.653  1.00 35.09 ? 68  GLY A O   1 
ATOM   533  N  N   . HIS A 1 69  ? -17.435 -10.130 -3.633  1.00 34.48 ? 69  HIS A N   1 
ATOM   534  C  CA  . HIS A 1 69  ? -16.333 -9.765  -2.751  1.00 32.69 ? 69  HIS A CA  1 
ATOM   535  C  C   . HIS A 1 69  ? -16.718 -8.643  -1.800  1.00 30.01 ? 69  HIS A C   1 
ATOM   536  O  O   . HIS A 1 69  ? -17.291 -7.621  -2.196  1.00 27.77 ? 69  HIS A O   1 
ATOM   537  C  CB  . HIS A 1 69  ? -15.118 -9.356  -3.588  1.00 33.03 ? 69  HIS A CB  1 
ATOM   538  C  CG  . HIS A 1 69  ? -14.668 -10.420 -4.536  1.00 34.02 ? 69  HIS A CG  1 
ATOM   539  N  ND1 . HIS A 1 69  ? -14.431 -10.179 -5.872  1.00 35.29 ? 69  HIS A ND1 1 
ATOM   540  C  CD2 . HIS A 1 69  ? -14.452 -11.743 -4.346  1.00 34.69 ? 69  HIS A CD2 1 
ATOM   541  C  CE1 . HIS A 1 69  ? -14.088 -11.311 -6.466  1.00 35.84 ? 69  HIS A CE1 1 
ATOM   542  N  NE2 . HIS A 1 69  ? -14.094 -12.273 -5.561  1.00 36.04 ? 69  HIS A NE2 1 
ATOM   543  N  N   . SER A 1 70  ? -16.392 -8.867  -0.535  1.00 30.16 ? 70  SER A N   1 
ATOM   544  C  CA  . SER A 1 70  ? -16.669 -7.935  0.533   1.00 30.38 ? 70  SER A CA  1 
ATOM   545  C  C   . SER A 1 70  ? -15.540 -6.921  0.717   1.00 28.72 ? 70  SER A C   1 
ATOM   546  O  O   . SER A 1 70  ? -15.741 -5.881  1.347   1.00 29.37 ? 70  SER A O   1 
ATOM   547  C  CB  . SER A 1 70  ? -16.885 -8.712  1.834   1.00 30.05 ? 70  SER A CB  1 
ATOM   548  O  OG  . SER A 1 70  ? -15.765 -9.522  2.138   1.00 34.06 ? 70  SER A OG  1 
ATOM   549  N  N   . ILE A 1 71  ? -14.360 -7.227  0.173   1.00 27.62 ? 71  ILE A N   1 
ATOM   550  C  CA  . ILE A 1 71  ? -13.194 -6.340  0.288   1.00 24.66 ? 71  ILE A CA  1 
ATOM   551  C  C   . ILE A 1 71  ? -13.170 -5.416  -0.907  1.00 22.53 ? 71  ILE A C   1 
ATOM   552  O  O   . ILE A 1 71  ? -13.060 -5.882  -2.032  1.00 24.15 ? 71  ILE A O   1 
ATOM   553  C  CB  . ILE A 1 71  ? -11.860 -7.130  0.296   1.00 24.58 ? 71  ILE A CB  1 
ATOM   554  C  CG1 . ILE A 1 71  ? -11.922 -8.279  1.308   1.00 26.35 ? 71  ILE A CG1 1 
ATOM   555  C  CG2 . ILE A 1 71  ? -10.707 -6.188  0.603   1.00 23.08 ? 71  ILE A CG2 1 
ATOM   556  C  CD1 . ILE A 1 71  ? -12.222 -7.866  2.735   1.00 29.40 ? 71  ILE A CD1 1 
ATOM   557  N  N   . VAL A 1 72  ? -13.253 -4.109  -0.668  1.00 21.62 ? 72  VAL A N   1 
ATOM   558  C  CA  . VAL A 1 72  ? -13.293 -3.149  -1.755  1.00 19.91 ? 72  VAL A CA  1 
ATOM   559  C  C   . VAL A 1 72  ? -12.161 -2.117  -1.745  1.00 19.84 ? 72  VAL A C   1 
ATOM   560  O  O   . VAL A 1 72  ? -12.113 -1.224  -2.593  1.00 17.28 ? 72  VAL A O   1 
ATOM   561  C  CB  . VAL A 1 72  ? -14.662 -2.404  -1.749  1.00 19.37 ? 72  VAL A CB  1 
ATOM   562  C  CG1 . VAL A 1 72  ? -15.776 -3.407  -1.910  1.00 20.47 ? 72  VAL A CG1 1 
ATOM   563  C  CG2 . VAL A 1 72  ? -14.849 -1.630  -0.451  1.00 18.37 ? 72  VAL A CG2 1 
ATOM   564  N  N   . GLY A 1 73  ? -11.263 -2.245  -0.780  1.00 19.66 ? 73  GLY A N   1 
ATOM   565  C  CA  . GLY A 1 73  ? -10.148 -1.321  -0.705  1.00 20.50 ? 73  GLY A CA  1 
ATOM   566  C  C   . GLY A 1 73  ? -9.042  -1.836  0.182   1.00 19.15 ? 73  GLY A C   1 
ATOM   567  O  O   . GLY A 1 73  ? -9.241  -2.724  1.005   1.00 20.29 ? 73  GLY A O   1 
ATOM   568  N  N   . PHE A 1 74  ? -7.854  -1.283  0.012   1.00 19.11 ? 74  PHE A N   1 
ATOM   569  C  CA  . PHE A 1 74  ? -6.752  -1.699  0.845   1.00 19.08 ? 74  PHE A CA  1 
ATOM   570  C  C   . PHE A 1 74  ? -5.640  -0.669  0.852   1.00 18.54 ? 74  PHE A C   1 
ATOM   571  O  O   . PHE A 1 74  ? -5.598  0.255   0.033   1.00 16.91 ? 74  PHE A O   1 
ATOM   572  C  CB  . PHE A 1 74  ? -6.193  -3.065  0.389   1.00 19.19 ? 74  PHE A CB  1 
ATOM   573  C  CG  . PHE A 1 74  ? -5.245  -2.991  -0.789  1.00 19.54 ? 74  PHE A CG  1 
ATOM   574  C  CD1 . PHE A 1 74  ? -5.636  -2.422  -1.990  1.00 20.82 ? 74  PHE A CD1 1 
ATOM   575  C  CD2 . PHE A 1 74  ? -3.953  -3.501  -0.693  1.00 23.31 ? 74  PHE A CD2 1 
ATOM   576  C  CE1 . PHE A 1 74  ? -4.757  -2.357  -3.078  1.00 21.36 ? 74  PHE A CE1 1 
ATOM   577  C  CE2 . PHE A 1 74  ? -3.059  -3.439  -1.783  1.00 21.83 ? 74  PHE A CE2 1 
ATOM   578  C  CZ  . PHE A 1 74  ? -3.461  -2.869  -2.967  1.00 20.18 ? 74  PHE A CZ  1 
ATOM   579  N  N   . ALA A 1 75  ? -4.750  -0.832  1.815   1.00 16.89 ? 75  ALA A N   1 
ATOM   580  C  CA  . ALA A 1 75  ? -3.591  0.033   1.944   1.00 18.68 ? 75  ALA A CA  1 
ATOM   581  C  C   . ALA A 1 75  ? -2.488  -0.926  2.315   1.00 17.06 ? 75  ALA A C   1 
ATOM   582  O  O   . ALA A 1 75  ? -2.659  -1.729  3.227   1.00 19.60 ? 75  ALA A O   1 
ATOM   583  C  CB  . ALA A 1 75  ? -3.793  1.057   3.051   1.00 18.83 ? 75  ALA A CB  1 
HETATM 584  N  N   . MSE A 1 76  ? -1.379  -0.865  1.590   1.00 15.83 ? 76  MSE A N   1 
HETATM 585  C  CA  . MSE A 1 76  ? -0.239  -1.739  1.870   1.00 16.24 ? 76  MSE A CA  1 
HETATM 586  C  C   . MSE A 1 76  ? 0.929   -0.862  2.297   1.00 13.49 ? 76  MSE A C   1 
HETATM 587  O  O   . MSE A 1 76  ? 1.317   0.066   1.577   1.00 15.01 ? 76  MSE A O   1 
HETATM 588  C  CB  . MSE A 1 76  ? 0.141   -2.525  0.624   1.00 19.18 ? 76  MSE A CB  1 
HETATM 589  C  CG  . MSE A 1 76  ? 1.412   -3.332  0.828   1.00 27.12 ? 76  MSE A CG  1 
HETATM 590  SE SE  . MSE A 1 76  ? 1.990   -4.215  -0.759  1.00 41.56 ? 76  MSE A SE  1 
HETATM 591  C  CE  . MSE A 1 76  ? 0.894   -5.759  -0.633  1.00 29.44 ? 76  MSE A CE  1 
ATOM   592  N  N   . TYR A 1 77  ? 1.511   -1.164  3.450   1.00 15.09 ? 77  TYR A N   1 
ATOM   593  C  CA  . TYR A 1 77  ? 2.600   -0.336  3.954   1.00 13.20 ? 77  TYR A CA  1 
ATOM   594  C  C   . TYR A 1 77  ? 3.645   -1.152  4.710   1.00 12.62 ? 77  TYR A C   1 
ATOM   595  O  O   . TYR A 1 77  ? 3.470   -2.336  4.941   1.00 13.36 ? 77  TYR A O   1 
ATOM   596  C  CB  . TYR A 1 77  ? 2.019   0.735   4.879   1.00 13.60 ? 77  TYR A CB  1 
ATOM   597  C  CG  . TYR A 1 77  ? 1.499   0.192   6.204   1.00 16.48 ? 77  TYR A CG  1 
ATOM   598  C  CD1 . TYR A 1 77  ? 2.301   0.189   7.339   1.00 15.56 ? 77  TYR A CD1 1 
ATOM   599  C  CD2 . TYR A 1 77  ? 0.203   -0.335  6.310   1.00 17.26 ? 77  TYR A CD2 1 
ATOM   600  C  CE1 . TYR A 1 77  ? 1.837   -0.326  8.561   1.00 18.93 ? 77  TYR A CE1 1 
ATOM   601  C  CE2 . TYR A 1 77  ? -0.274  -0.861  7.528   1.00 19.83 ? 77  TYR A CE2 1 
ATOM   602  C  CZ  . TYR A 1 77  ? 0.550   -0.853  8.648   1.00 19.75 ? 77  TYR A CZ  1 
ATOM   603  O  OH  . TYR A 1 77  ? 0.106   -1.385  9.845   1.00 20.07 ? 77  TYR A OH  1 
ATOM   604  N  N   . TYR A 1 78  ? 4.756   -0.504  5.039   1.00 13.17 ? 78  TYR A N   1 
ATOM   605  C  CA  . TYR A 1 78  ? 5.803   -1.119  5.819   1.00 14.96 ? 78  TYR A CA  1 
ATOM   606  C  C   . TYR A 1 78  ? 6.568   0.032   6.475   1.00 15.91 ? 78  TYR A C   1 
ATOM   607  O  O   . TYR A 1 78  ? 6.389   1.217   6.144   1.00 14.37 ? 78  TYR A O   1 
ATOM   608  C  CB  . TYR A 1 78  ? 6.723   -2.020  4.959   1.00 14.31 ? 78  TYR A CB  1 
ATOM   609  C  CG  . TYR A 1 78  ? 7.154   -1.407  3.653   1.00 14.22 ? 78  TYR A CG  1 
ATOM   610  C  CD1 . TYR A 1 78  ? 6.463   -1.678  2.475   1.00 14.75 ? 78  TYR A CD1 1 
ATOM   611  C  CD2 . TYR A 1 78  ? 8.209   -0.505  3.608   1.00 12.91 ? 78  TYR A CD2 1 
ATOM   612  C  CE1 . TYR A 1 78  ? 6.813   -1.058  1.261   1.00 15.71 ? 78  TYR A CE1 1 
ATOM   613  C  CE2 . TYR A 1 78  ? 8.568   0.121   2.413   1.00 15.34 ? 78  TYR A CE2 1 
ATOM   614  C  CZ  . TYR A 1 78  ? 7.868   -0.161  1.241   1.00 14.88 ? 78  TYR A CZ  1 
ATOM   615  O  OH  . TYR A 1 78  ? 8.238   0.447   0.066   1.00 14.75 ? 78  TYR A OH  1 
ATOM   616  N  N   . PHE A 1 79  ? 7.396   -0.301  7.439   1.00 15.25 ? 79  PHE A N   1 
ATOM   617  C  CA  . PHE A 1 79  ? 8.123   0.746   8.135   1.00 14.88 ? 79  PHE A CA  1 
ATOM   618  C  C   . PHE A 1 79  ? 9.485   0.889   7.502   1.00 14.23 ? 79  PHE A C   1 
ATOM   619  O  O   . PHE A 1 79  ? 10.045  -0.086  7.046   1.00 15.82 ? 79  PHE A O   1 
ATOM   620  C  CB  . PHE A 1 79  ? 8.241   0.383   9.617   1.00 17.53 ? 79  PHE A CB  1 
ATOM   621  C  CG  . PHE A 1 79  ? 6.925   0.360   10.326  1.00 20.51 ? 79  PHE A CG  1 
ATOM   622  C  CD1 . PHE A 1 79  ? 6.204   1.531   10.501  1.00 20.77 ? 79  PHE A CD1 1 
ATOM   623  C  CD2 . PHE A 1 79  ? 6.369   -0.839  10.758  1.00 22.75 ? 79  PHE A CD2 1 
ATOM   624  C  CE1 . PHE A 1 79  ? 4.938   1.512   11.092  1.00 22.41 ? 79  PHE A CE1 1 
ATOM   625  C  CE2 . PHE A 1 79  ? 5.098   -0.862  11.354  1.00 23.24 ? 79  PHE A CE2 1 
ATOM   626  C  CZ  . PHE A 1 79  ? 4.389   0.309   11.515  1.00 21.20 ? 79  PHE A CZ  1 
ATOM   627  N  N   . THR A 1 80  ? 10.003  2.109   7.448   1.00 13.93 ? 80  THR A N   1 
ATOM   628  C  CA  . THR A 1 80  ? 11.328  2.330   6.880   1.00 15.18 ? 80  THR A CA  1 
ATOM   629  C  C   . THR A 1 80  ? 12.080  3.141   7.909   1.00 16.41 ? 80  THR A C   1 
ATOM   630  O  O   . THR A 1 80  ? 11.530  3.486   8.962   1.00 17.32 ? 80  THR A O   1 
ATOM   631  C  CB  . THR A 1 80  ? 11.316  3.110   5.526   1.00 12.93 ? 80  THR A CB  1 
ATOM   632  O  OG1 . THR A 1 80  ? 10.671  4.372   5.703   1.00 16.60 ? 80  THR A OG1 1 
ATOM   633  C  CG2 . THR A 1 80  ? 10.603  2.295   4.429   1.00 15.37 ? 80  THR A CG2 1 
ATOM   634  N  N   . TYR A 1 81  ? 13.328  3.455   7.610   1.00 17.28 ? 81  TYR A N   1 
ATOM   635  C  CA  . TYR A 1 81  ? 14.151  4.188   8.561   1.00 17.55 ? 81  TYR A CA  1 
ATOM   636  C  C   . TYR A 1 81  ? 15.011  5.222   7.865   1.00 17.60 ? 81  TYR A C   1 
ATOM   637  O  O   . TYR A 1 81  ? 15.563  4.984   6.786   1.00 18.42 ? 81  TYR A O   1 
ATOM   638  C  CB  . TYR A 1 81  ? 15.055  3.212   9.308   1.00 15.35 ? 81  TYR A CB  1 
ATOM   639  C  CG  . TYR A 1 81  ? 15.473  3.674   10.672  1.00 18.31 ? 81  TYR A CG  1 
ATOM   640  C  CD1 . TYR A 1 81  ? 14.597  3.586   11.751  1.00 18.79 ? 81  TYR A CD1 1 
ATOM   641  C  CD2 . TYR A 1 81  ? 16.769  4.148   10.905  1.00 20.01 ? 81  TYR A CD2 1 
ATOM   642  C  CE1 . TYR A 1 81  ? 14.998  3.950   13.028  1.00 20.25 ? 81  TYR A CE1 1 
ATOM   643  C  CE2 . TYR A 1 81  ? 17.182  4.514   12.175  1.00 21.14 ? 81  TYR A CE2 1 
ATOM   644  C  CZ  . TYR A 1 81  ? 16.288  4.409   13.237  1.00 21.24 ? 81  TYR A CZ  1 
ATOM   645  O  OH  . TYR A 1 81  ? 16.688  4.754   14.509  1.00 25.98 ? 81  TYR A OH  1 
ATOM   646  N  N   . ASP A 1 82  ? 15.112  6.378   8.501   1.00 18.38 ? 82  ASP A N   1 
ATOM   647  C  CA  . ASP A 1 82  ? 15.911  7.472   8.001   1.00 19.39 ? 82  ASP A CA  1 
ATOM   648  C  C   . ASP A 1 82  ? 16.960  7.695   9.091   1.00 21.61 ? 82  ASP A C   1 
ATOM   649  O  O   . ASP A 1 82  ? 16.636  8.013   10.239  1.00 24.23 ? 82  ASP A O   1 
ATOM   650  C  CB  . ASP A 1 82  ? 15.033  8.692   7.805   1.00 22.22 ? 82  ASP A CB  1 
ATOM   651  C  CG  . ASP A 1 82  ? 15.813  9.897   7.370   1.00 25.05 ? 82  ASP A CG  1 
ATOM   652  O  OD1 . ASP A 1 82  ? 16.606  10.386  8.181   1.00 29.74 ? 82  ASP A OD1 1 
ATOM   653  O  OD2 . ASP A 1 82  ? 15.638  10.354  6.225   1.00 29.50 ? 82  ASP A OD2 1 
ATOM   654  N  N   . PRO A 1 83  ? 18.237  7.500   8.749   1.00 22.09 ? 83  PRO A N   1 
ATOM   655  C  CA  . PRO A 1 83  ? 19.347  7.665   9.691   1.00 22.60 ? 83  PRO A CA  1 
ATOM   656  C  C   . PRO A 1 83  ? 19.396  9.003   10.397  1.00 23.41 ? 83  PRO A C   1 
ATOM   657  O  O   . PRO A 1 83  ? 20.129  9.149   11.372  1.00 24.33 ? 83  PRO A O   1 
ATOM   658  C  CB  . PRO A 1 83  ? 20.572  7.440   8.815   1.00 21.97 ? 83  PRO A CB  1 
ATOM   659  C  CG  . PRO A 1 83  ? 20.120  8.036   7.507   1.00 24.48 ? 83  PRO A CG  1 
ATOM   660  C  CD  . PRO A 1 83  ? 18.745  7.423   7.371   1.00 22.34 ? 83  PRO A CD  1 
ATOM   661  N  N   . TRP A 1 84  ? 18.635  9.982   9.915   1.00 24.07 ? 84  TRP A N   1 
ATOM   662  C  CA  . TRP A 1 84  ? 18.646  11.293  10.558  1.00 27.29 ? 84  TRP A CA  1 
ATOM   663  C  C   . TRP A 1 84  ? 17.501  11.555  11.531  1.00 28.00 ? 84  TRP A C   1 
ATOM   664  O  O   . TRP A 1 84  ? 17.701  12.204  12.570  1.00 27.39 ? 84  TRP A O   1 
ATOM   665  C  CB  . TRP A 1 84  ? 18.640  12.400  9.512   1.00 28.79 ? 84  TRP A CB  1 
ATOM   666  C  CG  . TRP A 1 84  ? 19.870  12.426  8.680   1.00 32.78 ? 84  TRP A CG  1 
ATOM   667  C  CD1 . TRP A 1 84  ? 21.022  11.734  8.900   1.00 32.50 ? 84  TRP A CD1 1 
ATOM   668  C  CD2 . TRP A 1 84  ? 20.064  13.162  7.485   1.00 33.36 ? 84  TRP A CD2 1 
ATOM   669  N  NE1 . TRP A 1 84  ? 21.927  11.989  7.906   1.00 34.22 ? 84  TRP A NE1 1 
ATOM   670  C  CE2 . TRP A 1 84  ? 21.364  12.867  7.020   1.00 35.97 ? 84  TRP A CE2 1 
ATOM   671  C  CE3 . TRP A 1 84  ? 19.266  14.045  6.753   1.00 36.77 ? 84  TRP A CE3 1 
ATOM   672  C  CZ2 . TRP A 1 84  ? 21.887  13.421  5.854   1.00 36.46 ? 84  TRP A CZ2 1 
ATOM   673  C  CZ3 . TRP A 1 84  ? 19.783  14.598  5.590   1.00 38.34 ? 84  TRP A CZ3 1 
ATOM   674  C  CH2 . TRP A 1 84  ? 21.086  14.280  5.153   1.00 38.90 ? 84  TRP A CH2 1 
ATOM   675  N  N   . ILE A 1 85  ? 16.310  11.059  11.187  1.00 28.70 ? 85  ILE A N   1 
ATOM   676  C  CA  . ILE A 1 85  ? 15.108  11.265  11.992  1.00 27.93 ? 85  ILE A CA  1 
ATOM   677  C  C   . ILE A 1 85  ? 14.462  9.992   12.532  1.00 27.63 ? 85  ILE A C   1 
ATOM   678  O  O   . ILE A 1 85  ? 13.558  10.061  13.349  1.00 29.32 ? 85  ILE A O   1 
ATOM   679  C  CB  . ILE A 1 85  ? 14.045  12.056  11.188  1.00 28.11 ? 85  ILE A CB  1 
ATOM   680  C  CG1 . ILE A 1 85  ? 13.680  11.293  9.921   1.00 29.21 ? 85  ILE A CG1 1 
ATOM   681  C  CG2 . ILE A 1 85  ? 14.581  13.457  10.852  1.00 28.81 ? 85  ILE A CG2 1 
ATOM   682  C  CD1 . ILE A 1 85  ? 12.579  11.942  9.081   1.00 30.29 ? 85  ILE A CD1 1 
ATOM   683  N  N   . GLY A 1 86  ? 14.913  8.828   12.082  1.00 26.69 ? 86  GLY A N   1 
ATOM   684  C  CA  . GLY A 1 86  ? 14.352  7.591   12.590  1.00 23.62 ? 86  GLY A CA  1 
ATOM   685  C  C   . GLY A 1 86  ? 13.202  6.943   11.818  1.00 23.13 ? 86  GLY A C   1 
ATOM   686  O  O   . GLY A 1 86  ? 13.132  7.028   10.586  1.00 22.27 ? 86  GLY A O   1 
ATOM   687  N  N   . LYS A 1 87  ? 12.305  6.308   12.573  1.00 20.25 ? 87  LYS A N   1 
ATOM   688  C  CA  . LYS A 1 87  ? 11.153  5.575   12.039  1.00 20.80 ? 87  LYS A CA  1 
ATOM   689  C  C   . LYS A 1 87  ? 10.203  6.357   11.141  1.00 18.71 ? 87  LYS A C   1 
ATOM   690  O  O   . LYS A 1 87  ? 9.855   7.488   11.433  1.00 17.64 ? 87  LYS A O   1 
ATOM   691  C  CB  . LYS A 1 87  ? 10.352  4.977   13.198  1.00 21.97 ? 87  LYS A CB  1 
ATOM   692  C  CG  . LYS A 1 87  ? 11.086  3.878   13.951  1.00 22.94 ? 87  LYS A CG  1 
ATOM   693  C  CD  . LYS A 1 87  ? 10.417  3.554   15.284  1.00 25.21 ? 87  LYS A CD  1 
ATOM   694  C  CE  . LYS A 1 87  ? 10.652  4.679   16.298  1.00 26.86 ? 87  LYS A CE  1 
ATOM   695  N  NZ  . LYS A 1 87  ? 10.044  4.380   17.623  1.00 32.69 ? 87  LYS A NZ  1 
ATOM   696  N  N   . LEU A 1 88  ? 9.769   5.707   10.065  1.00 16.86 ? 88  LEU A N   1 
ATOM   697  C  CA  . LEU A 1 88  ? 8.834   6.281   9.106   1.00 16.43 ? 88  LEU A CA  1 
ATOM   698  C  C   . LEU A 1 88  ? 7.818   5.209   8.708   1.00 12.16 ? 88  LEU A C   1 
ATOM   699  O  O   . LEU A 1 88  ? 8.126   4.020   8.723   1.00 13.75 ? 88  LEU A O   1 
ATOM   700  C  CB  . LEU A 1 88  ? 9.567   6.736   7.840   1.00 15.25 ? 88  LEU A CB  1 
ATOM   701  C  CG  . LEU A 1 88  ? 10.559  7.906   7.901   1.00 18.50 ? 88  LEU A CG  1 
ATOM   702  C  CD1 . LEU A 1 88  ? 11.218  8.039   6.537   1.00 20.81 ? 88  LEU A CD1 1 
ATOM   703  C  CD2 . LEU A 1 88  ? 9.826   9.222   8.248   1.00 20.45 ? 88  LEU A CD2 1 
ATOM   704  N  N   . LEU A 1 89  ? 6.607   5.624   8.376   1.00 13.02 ? 89  LEU A N   1 
ATOM   705  C  CA  . LEU A 1 89  ? 5.618   4.665   7.912   1.00 13.33 ? 89  LEU A CA  1 
ATOM   706  C  C   . LEU A 1 89  ? 5.583   4.933   6.395   1.00 12.89 ? 89  LEU A C   1 
ATOM   707  O  O   . LEU A 1 89  ? 5.355   6.051   5.970   1.00 14.43 ? 89  LEU A O   1 
ATOM   708  C  CB  . LEU A 1 89  ? 4.239   4.893   8.566   1.00 12.95 ? 89  LEU A CB  1 
ATOM   709  C  CG  . LEU A 1 89  ? 3.276   3.719   8.256   1.00 16.99 ? 89  LEU A CG  1 
ATOM   710  C  CD1 . LEU A 1 89  ? 2.133   3.661   9.284   1.00 17.44 ? 89  LEU A CD1 1 
ATOM   711  C  CD2 . LEU A 1 89  ? 2.738   3.845   6.824   1.00 12.94 ? 89  LEU A CD2 1 
ATOM   712  N  N   . TYR A 1 90  ? 5.841   3.918   5.588   1.00 12.62 ? 90  TYR A N   1 
ATOM   713  C  CA  . TYR A 1 90  ? 5.873   4.116   4.150   1.00 12.34 ? 90  TYR A CA  1 
ATOM   714  C  C   . TYR A 1 90  ? 4.642   3.473   3.523   1.00 10.30 ? 90  TYR A C   1 
ATOM   715  O  O   . TYR A 1 90  ? 4.459   2.247   3.571   1.00 11.78 ? 90  TYR A O   1 
ATOM   716  C  CB  . TYR A 1 90  ? 7.179   3.536   3.534   1.00 12.42 ? 90  TYR A CB  1 
ATOM   717  C  CG  . TYR A 1 90  ? 7.389   3.979   2.085   1.00 12.73 ? 90  TYR A CG  1 
ATOM   718  C  CD1 . TYR A 1 90  ? 8.008   5.199   1.783   1.00 14.83 ? 90  TYR A CD1 1 
ATOM   719  C  CD2 . TYR A 1 90  ? 6.815   3.257   1.034   1.00 13.08 ? 90  TYR A CD2 1 
ATOM   720  C  CE1 . TYR A 1 90  ? 8.029   5.690   0.469   1.00 15.52 ? 90  TYR A CE1 1 
ATOM   721  C  CE2 . TYR A 1 90  ? 6.831   3.732   -0.276  1.00 15.13 ? 90  TYR A CE2 1 
ATOM   722  C  CZ  . TYR A 1 90  ? 7.429   4.951   -0.553  1.00 16.69 ? 90  TYR A CZ  1 
ATOM   723  O  OH  . TYR A 1 90  ? 7.366   5.446   -1.837  1.00 15.25 ? 90  TYR A OH  1 
ATOM   724  N  N   . LEU A 1 91  ? 3.791   4.307   2.942   1.00 11.58 ? 91  LEU A N   1 
ATOM   725  C  CA  . LEU A 1 91  ? 2.571   3.799   2.304   1.00 13.27 ? 91  LEU A CA  1 
ATOM   726  C  C   . LEU A 1 91  ? 2.912   3.482   0.837   1.00 11.85 ? 91  LEU A C   1 
ATOM   727  O  O   . LEU A 1 91  ? 3.164   4.386   0.038   1.00 14.37 ? 91  LEU A O   1 
ATOM   728  C  CB  . LEU A 1 91  ? 1.448   4.848   2.427   1.00 13.33 ? 91  LEU A CB  1 
ATOM   729  C  CG  . LEU A 1 91  ? 0.118   4.607   1.711   1.00 14.90 ? 91  LEU A CG  1 
ATOM   730  C  CD1 . LEU A 1 91  ? -0.554  3.336   2.197   1.00 13.36 ? 91  LEU A CD1 1 
ATOM   731  C  CD2 . LEU A 1 91  ? -0.764  5.818   1.962   1.00 14.94 ? 91  LEU A CD2 1 
ATOM   732  N  N   . GLU A 1 92  ? 2.934   2.193   0.513   1.00 12.49 ? 92  GLU A N   1 
ATOM   733  C  CA  . GLU A 1 92  ? 3.290   1.669   -0.820  1.00 14.58 ? 92  GLU A CA  1 
ATOM   734  C  C   . GLU A 1 92  ? 2.156   1.639   -1.875  1.00 14.27 ? 92  GLU A C   1 
ATOM   735  O  O   . GLU A 1 92  ? 2.346   2.074   -3.006  1.00 14.10 ? 92  GLU A O   1 
ATOM   736  C  CB  . GLU A 1 92  ? 3.850   0.248   -0.646  1.00 15.41 ? 92  GLU A CB  1 
ATOM   737  C  CG  . GLU A 1 92  ? 4.280   -0.449  -1.923  1.00 17.72 ? 92  GLU A CG  1 
ATOM   738  C  CD  . GLU A 1 92  ? 5.451   0.239   -2.581  1.00 19.47 ? 92  GLU A CD  1 
ATOM   739  O  OE1 . GLU A 1 92  ? 6.286   0.807   -1.844  1.00 17.06 ? 92  GLU A OE1 1 
ATOM   740  O  OE2 . GLU A 1 92  ? 5.546   0.210   -3.829  1.00 18.90 ? 92  GLU A OE2 1 
ATOM   741  N  N   . ASP A 1 93  ? 1.001   1.104   -1.483  1.00 14.07 ? 93  ASP A N   1 
ATOM   742  C  CA  . ASP A 1 93  ? -0.181  0.994   -2.332  1.00 15.23 ? 93  ASP A CA  1 
ATOM   743  C  C   . ASP A 1 93  ? -1.407  1.435   -1.553  1.00 14.14 ? 93  ASP A C   1 
ATOM   744  O  O   . ASP A 1 93  ? -1.530  1.165   -0.369  1.00 13.97 ? 93  ASP A O   1 
ATOM   745  C  CB  . ASP A 1 93  ? -0.381  -0.446  -2.794  1.00 16.06 ? 93  ASP A CB  1 
ATOM   746  C  CG  . ASP A 1 93  ? 0.102   -0.667  -4.185  1.00 20.11 ? 93  ASP A CG  1 
ATOM   747  O  OD1 . ASP A 1 93  ? 0.934   0.128   -4.664  1.00 20.40 ? 93  ASP A OD1 1 
ATOM   748  O  OD2 . ASP A 1 93  ? -0.349  -1.658  -4.799  1.00 26.65 ? 93  ASP A OD2 1 
ATOM   749  N  N   . PHE A 1 94  ? -2.322  2.100   -2.242  1.00 15.46 ? 94  PHE A N   1 
ATOM   750  C  CA  . PHE A 1 94  ? -3.521  2.639   -1.616  1.00 16.21 ? 94  PHE A CA  1 
ATOM   751  C  C   . PHE A 1 94  ? -4.544  2.685   -2.746  1.00 16.80 ? 94  PHE A C   1 
ATOM   752  O  O   . PHE A 1 94  ? -4.369  3.405   -3.717  1.00 18.23 ? 94  PHE A O   1 
ATOM   753  C  CB  . PHE A 1 94  ? -3.186  4.043   -1.075  1.00 16.29 ? 94  PHE A CB  1 
ATOM   754  C  CG  . PHE A 1 94  ? -4.303  4.701   -0.305  1.00 16.96 ? 94  PHE A CG  1 
ATOM   755  C  CD1 . PHE A 1 94  ? -5.312  3.946   0.290   1.00 17.42 ? 94  PHE A CD1 1 
ATOM   756  C  CD2 . PHE A 1 94  ? -4.295  6.073   -0.105  1.00 17.93 ? 94  PHE A CD2 1 
ATOM   757  C  CE1 . PHE A 1 94  ? -6.285  4.562   1.076   1.00 18.42 ? 94  PHE A CE1 1 
ATOM   758  C  CE2 . PHE A 1 94  ? -5.268  6.694   0.682   1.00 20.91 ? 94  PHE A CE2 1 
ATOM   759  C  CZ  . PHE A 1 94  ? -6.255  5.941   1.271   1.00 17.51 ? 94  PHE A CZ  1 
ATOM   760  N  N   . PHE A 1 95  ? -5.628  1.932   -2.596  1.00 17.45 ? 95  PHE A N   1 
ATOM   761  C  CA  . PHE A 1 95  ? -6.604  1.836   -3.673  1.00 18.23 ? 95  PHE A CA  1 
ATOM   762  C  C   . PHE A 1 95  ? -7.977  1.417   -3.196  1.00 17.52 ? 95  PHE A C   1 
ATOM   763  O  O   . PHE A 1 95  ? -8.095  0.552   -2.319  1.00 16.18 ? 95  PHE A O   1 
ATOM   764  C  CB  . PHE A 1 95  ? -6.086  0.780   -4.662  1.00 18.88 ? 95  PHE A CB  1 
ATOM   765  C  CG  . PHE A 1 95  ? -7.023  0.460   -5.790  1.00 20.36 ? 95  PHE A CG  1 
ATOM   766  C  CD1 . PHE A 1 95  ? -6.995  1.200   -6.964  1.00 19.41 ? 95  PHE A CD1 1 
ATOM   767  C  CD2 . PHE A 1 95  ? -7.902  -0.618  -5.698  1.00 21.33 ? 95  PHE A CD2 1 
ATOM   768  C  CE1 . PHE A 1 95  ? -7.829  0.869   -8.041  1.00 20.77 ? 95  PHE A CE1 1 
ATOM   769  C  CE2 . PHE A 1 95  ? -8.739  -0.954  -6.763  1.00 21.80 ? 95  PHE A CE2 1 
ATOM   770  C  CZ  . PHE A 1 95  ? -8.702  -0.208  -7.938  1.00 19.00 ? 95  PHE A CZ  1 
ATOM   771  N  N   . VAL A 1 96  ? -9.006  2.061   -3.752  1.00 16.51 ? 96  VAL A N   1 
ATOM   772  C  CA  . VAL A 1 96  ? -10.395 1.701   -3.472  1.00 16.81 ? 96  VAL A CA  1 
ATOM   773  C  C   . VAL A 1 96  ? -11.072 1.493   -4.841  1.00 16.42 ? 96  VAL A C   1 
ATOM   774  O  O   . VAL A 1 96  ? -10.894 2.291   -5.764  1.00 17.71 ? 96  VAL A O   1 
ATOM   775  C  CB  . VAL A 1 96  ? -11.153 2.799   -2.669  1.00 16.18 ? 96  VAL A CB  1 
ATOM   776  C  CG1 . VAL A 1 96  ? -12.622 2.398   -2.513  1.00 18.00 ? 96  VAL A CG1 1 
ATOM   777  C  CG2 . VAL A 1 96  ? -10.538 2.962   -1.249  1.00 17.29 ? 96  VAL A CG2 1 
HETATM 778  N  N   . MSE A 1 97  ? -11.818 0.406   -4.977  1.00 18.90 ? 97  MSE A N   1 
HETATM 779  C  CA  . MSE A 1 97  ? -12.511 0.090   -6.223  1.00 20.76 ? 97  MSE A CA  1 
HETATM 780  C  C   . MSE A 1 97  ? -13.401 1.276   -6.636  1.00 21.80 ? 97  MSE A C   1 
HETATM 781  O  O   . MSE A 1 97  ? -14.048 1.883   -5.794  1.00 20.28 ? 97  MSE A O   1 
HETATM 782  C  CB  . MSE A 1 97  ? -13.355 -1.165  -6.034  1.00 24.65 ? 97  MSE A CB  1 
HETATM 783  C  CG  . MSE A 1 97  ? -12.537 -2.429  -5.779  1.00 26.93 ? 97  MSE A CG  1 
HETATM 784  SE SE  . MSE A 1 97  ? -13.613 -3.960  -5.379  1.00 34.24 ? 97  MSE A SE  1 
HETATM 785  C  CE  . MSE A 1 97  ? -14.118 -4.360  -7.199  1.00 31.69 ? 97  MSE A CE  1 
ATOM   786  N  N   . SER A 1 98  ? -13.404 1.598   -7.931  1.00 22.01 ? 98  SER A N   1 
ATOM   787  C  CA  . SER A 1 98  ? -14.181 2.721   -8.470  1.00 25.05 ? 98  SER A CA  1 
ATOM   788  C  C   . SER A 1 98  ? -15.544 2.953   -7.799  1.00 25.56 ? 98  SER A C   1 
ATOM   789  O  O   . SER A 1 98  ? -15.754 3.960   -7.132  1.00 27.22 ? 98  SER A O   1 
ATOM   790  C  CB  . SER A 1 98  ? -14.388 2.522   -9.980  1.00 25.70 ? 98  SER A CB  1 
ATOM   791  O  OG  . SER A 1 98  ? -14.506 3.776   -10.628 1.00 31.58 ? 98  SER A OG  1 
ATOM   792  N  N   . ASP A 1 99  ? -16.457 2.005   -7.980  1.00 27.01 ? 99  ASP A N   1 
ATOM   793  C  CA  . ASP A 1 99  ? -17.805 2.080   -7.421  1.00 27.38 ? 99  ASP A CA  1 
ATOM   794  C  C   . ASP A 1 99  ? -17.865 2.245   -5.897  1.00 27.36 ? 99  ASP A C   1 
ATOM   795  O  O   . ASP A 1 99  ? -18.951 2.380   -5.328  1.00 24.50 ? 99  ASP A O   1 
ATOM   796  C  CB  . ASP A 1 99  ? -18.613 0.823   -7.814  1.00 30.89 ? 99  ASP A CB  1 
ATOM   797  C  CG  . ASP A 1 99  ? -18.791 0.670   -9.338  1.00 32.73 ? 99  ASP A CG  1 
ATOM   798  O  OD1 . ASP A 1 99  ? -18.284 1.519   -10.102 1.00 35.04 ? 99  ASP A OD1 1 
ATOM   799  O  OD2 . ASP A 1 99  ? -19.438 -0.312  -9.774  1.00 33.81 ? 99  ASP A OD2 1 
ATOM   800  N  N   . TYR A 1 100 ? -16.716 2.252   -5.222  1.00 24.62 ? 100 TYR A N   1 
ATOM   801  C  CA  . TYR A 1 100 ? -16.752 2.394   -3.773  1.00 23.67 ? 100 TYR A CA  1 
ATOM   802  C  C   . TYR A 1 100 ? -16.036 3.630   -3.235  1.00 22.34 ? 100 TYR A C   1 
ATOM   803  O  O   . TYR A 1 100 ? -15.910 3.795   -2.027  1.00 22.31 ? 100 TYR A O   1 
ATOM   804  C  CB  . TYR A 1 100 ? -16.205 1.118   -3.123  1.00 24.10 ? 100 TYR A CB  1 
ATOM   805  C  CG  . TYR A 1 100 ? -17.104 -0.093  -3.311  1.00 23.91 ? 100 TYR A CG  1 
ATOM   806  C  CD1 . TYR A 1 100 ? -18.128 -0.374  -2.413  1.00 26.05 ? 100 TYR A CD1 1 
ATOM   807  C  CD2 . TYR A 1 100 ? -16.941 -0.949  -4.409  1.00 26.30 ? 100 TYR A CD2 1 
ATOM   808  C  CE1 . TYR A 1 100 ? -18.981 -1.486  -2.594  1.00 27.19 ? 100 TYR A CE1 1 
ATOM   809  C  CE2 . TYR A 1 100 ? -17.782 -2.065  -4.604  1.00 26.02 ? 100 TYR A CE2 1 
ATOM   810  C  CZ  . TYR A 1 100 ? -18.798 -2.327  -3.690  1.00 28.55 ? 100 TYR A CZ  1 
ATOM   811  O  OH  . TYR A 1 100 ? -19.593 -3.446  -3.844  1.00 28.82 ? 100 TYR A OH  1 
ATOM   812  N  N   . ARG A 1 101 ? -15.602 4.496   -4.153  1.00 22.79 ? 101 ARG A N   1 
ATOM   813  C  CA  . ARG A 1 101 ? -14.897 5.735   -3.839  1.00 22.78 ? 101 ARG A CA  1 
ATOM   814  C  C   . ARG A 1 101 ? -15.854 6.880   -3.492  1.00 24.10 ? 101 ARG A C   1 
ATOM   815  O  O   . ARG A 1 101 ? -17.043 6.819   -3.791  1.00 23.76 ? 101 ARG A O   1 
ATOM   816  C  CB  . ARG A 1 101 ? -14.027 6.170   -5.025  1.00 20.01 ? 101 ARG A CB  1 
ATOM   817  C  CG  . ARG A 1 101 ? -12.972 5.164   -5.404  1.00 21.48 ? 101 ARG A CG  1 
ATOM   818  C  CD  . ARG A 1 101 ? -12.118 5.613   -6.576  1.00 22.27 ? 101 ARG A CD  1 
ATOM   819  N  NE  . ARG A 1 101 ? -11.304 4.486   -7.021  1.00 23.50 ? 101 ARG A NE  1 
ATOM   820  C  CZ  . ARG A 1 101 ? -10.794 4.353   -8.233  1.00 20.79 ? 101 ARG A CZ  1 
ATOM   821  N  NH1 . ARG A 1 101 ? -11.005 5.293   -9.136  1.00 22.79 ? 101 ARG A NH1 1 
ATOM   822  N  NH2 . ARG A 1 101 ? -10.101 3.257   -8.547  1.00 20.84 ? 101 ARG A NH2 1 
ATOM   823  N  N   . GLY A 1 102 ? -15.320 7.918   -2.859  1.00 24.22 ? 102 GLY A N   1 
ATOM   824  C  CA  . GLY A 1 102 ? -16.126 9.068   -2.477  1.00 25.24 ? 102 GLY A CA  1 
ATOM   825  C  C   . GLY A 1 102 ? -17.131 8.771   -1.384  1.00 26.56 ? 102 GLY A C   1 
ATOM   826  O  O   . GLY A 1 102 ? -18.097 9.522   -1.191  1.00 27.19 ? 102 GLY A O   1 
ATOM   827  N  N   . PHE A 1 103 ? -16.904 7.672   -0.674  1.00 26.95 ? 103 PHE A N   1 
ATOM   828  C  CA  . PHE A 1 103 ? -17.773 7.239   0.412   1.00 26.46 ? 103 PHE A CA  1 
ATOM   829  C  C   . PHE A 1 103 ? -17.111 7.461   1.764   1.00 26.59 ? 103 PHE A C   1 
ATOM   830  O  O   . PHE A 1 103 ? -17.753 7.323   2.803   1.00 26.45 ? 103 PHE A O   1 
ATOM   831  C  CB  . PHE A 1 103 ? -18.093 5.748   0.268   1.00 31.46 ? 103 PHE A CB  1 
ATOM   832  C  CG  . PHE A 1 103 ? -19.092 5.423   -0.827  1.00 34.39 ? 103 PHE A CG  1 
ATOM   833  C  CD1 . PHE A 1 103 ? -19.137 6.167   -2.002  1.00 36.84 ? 103 PHE A CD1 1 
ATOM   834  C  CD2 . PHE A 1 103 ? -19.966 4.346   -0.680  1.00 36.60 ? 103 PHE A CD2 1 
ATOM   835  C  CE1 . PHE A 1 103 ? -20.042 5.850   -3.029  1.00 38.93 ? 103 PHE A CE1 1 
ATOM   836  C  CE2 . PHE A 1 103 ? -20.880 4.008   -1.695  1.00 38.25 ? 103 PHE A CE2 1 
ATOM   837  C  CZ  . PHE A 1 103 ? -20.917 4.765   -2.872  1.00 39.54 ? 103 PHE A CZ  1 
ATOM   838  N  N   . GLY A 1 104 ? -15.818 7.782   1.750   1.00 24.13 ? 104 GLY A N   1 
ATOM   839  C  CA  . GLY A 1 104 ? -15.099 8.008   2.988   1.00 22.60 ? 104 GLY A CA  1 
ATOM   840  C  C   . GLY A 1 104 ? -14.205 6.846   3.406   1.00 20.31 ? 104 GLY A C   1 
ATOM   841  O  O   . GLY A 1 104 ? -13.565 6.898   4.459   1.00 19.84 ? 104 GLY A O   1 
ATOM   842  N  N   . ILE A 1 105 ? -14.138 5.810   2.572   1.00 18.32 ? 105 ILE A N   1 
ATOM   843  C  CA  . ILE A 1 105 ? -13.314 4.640   2.884   1.00 17.40 ? 105 ILE A CA  1 
ATOM   844  C  C   . ILE A 1 105 ? -11.819 4.989   2.926   1.00 18.91 ? 105 ILE A C   1 
ATOM   845  O  O   . ILE A 1 105 ? -11.112 4.633   3.881   1.00 18.68 ? 105 ILE A O   1 
ATOM   846  C  CB  . ILE A 1 105 ? -13.554 3.505   1.849   1.00 17.26 ? 105 ILE A CB  1 
ATOM   847  C  CG1 . ILE A 1 105 ? -14.921 2.859   2.109   1.00 17.71 ? 105 ILE A CG1 1 
ATOM   848  C  CG2 . ILE A 1 105 ? -12.407 2.498   1.886   1.00 17.73 ? 105 ILE A CG2 1 
ATOM   849  C  CD1 . ILE A 1 105 ? -15.343 1.789   1.086   1.00 17.61 ? 105 ILE A CD1 1 
ATOM   850  N  N   . GLY A 1 106 ? -11.351 5.681   1.889   1.00 19.20 ? 106 GLY A N   1 
ATOM   851  C  CA  . GLY A 1 106 ? -9.952  6.072   1.820   1.00 19.64 ? 106 GLY A CA  1 
ATOM   852  C  C   . GLY A 1 106 ? -9.578  6.974   2.979   1.00 19.12 ? 106 GLY A C   1 
ATOM   853  O  O   . GLY A 1 106 ? -8.515  6.814   3.572   1.00 17.79 ? 106 GLY A O   1 
ATOM   854  N  N   . SER A 1 107 ? -10.454 7.912   3.327   1.00 17.82 ? 107 SER A N   1 
ATOM   855  C  CA  . SER A 1 107 ? -10.165 8.806   4.445   1.00 18.45 ? 107 SER A CA  1 
ATOM   856  C  C   . SER A 1 107 ? -10.002 8.019   5.709   1.00 18.79 ? 107 SER A C   1 
ATOM   857  O  O   . SER A 1 107 ? -9.147  8.324   6.515   1.00 18.55 ? 107 SER A O   1 
ATOM   858  C  CB  . SER A 1 107 ? -11.289 9.822   4.673   1.00 21.20 ? 107 SER A CB  1 
ATOM   859  O  OG  . SER A 1 107 ? -11.335 10.788  3.654   1.00 21.27 ? 107 SER A OG  1 
ATOM   860  N  N   . GLU A 1 108 ? -10.847 7.012   5.891   1.00 19.34 ? 108 GLU A N   1 
ATOM   861  C  CA  . GLU A 1 108 ? -10.796 6.199   7.098   1.00 19.87 ? 108 GLU A CA  1 
ATOM   862  C  C   . GLU A 1 108 ? -9.527  5.339   7.116   1.00 18.50 ? 108 GLU A C   1 
ATOM   863  O  O   . GLU A 1 108 ? -8.898  5.173   8.168   1.00 17.82 ? 108 GLU A O   1 
ATOM   864  C  CB  . GLU A 1 108 ? -12.058 5.339   7.196   1.00 20.01 ? 108 GLU A CB  1 
ATOM   865  C  CG  . GLU A 1 108 ? -12.290 4.675   8.537   1.00 26.98 ? 108 GLU A CG  1 
ATOM   866  C  CD  . GLU A 1 108 ? -12.444 5.669   9.670   1.00 30.05 ? 108 GLU A CD  1 
ATOM   867  O  OE1 . GLU A 1 108 ? -13.094 6.713   9.472   1.00 32.30 ? 108 GLU A OE1 1 
ATOM   868  O  OE2 . GLU A 1 108 ? -11.921 5.399   10.769  1.00 34.13 ? 108 GLU A OE2 1 
ATOM   869  N  N   . ILE A 1 109 ? -9.158  4.789   5.969   1.00 17.59 ? 109 ILE A N   1 
ATOM   870  C  CA  . ILE A 1 109 ? -7.928  4.015   5.895   1.00 16.76 ? 109 ILE A CA  1 
ATOM   871  C  C   . ILE A 1 109 ? -6.754  4.911   6.327   1.00 17.02 ? 109 ILE A C   1 
ATOM   872  O  O   . ILE A 1 109 ? -5.916  4.506   7.149   1.00 15.91 ? 109 ILE A O   1 
ATOM   873  C  CB  . ILE A 1 109 ? -7.680  3.489   4.469   1.00 15.98 ? 109 ILE A CB  1 
ATOM   874  C  CG1 . ILE A 1 109 ? -8.736  2.439   4.133   1.00 17.07 ? 109 ILE A CG1 1 
ATOM   875  C  CG2 . ILE A 1 109 ? -6.282  2.852   4.371   1.00 16.58 ? 109 ILE A CG2 1 
ATOM   876  C  CD1 . ILE A 1 109 ? -8.810  2.074   2.713   1.00 17.35 ? 109 ILE A CD1 1 
ATOM   877  N  N   . LEU A 1 110 ? -6.715  6.135   5.808   1.00 16.91 ? 110 LEU A N   1 
ATOM   878  C  CA  . LEU A 1 110 ? -5.625  7.046   6.139   1.00 18.41 ? 110 LEU A CA  1 
ATOM   879  C  C   . LEU A 1 110 ? -5.629  7.386   7.632   1.00 20.14 ? 110 LEU A C   1 
ATOM   880  O  O   . LEU A 1 110 ? -4.567  7.590   8.246   1.00 17.58 ? 110 LEU A O   1 
ATOM   881  C  CB  . LEU A 1 110 ? -5.704  8.321   5.283   1.00 19.15 ? 110 LEU A CB  1 
ATOM   882  C  CG  . LEU A 1 110 ? -4.458  9.219   5.239   1.00 21.35 ? 110 LEU A CG  1 
ATOM   883  C  CD1 . LEU A 1 110 ? -3.245  8.395   4.888   1.00 23.26 ? 110 LEU A CD1 1 
ATOM   884  C  CD2 . LEU A 1 110 ? -4.655  10.324  4.210   1.00 23.03 ? 110 LEU A CD2 1 
ATOM   885  N  N   . LYS A 1 111 ? -6.823  7.453   8.217   1.00 19.02 ? 111 LYS A N   1 
ATOM   886  C  CA  . LYS A 1 111 ? -6.935  7.728   9.648   1.00 19.82 ? 111 LYS A CA  1 
ATOM   887  C  C   . LYS A 1 111 ? -6.320  6.558   10.380  1.00 17.85 ? 111 LYS A C   1 
ATOM   888  O  O   . LYS A 1 111 ? -5.587  6.741   11.347  1.00 17.59 ? 111 LYS A O   1 
ATOM   889  C  CB  . LYS A 1 111 ? -8.412  7.848   10.085  1.00 20.86 ? 111 LYS A CB  1 
ATOM   890  C  CG  . LYS A 1 111 ? -8.601  7.872   11.599  1.00 24.76 ? 111 LYS A CG  1 
ATOM   891  C  CD  . LYS A 1 111 ? -10.048 8.140   12.001  1.00 27.51 ? 111 LYS A CD  1 
ATOM   892  C  CE  . LYS A 1 111 ? -10.115 8.613   13.449  1.00 32.90 ? 111 LYS A CE  1 
ATOM   893  N  NZ  . LYS A 1 111 ? -11.464 9.117   13.868  1.00 36.29 ? 111 LYS A NZ  1 
ATOM   894  N  N   . ASN A 1 112 ? -6.649  5.347   9.939   1.00 17.02 ? 112 ASN A N   1 
ATOM   895  C  CA  . ASN A 1 112 ? -6.101  4.172   10.581  1.00 19.71 ? 112 ASN A CA  1 
ATOM   896  C  C   . ASN A 1 112 ? -4.573  4.131   10.484  1.00 18.15 ? 112 ASN A C   1 
ATOM   897  O  O   . ASN A 1 112 ? -3.890  3.778   11.432  1.00 17.11 ? 112 ASN A O   1 
ATOM   898  C  CB  . ASN A 1 112 ? -6.683  2.900   9.979   1.00 22.84 ? 112 ASN A CB  1 
ATOM   899  C  CG  . ASN A 1 112 ? -7.848  2.370   10.778  1.00 30.37 ? 112 ASN A CG  1 
ATOM   900  O  OD1 . ASN A 1 112 ? -8.934  2.932   10.746  1.00 33.21 ? 112 ASN A OD1 1 
ATOM   901  N  ND2 . ASN A 1 112 ? -7.622  1.292   11.518  1.00 33.02 ? 112 ASN A ND2 1 
ATOM   902  N  N   . LEU A 1 113 ? -4.050  4.468   9.317   1.00 18.15 ? 113 LEU A N   1 
ATOM   903  C  CA  . LEU A 1 113 ? -2.612  4.465   9.117   1.00 17.02 ? 113 LEU A CA  1 
ATOM   904  C  C   . LEU A 1 113 ? -1.948  5.481   10.045  1.00 16.86 ? 113 LEU A C   1 
ATOM   905  O  O   . LEU A 1 113 ? -0.903  5.209   10.638  1.00 17.66 ? 113 LEU A O   1 
ATOM   906  C  CB  . LEU A 1 113 ? -2.300  4.806   7.669   1.00 16.61 ? 113 LEU A CB  1 
ATOM   907  C  CG  . LEU A 1 113 ? -2.672  3.723   6.660   1.00 16.21 ? 113 LEU A CG  1 
ATOM   908  C  CD1 . LEU A 1 113 ? -2.538  4.315   5.276   1.00 14.56 ? 113 LEU A CD1 1 
ATOM   909  C  CD2 . LEU A 1 113 ? -1.781  2.492   6.831   1.00 19.51 ? 113 LEU A CD2 1 
ATOM   910  N  N   . SER A 1 114 ? -2.577  6.644   10.186  1.00 17.06 ? 114 SER A N   1 
ATOM   911  C  CA  . SER A 1 114 ? -2.037  7.693   11.023  1.00 17.31 ? 114 SER A CA  1 
ATOM   912  C  C   . SER A 1 114 ? -1.929  7.228   12.463  1.00 17.99 ? 114 SER A C   1 
ATOM   913  O  O   . SER A 1 114 ? -0.994  7.592   13.173  1.00 15.43 ? 114 SER A O   1 
ATOM   914  C  CB  . SER A 1 114 ? -2.901  8.951   10.915  1.00 20.43 ? 114 SER A CB  1 
ATOM   915  O  OG  . SER A 1 114 ? -2.944  9.424   9.568   1.00 22.96 ? 114 SER A OG  1 
ATOM   916  N  N   . GLN A 1 115 ? -2.879  6.416   12.895  1.00 16.59 ? 115 GLN A N   1 
ATOM   917  C  CA  . GLN A 1 115 ? -2.830  5.914   14.263  1.00 17.62 ? 115 GLN A CA  1 
ATOM   918  C  C   . GLN A 1 115 ? -1.727  4.887   14.376  1.00 16.24 ? 115 GLN A C   1 
ATOM   919  O  O   . GLN A 1 115 ? -1.030  4.834   15.382  1.00 15.58 ? 115 GLN A O   1 
ATOM   920  C  CB  . GLN A 1 115 ? -4.183  5.318   14.667  1.00 18.17 ? 115 GLN A CB  1 
ATOM   921  C  CG  . GLN A 1 115 ? -5.244  6.398   14.838  1.00 16.17 ? 115 GLN A CG  1 
ATOM   922  C  CD  . GLN A 1 115 ? -6.646  5.836   15.021  1.00 21.79 ? 115 GLN A CD  1 
ATOM   923  O  OE1 . GLN A 1 115 ? -7.595  6.591   15.212  1.00 22.22 ? 115 GLN A OE1 1 
ATOM   924  N  NE2 . GLN A 1 115 ? -6.779  4.511   14.965  1.00 21.82 ? 115 GLN A NE2 1 
ATOM   925  N  N   . VAL A 1 116 ? -1.564  4.085   13.325  1.00 17.72 ? 116 VAL A N   1 
ATOM   926  C  CA  . VAL A 1 116 ? -0.521  3.075   13.303  1.00 16.87 ? 116 VAL A CA  1 
ATOM   927  C  C   . VAL A 1 116 ? 0.809   3.804   13.404  1.00 15.31 ? 116 VAL A C   1 
ATOM   928  O  O   . VAL A 1 116 ? 1.693   3.382   14.137  1.00 16.86 ? 116 VAL A O   1 
ATOM   929  C  CB  . VAL A 1 116 ? -0.563  2.258   11.991  1.00 18.96 ? 116 VAL A CB  1 
ATOM   930  C  CG1 . VAL A 1 116 ? 0.727   1.473   11.816  1.00 20.32 ? 116 VAL A CG1 1 
ATOM   931  C  CG2 . VAL A 1 116 ? -1.736  1.312   12.011  1.00 18.90 ? 116 VAL A CG2 1 
ATOM   932  N  N   . ALA A 1 117 ? 0.951   4.902   12.661  1.00 15.85 ? 117 ALA A N   1 
ATOM   933  C  CA  . ALA A 1 117 ? 2.172   5.701   12.684  1.00 16.65 ? 117 ALA A CA  1 
ATOM   934  C  C   . ALA A 1 117 ? 2.468   6.287   14.079  1.00 19.33 ? 117 ALA A C   1 
ATOM   935  O  O   . ALA A 1 117 ? 3.612   6.258   14.554  1.00 17.59 ? 117 ALA A O   1 
ATOM   936  C  CB  . ALA A 1 117 ? 2.078   6.827   11.656  1.00 16.48 ? 117 ALA A CB  1 
HETATM 937  N  N   . MSE A 1 118 ? 1.445   6.822   14.736  1.00 19.01 ? 118 MSE A N   1 
HETATM 938  C  CA  . MSE A 1 118 ? 1.645   7.389   16.064  1.00 19.21 ? 118 MSE A CA  1 
HETATM 939  C  C   . MSE A 1 118 ? 1.955   6.281   17.072  1.00 19.36 ? 118 MSE A C   1 
HETATM 940  O  O   . MSE A 1 118 ? 2.882   6.400   17.870  1.00 18.59 ? 118 MSE A O   1 
HETATM 941  C  CB  . MSE A 1 118 ? 0.410   8.176   16.505  1.00 21.20 ? 118 MSE A CB  1 
HETATM 942  C  CG  . MSE A 1 118 ? 0.108   9.441   15.667  1.00 26.58 ? 118 MSE A CG  1 
HETATM 943  SE SE  . MSE A 1 118 ? 1.508   10.786  15.519  1.00 34.17 ? 118 MSE A SE  1 
HETATM 944  C  CE  . MSE A 1 118 ? 1.597   11.374  17.363  1.00 33.17 ? 118 MSE A CE  1 
ATOM   945  N  N   . ARG A 1 119 ? 1.202   5.190   17.022  1.00 18.48 ? 119 ARG A N   1 
ATOM   946  C  CA  . ARG A 1 119 ? 1.440   4.090   17.944  1.00 17.72 ? 119 ARG A CA  1 
ATOM   947  C  C   . ARG A 1 119 ? 2.885   3.596   17.813  1.00 20.06 ? 119 ARG A C   1 
ATOM   948  O  O   . ARG A 1 119 ? 3.533   3.242   18.809  1.00 19.35 ? 119 ARG A O   1 
ATOM   949  C  CB  . ARG A 1 119 ? 0.457   2.942   17.674  1.00 16.35 ? 119 ARG A CB  1 
ATOM   950  C  CG  . ARG A 1 119 ? 0.658   1.734   18.578  1.00 17.41 ? 119 ARG A CG  1 
ATOM   951  C  CD  . ARG A 1 119 ? -0.487  0.741   18.499  1.00 17.96 ? 119 ARG A CD  1 
ATOM   952  N  NE  . ARG A 1 119 ? -0.790  0.270   17.149  1.00 19.66 ? 119 ARG A NE  1 
ATOM   953  C  CZ  . ARG A 1 119 ? -0.170  -0.720  16.521  1.00 20.29 ? 119 ARG A CZ  1 
ATOM   954  N  NH1 . ARG A 1 119 ? 0.824   -1.388  17.098  1.00 21.14 ? 119 ARG A NH1 1 
ATOM   955  N  NH2 . ARG A 1 119 ? -0.569  -1.059  15.307  1.00 24.61 ? 119 ARG A NH2 1 
ATOM   956  N  N   . CYS A 1 120 ? 3.393   3.581   16.585  1.00 20.62 ? 120 CYS A N   1 
ATOM   957  C  CA  . CYS A 1 120 ? 4.753   3.123   16.328  1.00 23.56 ? 120 CYS A CA  1 
ATOM   958  C  C   . CYS A 1 120 ? 5.787   4.234   16.504  1.00 21.92 ? 120 CYS A C   1 
ATOM   959  O  O   . CYS A 1 120 ? 6.984   4.017   16.337  1.00 23.44 ? 120 CYS A O   1 
ATOM   960  C  CB  . CYS A 1 120 ? 4.835   2.543   14.910  1.00 27.91 ? 120 CYS A CB  1 
ATOM   961  S  SG  . CYS A 1 120 ? 6.476   1.980   14.407  1.00 37.36 ? 120 CYS A SG  1 
ATOM   962  N  N   . ARG A 1 121 ? 5.319   5.424   16.846  1.00 22.00 ? 121 ARG A N   1 
ATOM   963  C  CA  . ARG A 1 121 ? 6.186   6.577   17.038  1.00 21.15 ? 121 ARG A CA  1 
ATOM   964  C  C   . ARG A 1 121 ? 6.976   6.922   15.784  1.00 21.46 ? 121 ARG A C   1 
ATOM   965  O  O   . ARG A 1 121 ? 8.163   7.211   15.848  1.00 18.65 ? 121 ARG A O   1 
ATOM   966  C  CB  . ARG A 1 121 ? 7.160   6.361   18.200  1.00 24.24 ? 121 ARG A CB  1 
ATOM   967  C  CG  . ARG A 1 121 ? 6.559   6.613   19.584  1.00 28.02 ? 121 ARG A CG  1 
ATOM   968  C  CD  . ARG A 1 121 ? 7.595   6.346   20.674  1.00 27.15 ? 121 ARG A CD  1 
ATOM   969  N  NE  . ARG A 1 121 ? 8.177   5.011   20.539  1.00 31.07 ? 121 ARG A NE  1 
ATOM   970  C  CZ  . ARG A 1 121 ? 7.529   3.869   20.780  1.00 33.58 ? 121 ARG A CZ  1 
ATOM   971  N  NH1 . ARG A 1 121 ? 6.258   3.877   21.186  1.00 33.62 ? 121 ARG A NH1 1 
ATOM   972  N  NH2 . ARG A 1 121 ? 8.155   2.713   20.605  1.00 36.76 ? 121 ARG A NH2 1 
ATOM   973  N  N   . CYS A 1 122 ? 6.316   6.885   14.637  1.00 20.25 ? 122 CYS A N   1 
ATOM   974  C  CA  . CYS A 1 122 ? 6.988   7.265   13.393  1.00 19.36 ? 122 CYS A CA  1 
ATOM   975  C  C   . CYS A 1 122 ? 6.846   8.792   13.345  1.00 18.73 ? 122 CYS A C   1 
ATOM   976  O  O   . CYS A 1 122 ? 5.833   9.340   13.760  1.00 20.81 ? 122 CYS A O   1 
ATOM   977  C  CB  . CYS A 1 122 ? 6.288   6.632   12.180  1.00 16.59 ? 122 CYS A CB  1 
ATOM   978  S  SG  . CYS A 1 122 ? 6.439   4.883   12.069  1.00 18.72 ? 122 CYS A SG  1 
ATOM   979  N  N   . SER A 1 123 ? 7.840   9.491   12.837  1.00 18.81 ? 123 SER A N   1 
ATOM   980  C  CA  . SER A 1 123 ? 7.710   10.933  12.805  1.00 18.93 ? 123 SER A CA  1 
ATOM   981  C  C   . SER A 1 123 ? 6.997   11.402  11.538  1.00 18.68 ? 123 SER A C   1 
ATOM   982  O  O   . SER A 1 123 ? 6.551   12.549  11.442  1.00 19.23 ? 123 SER A O   1 
ATOM   983  C  CB  . SER A 1 123 ? 9.084   11.585  12.928  1.00 19.02 ? 123 SER A CB  1 
ATOM   984  O  OG  . SER A 1 123 ? 9.836   11.433  11.750  1.00 22.84 ? 123 SER A OG  1 
ATOM   985  N  N   . SER A 1 124 ? 6.838   10.503  10.577  1.00 16.80 ? 124 SER A N   1 
ATOM   986  C  CA  . SER A 1 124 ? 6.181   10.909  9.345   1.00 17.47 ? 124 SER A CA  1 
ATOM   987  C  C   . SER A 1 124 ? 5.754   9.709   8.530   1.00 16.68 ? 124 SER A C   1 
ATOM   988  O  O   . SER A 1 124 ? 6.174   8.590   8.784   1.00 17.43 ? 124 SER A O   1 
ATOM   989  C  CB  . SER A 1 124 ? 7.135   11.791  8.529   1.00 17.87 ? 124 SER A CB  1 
ATOM   990  O  OG  . SER A 1 124 ? 6.578   12.211  7.300   1.00 20.52 ? 124 SER A OG  1 
HETATM 991  N  N   . MSE A 1 125 ? 4.885   9.960   7.560   1.00 17.80 ? 125 MSE A N   1 
HETATM 992  C  CA  . MSE A 1 125 ? 4.400   8.933   6.646   1.00 17.50 ? 125 MSE A CA  1 
HETATM 993  C  C   . MSE A 1 125 ? 4.808   9.464   5.263   1.00 13.23 ? 125 MSE A C   1 
HETATM 994  O  O   . MSE A 1 125 ? 4.583   10.634  4.952   1.00 13.70 ? 125 MSE A O   1 
HETATM 995  C  CB  . MSE A 1 125 ? 2.876   8.808   6.730   1.00 18.95 ? 125 MSE A CB  1 
HETATM 996  C  CG  . MSE A 1 125 ? 2.310   7.686   5.850   1.00 22.69 ? 125 MSE A CG  1 
HETATM 997  SE SE  . MSE A 1 125 ? 0.354   7.607   5.717   1.00 27.63 ? 125 MSE A SE  1 
HETATM 998  C  CE  . MSE A 1 125 ? -0.017  7.384   7.537   1.00 26.54 ? 125 MSE A CE  1 
ATOM   999  N  N   . HIS A 1 126 ? 5.441   8.614   4.466   1.00 13.92 ? 126 HIS A N   1 
ATOM   1000 C  CA  . HIS A 1 126 ? 5.875   8.995   3.132   1.00 14.47 ? 126 HIS A CA  1 
ATOM   1001 C  C   . HIS A 1 126 ? 5.178   8.141   2.088   1.00 16.40 ? 126 HIS A C   1 
ATOM   1002 O  O   . HIS A 1 126 ? 4.804   6.992   2.350   1.00 12.53 ? 126 HIS A O   1 
ATOM   1003 C  CB  . HIS A 1 126 ? 7.382   8.804   2.979   1.00 14.96 ? 126 HIS A CB  1 
ATOM   1004 C  CG  . HIS A 1 126 ? 8.198   9.755   3.797   1.00 17.50 ? 126 HIS A CG  1 
ATOM   1005 N  ND1 . HIS A 1 126 ? 9.574   9.686   3.861   1.00 16.98 ? 126 HIS A ND1 1 
ATOM   1006 C  CD2 . HIS A 1 126 ? 7.837   10.811  4.569   1.00 17.59 ? 126 HIS A CD2 1 
ATOM   1007 C  CE1 . HIS A 1 126 ? 10.025  10.662  4.630   1.00 17.27 ? 126 HIS A CE1 1 
ATOM   1008 N  NE2 . HIS A 1 126 ? 8.991   11.356  5.070   1.00 17.71 ? 126 HIS A NE2 1 
ATOM   1009 N  N   . PHE A 1 127 ? 5.044   8.694   0.887   1.00 15.02 ? 127 PHE A N   1 
ATOM   1010 C  CA  . PHE A 1 127 ? 4.394   7.973   -0.191  1.00 16.40 ? 127 PHE A CA  1 
ATOM   1011 C  C   . PHE A 1 127 ? 4.514   8.697   -1.527  1.00 16.21 ? 127 PHE A C   1 
ATOM   1012 O  O   . PHE A 1 127 ? 4.749   9.904   -1.565  1.00 16.01 ? 127 PHE A O   1 
ATOM   1013 C  CB  . PHE A 1 127 ? 2.924   7.711   0.150   1.00 15.46 ? 127 PHE A CB  1 
ATOM   1014 C  CG  . PHE A 1 127 ? 2.175   8.923   0.628   1.00 19.07 ? 127 PHE A CG  1 
ATOM   1015 C  CD1 . PHE A 1 127 ? 2.070   9.197   1.987   1.00 18.78 ? 127 PHE A CD1 1 
ATOM   1016 C  CD2 . PHE A 1 127 ? 1.600   9.813   -0.283  1.00 19.30 ? 127 PHE A CD2 1 
ATOM   1017 C  CE1 . PHE A 1 127 ? 1.413   10.330  2.432   1.00 20.60 ? 127 PHE A CE1 1 
ATOM   1018 C  CE2 . PHE A 1 127 ? 0.944   10.954  0.163   1.00 20.12 ? 127 PHE A CE2 1 
ATOM   1019 C  CZ  . PHE A 1 127 ? 0.853   11.210  1.515   1.00 18.89 ? 127 PHE A CZ  1 
ATOM   1020 N  N   . LEU A 1 128 ? 4.371   7.942   -2.610  1.00 15.61 ? 128 LEU A N   1 
ATOM   1021 C  CA  . LEU A 1 128 ? 4.473   8.477   -3.965  1.00 14.88 ? 128 LEU A CA  1 
ATOM   1022 C  C   . LEU A 1 128 ? 3.100   8.619   -4.624  1.00 16.05 ? 128 LEU A C   1 
ATOM   1023 O  O   . LEU A 1 128 ? 2.242   7.751   -4.462  1.00 16.07 ? 128 LEU A O   1 
ATOM   1024 C  CB  . LEU A 1 128 ? 5.350   7.547   -4.828  1.00 16.23 ? 128 LEU A CB  1 
ATOM   1025 C  CG  . LEU A 1 128 ? 6.845   7.464   -4.476  1.00 14.15 ? 128 LEU A CG  1 
ATOM   1026 C  CD1 . LEU A 1 128 ? 7.522   6.348   -5.250  1.00 17.16 ? 128 LEU A CD1 1 
ATOM   1027 C  CD2 . LEU A 1 128 ? 7.486   8.795   -4.803  1.00 16.76 ? 128 LEU A CD2 1 
ATOM   1028 N  N   . VAL A 1 129 ? 2.920   9.698   -5.387  1.00 15.64 ? 129 VAL A N   1 
ATOM   1029 C  CA  . VAL A 1 129 ? 1.672   9.973   -6.112  1.00 17.57 ? 129 VAL A CA  1 
ATOM   1030 C  C   . VAL A 1 129 ? 2.033   10.341  -7.554  1.00 17.70 ? 129 VAL A C   1 
ATOM   1031 O  O   . VAL A 1 129 ? 2.926   11.168  -7.776  1.00 16.67 ? 129 VAL A O   1 
ATOM   1032 C  CB  . VAL A 1 129 ? 0.900   11.176  -5.503  1.00 17.46 ? 129 VAL A CB  1 
ATOM   1033 C  CG1 . VAL A 1 129 ? -0.469  11.310  -6.166  1.00 20.95 ? 129 VAL A CG1 1 
ATOM   1034 C  CG2 . VAL A 1 129 ? 0.729   10.987  -4.004  1.00 17.68 ? 129 VAL A CG2 1 
ATOM   1035 N  N   . ALA A 1 130 ? 1.367   9.729   -8.528  1.00 20.07 ? 130 ALA A N   1 
ATOM   1036 C  CA  . ALA A 1 130 ? 1.648   10.049  -9.933  1.00 19.20 ? 130 ALA A CA  1 
ATOM   1037 C  C   . ALA A 1 130 ? 1.395   11.544  -10.146 1.00 19.80 ? 130 ALA A C   1 
ATOM   1038 O  O   . ALA A 1 130 ? 0.390   12.092  -9.674  1.00 16.98 ? 130 ALA A O   1 
ATOM   1039 C  CB  . ALA A 1 130 ? 0.765   9.201   -10.873 1.00 18.77 ? 130 ALA A CB  1 
ATOM   1040 N  N   . GLU A 1 131 ? 2.320   12.198  -10.844 1.00 19.49 ? 131 GLU A N   1 
ATOM   1041 C  CA  . GLU A 1 131 ? 2.242   13.638  -11.094 1.00 22.03 ? 131 GLU A CA  1 
ATOM   1042 C  C   . GLU A 1 131 ? 0.941   14.124  -11.731 1.00 21.55 ? 131 GLU A C   1 
ATOM   1043 O  O   . GLU A 1 131 ? 0.478   15.234  -11.454 1.00 22.70 ? 131 GLU A O   1 
ATOM   1044 C  CB  . GLU A 1 131 ? 3.408   14.072  -11.980 1.00 23.86 ? 131 GLU A CB  1 
ATOM   1045 C  CG  . GLU A 1 131 ? 3.393   13.397  -13.360 1.00 30.67 ? 131 GLU A CG  1 
ATOM   1046 C  CD  . GLU A 1 131 ? 4.505   13.902  -14.273 1.00 32.36 ? 131 GLU A CD  1 
ATOM   1047 O  OE1 . GLU A 1 131 ? 5.226   14.841  -13.855 1.00 34.53 ? 131 GLU A OE1 1 
ATOM   1048 O  OE2 . GLU A 1 131 ? 4.643   13.361  -15.401 1.00 33.71 ? 131 GLU A OE2 1 
ATOM   1049 N  N   . TRP A 1 132 ? 0.354   13.316  -12.597 1.00 20.11 ? 132 TRP A N   1 
ATOM   1050 C  CA  . TRP A 1 132 ? -0.875  13.730  -13.249 1.00 22.05 ? 132 TRP A CA  1 
ATOM   1051 C  C   . TRP A 1 132 ? -2.122  13.578  -12.386 1.00 22.95 ? 132 TRP A C   1 
ATOM   1052 O  O   . TRP A 1 132 ? -3.179  14.095  -12.749 1.00 21.94 ? 132 TRP A O   1 
ATOM   1053 C  CB  . TRP A 1 132 ? -1.103  12.912  -14.515 1.00 20.64 ? 132 TRP A CB  1 
ATOM   1054 C  CG  . TRP A 1 132 ? -1.141  11.459  -14.215 1.00 19.75 ? 132 TRP A CG  1 
ATOM   1055 C  CD1 . TRP A 1 132 ? -0.111  10.590  -14.325 1.00 17.92 ? 132 TRP A CD1 1 
ATOM   1056 C  CD2 . TRP A 1 132 ? -2.232  10.725  -13.641 1.00 20.21 ? 132 TRP A CD2 1 
ATOM   1057 N  NE1 . TRP A 1 132 ? -0.481  9.354   -13.849 1.00 20.65 ? 132 TRP A NE1 1 
ATOM   1058 C  CE2 . TRP A 1 132 ? -1.777  9.411   -13.421 1.00 19.23 ? 132 TRP A CE2 1 
ATOM   1059 C  CE3 . TRP A 1 132 ? -3.546  11.054  -13.287 1.00 21.59 ? 132 TRP A CE3 1 
ATOM   1060 C  CZ2 . TRP A 1 132 ? -2.580  8.423   -12.866 1.00 21.32 ? 132 TRP A CZ2 1 
ATOM   1061 C  CZ3 . TRP A 1 132 ? -4.351  10.066  -12.728 1.00 21.18 ? 132 TRP A CZ3 1 
ATOM   1062 C  CH2 . TRP A 1 132 ? -3.859  8.763   -12.523 1.00 20.26 ? 132 TRP A CH2 1 
ATOM   1063 N  N   . ASN A 1 133 ? -2.006  12.853  -11.274 1.00 21.29 ? 133 ASN A N   1 
ATOM   1064 C  CA  . ASN A 1 133 ? -3.162  12.570  -10.426 1.00 22.59 ? 133 ASN A CA  1 
ATOM   1065 C  C   . ASN A 1 133 ? -3.617  13.676  -9.466  1.00 23.69 ? 133 ASN A C   1 
ATOM   1066 O  O   . ASN A 1 133 ? -3.647  13.473  -8.252  1.00 22.22 ? 133 ASN A O   1 
ATOM   1067 C  CB  . ASN A 1 133 ? -2.889  11.291  -9.636  1.00 22.07 ? 133 ASN A CB  1 
ATOM   1068 C  CG  . ASN A 1 133 ? -4.158  10.606  -9.176  1.00 22.78 ? 133 ASN A CG  1 
ATOM   1069 O  OD1 . ASN A 1 133 ? -5.225  11.198  -9.147  1.00 23.62 ? 133 ASN A OD1 1 
ATOM   1070 N  ND2 . ASN A 1 133 ? -4.039  9.348   -8.803  1.00 21.45 ? 133 ASN A ND2 1 
ATOM   1071 N  N   . GLU A 1 134 ? -4.018  14.822  -10.020 1.00 25.46 ? 134 GLU A N   1 
ATOM   1072 C  CA  . GLU A 1 134 ? -4.474  15.952  -9.218  1.00 24.91 ? 134 GLU A CA  1 
ATOM   1073 C  C   . GLU A 1 134 ? -5.516  15.558  -8.172  1.00 25.49 ? 134 GLU A C   1 
ATOM   1074 O  O   . GLU A 1 134 ? -5.465  16.051  -7.044  1.00 25.70 ? 134 GLU A O   1 
ATOM   1075 C  CB  . GLU A 1 134 ? -5.027  17.063  -10.118 1.00 26.61 ? 134 GLU A CB  1 
ATOM   1076 C  CG  . GLU A 1 134 ? -5.132  18.450  -9.455  1.00 30.40 ? 134 GLU A CG  1 
ATOM   1077 C  CD  . GLU A 1 134 ? -3.770  19.085  -9.151  1.00 33.18 ? 134 GLU A CD  1 
ATOM   1078 O  OE1 . GLU A 1 134 ? -2.737  18.610  -9.668  1.00 31.46 ? 134 GLU A OE1 1 
ATOM   1079 O  OE2 . GLU A 1 134 ? -3.734  20.084  -8.397  1.00 36.09 ? 134 GLU A OE2 1 
ATOM   1080 N  N   . PRO A 1 135 ? -6.473  14.668  -8.518  1.00 24.14 ? 135 PRO A N   1 
ATOM   1081 C  CA  . PRO A 1 135 ? -7.476  14.275  -7.520  1.00 22.75 ? 135 PRO A CA  1 
ATOM   1082 C  C   . PRO A 1 135 ? -6.830  13.711  -6.232  1.00 22.88 ? 135 PRO A C   1 
ATOM   1083 O  O   . PRO A 1 135 ? -7.215  14.079  -5.114  1.00 21.22 ? 135 PRO A O   1 
ATOM   1084 C  CB  . PRO A 1 135 ? -8.296  13.214  -8.252  1.00 23.20 ? 135 PRO A CB  1 
ATOM   1085 C  CG  . PRO A 1 135 ? -8.187  13.611  -9.668  1.00 25.24 ? 135 PRO A CG  1 
ATOM   1086 C  CD  . PRO A 1 135 ? -6.743  14.009  -9.810  1.00 24.14 ? 135 PRO A CD  1 
ATOM   1087 N  N   . SER A 1 136 ? -5.843  12.823  -6.399  1.00 21.47 ? 136 SER A N   1 
ATOM   1088 C  CA  . SER A 1 136 ? -5.171  12.229  -5.260  1.00 19.98 ? 136 SER A CA  1 
ATOM   1089 C  C   . SER A 1 136 ? -4.231  13.209  -4.571  1.00 19.36 ? 136 SER A C   1 
ATOM   1090 O  O   . SER A 1 136 ? -4.065  13.160  -3.361  1.00 19.84 ? 136 SER A O   1 
ATOM   1091 C  CB  . SER A 1 136 ? -4.427  10.966  -5.689  1.00 21.47 ? 136 SER A CB  1 
ATOM   1092 O  OG  . SER A 1 136 ? -5.291  9.849   -5.662  1.00 20.22 ? 136 SER A OG  1 
ATOM   1093 N  N   . ILE A 1 137 ? -3.620  14.104  -5.340  1.00 17.97 ? 137 ILE A N   1 
ATOM   1094 C  CA  . ILE A 1 137 ? -2.733  15.098  -4.781  1.00 17.08 ? 137 ILE A CA  1 
ATOM   1095 C  C   . ILE A 1 137 ? -3.566  16.001  -3.862  1.00 17.43 ? 137 ILE A C   1 
ATOM   1096 O  O   . ILE A 1 137 ? -3.168  16.282  -2.740  1.00 15.09 ? 137 ILE A O   1 
ATOM   1097 C  CB  . ILE A 1 137 ? -2.054  15.971  -5.882  1.00 16.16 ? 137 ILE A CB  1 
ATOM   1098 C  CG1 . ILE A 1 137 ? -1.115  15.116  -6.730  1.00 17.56 ? 137 ILE A CG1 1 
ATOM   1099 C  CG2 . ILE A 1 137 ? -1.254  17.098  -5.252  1.00 17.28 ? 137 ILE A CG2 1 
ATOM   1100 C  CD1 . ILE A 1 137 ? -0.421  15.926  -7.841  1.00 19.86 ? 137 ILE A CD1 1 
ATOM   1101 N  N   . ASN A 1 138 ? -4.731  16.422  -4.345  1.00 17.40 ? 138 ASN A N   1 
ATOM   1102 C  CA  . ASN A 1 138 ? -5.625  17.282  -3.574  1.00 20.19 ? 138 ASN A CA  1 
ATOM   1103 C  C   . ASN A 1 138 ? -6.081  16.548  -2.319  1.00 18.49 ? 138 ASN A C   1 
ATOM   1104 O  O   . ASN A 1 138 ? -6.079  17.125  -1.242  1.00 19.25 ? 138 ASN A O   1 
ATOM   1105 C  CB  . ASN A 1 138 ? -6.858  17.686  -4.408  1.00 20.21 ? 138 ASN A CB  1 
ATOM   1106 C  CG  . ASN A 1 138 ? -6.530  18.705  -5.513  1.00 24.87 ? 138 ASN A CG  1 
ATOM   1107 O  OD1 . ASN A 1 138 ? -7.371  18.988  -6.382  1.00 25.16 ? 138 ASN A OD1 1 
ATOM   1108 N  ND2 . ASN A 1 138 ? -5.331  19.269  -5.472  1.00 21.16 ? 138 ASN A ND2 1 
ATOM   1109 N  N   . PHE A 1 139 ? -6.491  15.286  -2.482  1.00 18.22 ? 139 PHE A N   1 
ATOM   1110 C  CA  . PHE A 1 139 ? -6.928  14.427  -1.379  1.00 19.41 ? 139 PHE A CA  1 
ATOM   1111 C  C   . PHE A 1 139 ? -5.857  14.447  -0.286  1.00 20.56 ? 139 PHE A C   1 
ATOM   1112 O  O   . PHE A 1 139 ? -6.138  14.711  0.888   1.00 19.22 ? 139 PHE A O   1 
ATOM   1113 C  CB  . PHE A 1 139 ? -7.115  12.975  -1.875  1.00 19.03 ? 139 PHE A CB  1 
ATOM   1114 C  CG  . PHE A 1 139 ? -7.427  11.961  -0.782  1.00 20.46 ? 139 PHE A CG  1 
ATOM   1115 C  CD1 . PHE A 1 139 ? -8.730  11.781  -0.317  1.00 18.97 ? 139 PHE A CD1 1 
ATOM   1116 C  CD2 . PHE A 1 139 ? -6.415  11.166  -0.238  1.00 21.10 ? 139 PHE A CD2 1 
ATOM   1117 C  CE1 . PHE A 1 139 ? -9.024  10.832  0.661   1.00 18.41 ? 139 PHE A CE1 1 
ATOM   1118 C  CE2 . PHE A 1 139 ? -6.697  10.212  0.742   1.00 20.92 ? 139 PHE A CE2 1 
ATOM   1119 C  CZ  . PHE A 1 139 ? -8.007  10.043  1.193   1.00 21.42 ? 139 PHE A CZ  1 
ATOM   1120 N  N   . TYR A 1 140 ? -4.625  14.141  -0.685  1.00 19.32 ? 140 TYR A N   1 
ATOM   1121 C  CA  . TYR A 1 140 ? -3.539  14.106  0.261   1.00 19.93 ? 140 TYR A CA  1 
ATOM   1122 C  C   . TYR A 1 140 ? -3.211  15.461  0.838   1.00 20.43 ? 140 TYR A C   1 
ATOM   1123 O  O   . TYR A 1 140 ? -3.009  15.564  2.039   1.00 20.67 ? 140 TYR A O   1 
ATOM   1124 C  CB  . TYR A 1 140 ? -2.280  13.513  -0.363  1.00 19.07 ? 140 TYR A CB  1 
ATOM   1125 C  CG  . TYR A 1 140 ? -2.271  12.009  -0.467  1.00 19.33 ? 140 TYR A CG  1 
ATOM   1126 C  CD1 . TYR A 1 140 ? -2.403  11.213  0.664   1.00 21.90 ? 140 TYR A CD1 1 
ATOM   1127 C  CD2 . TYR A 1 140 ? -2.031  11.383  -1.688  1.00 22.24 ? 140 TYR A CD2 1 
ATOM   1128 C  CE1 . TYR A 1 140 ? -2.283  9.827   0.578   1.00 22.04 ? 140 TYR A CE1 1 
ATOM   1129 C  CE2 . TYR A 1 140 ? -1.903  9.999   -1.780  1.00 23.27 ? 140 TYR A CE2 1 
ATOM   1130 C  CZ  . TYR A 1 140 ? -2.023  9.229   -0.645  1.00 23.86 ? 140 TYR A CZ  1 
ATOM   1131 O  OH  . TYR A 1 140 ? -1.811  7.870   -0.726  1.00 24.31 ? 140 TYR A OH  1 
ATOM   1132 N  N   . LYS A 1 141 ? -3.164  16.506  0.012   1.00 19.39 ? 141 LYS A N   1 
ATOM   1133 C  CA  . LYS A 1 141 ? -2.806  17.801  0.567   1.00 22.18 ? 141 LYS A CA  1 
ATOM   1134 C  C   . LYS A 1 141 ? -3.880  18.418  1.427   1.00 22.80 ? 141 LYS A C   1 
ATOM   1135 O  O   . LYS A 1 141 ? -3.590  19.267  2.273   1.00 23.25 ? 141 LYS A O   1 
ATOM   1136 C  CB  . LYS A 1 141 ? -2.328  18.762  -0.525  1.00 24.09 ? 141 LYS A CB  1 
ATOM   1137 C  CG  . LYS A 1 141 ? -0.898  18.429  -0.966  1.00 26.45 ? 141 LYS A CG  1 
ATOM   1138 C  CD  . LYS A 1 141 ? -0.184  19.601  -1.607  1.00 29.29 ? 141 LYS A CD  1 
ATOM   1139 C  CE  . LYS A 1 141 ? 1.217   19.201  -2.073  1.00 30.62 ? 141 LYS A CE  1 
ATOM   1140 N  NZ  . LYS A 1 141 ? 1.910   20.317  -2.771  1.00 31.51 ? 141 LYS A NZ  1 
ATOM   1141 N  N   . ARG A 1 142 ? -5.121  17.988  1.231   1.00 23.13 ? 142 ARG A N   1 
ATOM   1142 C  CA  . ARG A 1 142 ? -6.194  18.507  2.062   1.00 25.47 ? 142 ARG A CA  1 
ATOM   1143 C  C   . ARG A 1 142 ? -6.033  17.881  3.461   1.00 25.44 ? 142 ARG A C   1 
ATOM   1144 O  O   . ARG A 1 142 ? -6.516  18.418  4.455   1.00 27.55 ? 142 ARG A O   1 
ATOM   1145 C  CB  . ARG A 1 142 ? -7.558  18.170  1.455   1.00 29.34 ? 142 ARG A CB  1 
ATOM   1146 C  CG  . ARG A 1 142 ? -8.732  18.519  2.360   1.00 35.88 ? 142 ARG A CG  1 
ATOM   1147 C  CD  . ARG A 1 142 ? -10.083 18.513  1.622   1.00 39.97 ? 142 ARG A CD  1 
ATOM   1148 N  NE  . ARG A 1 142 ? -11.175 18.106  2.517   1.00 43.46 ? 142 ARG A NE  1 
ATOM   1149 C  CZ  . ARG A 1 142 ? -12.460 18.031  2.174   1.00 45.31 ? 142 ARG A CZ  1 
ATOM   1150 N  NH1 . ARG A 1 142 ? -12.849 18.340  0.943   1.00 47.09 ? 142 ARG A NH1 1 
ATOM   1151 N  NH2 . ARG A 1 142 ? -13.361 17.626  3.065   1.00 47.67 ? 142 ARG A NH2 1 
ATOM   1152 N  N   . ARG A 1 143 ? -5.323  16.759  3.535   1.00 23.52 ? 143 ARG A N   1 
ATOM   1153 C  CA  . ARG A 1 143 ? -5.096  16.095  4.805   1.00 23.57 ? 143 ARG A CA  1 
ATOM   1154 C  C   . ARG A 1 143 ? -3.698  16.310  5.393   1.00 24.24 ? 143 ARG A C   1 
ATOM   1155 O  O   . ARG A 1 143 ? -3.159  15.448  6.104   1.00 26.49 ? 143 ARG A O   1 
ATOM   1156 C  CB  . ARG A 1 143 ? -5.429  14.608  4.675   1.00 21.93 ? 143 ARG A CB  1 
ATOM   1157 C  CG  . ARG A 1 143 ? -6.908  14.364  4.434   1.00 22.32 ? 143 ARG A CG  1 
ATOM   1158 C  CD  . ARG A 1 143 ? -7.190  13.027  3.756   1.00 22.41 ? 143 ARG A CD  1 
ATOM   1159 N  NE  . ARG A 1 143 ? -8.617  12.823  3.555   1.00 20.44 ? 143 ARG A NE  1 
ATOM   1160 C  CZ  . ARG A 1 143 ? -9.368  13.536  2.719   1.00 23.89 ? 143 ARG A CZ  1 
ATOM   1161 N  NH1 . ARG A 1 143 ? -8.832  14.506  1.989   1.00 21.11 ? 143 ARG A NH1 1 
ATOM   1162 N  NH2 . ARG A 1 143 ? -10.670 13.293  2.630   1.00 27.13 ? 143 ARG A NH2 1 
ATOM   1163 N  N   . GLY A 1 144 ? -3.107  17.462  5.093   1.00 23.36 ? 144 GLY A N   1 
ATOM   1164 C  CA  . GLY A 1 144 ? -1.817  17.800  5.665   1.00 22.08 ? 144 GLY A CA  1 
ATOM   1165 C  C   . GLY A 1 144 ? -0.542  17.459  4.937   1.00 20.43 ? 144 GLY A C   1 
ATOM   1166 O  O   . GLY A 1 144 ? 0.530   17.849  5.384   1.00 20.20 ? 144 GLY A O   1 
ATOM   1167 N  N   . ALA A 1 145 ? -0.651  16.750  3.821   1.00 19.43 ? 145 ALA A N   1 
ATOM   1168 C  CA  . ALA A 1 145 ? 0.524   16.366  3.058   1.00 20.51 ? 145 ALA A CA  1 
ATOM   1169 C  C   . ALA A 1 145 ? 1.274   17.536  2.471   1.00 21.63 ? 145 ALA A C   1 
ATOM   1170 O  O   . ALA A 1 145 ? 0.687   18.561  2.122   1.00 21.47 ? 145 ALA A O   1 
ATOM   1171 C  CB  . ALA A 1 145 ? 0.138   15.400  1.937   1.00 22.27 ? 145 ALA A CB  1 
ATOM   1172 N  N   . SER A 1 146 ? 2.585   17.360  2.352   1.00 23.07 ? 146 SER A N   1 
ATOM   1173 C  CA  . SER A 1 146 ? 3.454   18.377  1.764   1.00 25.21 ? 146 SER A CA  1 
ATOM   1174 C  C   . SER A 1 146 ? 4.488   17.690  0.883   1.00 25.78 ? 146 SER A C   1 
ATOM   1175 O  O   . SER A 1 146 ? 4.745   16.488  1.031   1.00 23.05 ? 146 SER A O   1 
ATOM   1176 C  CB  . SER A 1 146 ? 4.174   19.164  2.852   1.00 25.12 ? 146 SER A CB  1 
ATOM   1177 O  OG  . SER A 1 146 ? 4.986   18.289  3.612   1.00 29.86 ? 146 SER A OG  1 
ATOM   1178 N  N   . ASP A 1 147 ? 5.091   18.447  -0.032  1.00 26.25 ? 147 ASP A N   1 
ATOM   1179 C  CA  . ASP A 1 147 ? 6.098   17.871  -0.915  1.00 28.41 ? 147 ASP A CA  1 
ATOM   1180 C  C   . ASP A 1 147 ? 7.359   17.502  -0.160  1.00 29.63 ? 147 ASP A C   1 
ATOM   1181 O  O   . ASP A 1 147 ? 7.748   18.179  0.786   1.00 30.73 ? 147 ASP A O   1 
ATOM   1182 C  CB  . ASP A 1 147 ? 6.454   18.847  -2.035  1.00 30.09 ? 147 ASP A CB  1 
ATOM   1183 C  CG  . ASP A 1 147 ? 5.233   19.429  -2.702  1.00 30.50 ? 147 ASP A CG  1 
ATOM   1184 O  OD1 . ASP A 1 147 ? 4.252   18.693  -2.898  1.00 32.54 ? 147 ASP A OD1 1 
ATOM   1185 O  OD2 . ASP A 1 147 ? 5.249   20.629  -3.044  1.00 35.51 ? 147 ASP A OD2 1 
ATOM   1186 N  N   . LEU A 1 148 ? 7.987   16.402  -0.561  1.00 29.99 ? 148 LEU A N   1 
ATOM   1187 C  CA  . LEU A 1 148 ? 9.221   15.970  0.072   1.00 32.18 ? 148 LEU A CA  1 
ATOM   1188 C  C   . LEU A 1 148 ? 10.337  16.175  -0.956  1.00 33.33 ? 148 LEU A C   1 
ATOM   1189 O  O   . LEU A 1 148 ? 10.277  15.634  -2.060  1.00 32.83 ? 148 LEU A O   1 
ATOM   1190 C  CB  . LEU A 1 148 ? 9.103   14.505  0.508   1.00 31.60 ? 148 LEU A CB  1 
ATOM   1191 C  CG  . LEU A 1 148 ? 10.324  13.806  1.125   1.00 34.40 ? 148 LEU A CG  1 
ATOM   1192 C  CD1 . LEU A 1 148 ? 11.013  14.692  2.168   1.00 35.99 ? 148 LEU A CD1 1 
ATOM   1193 C  CD2 . LEU A 1 148 ? 9.863   12.488  1.748   1.00 34.78 ? 148 LEU A CD2 1 
ATOM   1194 N  N   . SER A 1 149 ? 11.330  16.990  -0.601  1.00 35.11 ? 149 SER A N   1 
ATOM   1195 C  CA  . SER A 1 149 ? 12.456  17.293  -1.496  1.00 37.04 ? 149 SER A CA  1 
ATOM   1196 C  C   . SER A 1 149 ? 13.728  16.494  -1.219  1.00 38.07 ? 149 SER A C   1 
ATOM   1197 O  O   . SER A 1 149 ? 14.755  16.713  -1.864  1.00 38.98 ? 149 SER A O   1 
ATOM   1198 C  CB  . SER A 1 149 ? 12.807  18.783  -1.428  1.00 36.43 ? 149 SER A CB  1 
ATOM   1199 O  OG  . SER A 1 149 ? 11.761  19.574  -1.953  1.00 37.28 ? 149 SER A OG  1 
ATOM   1200 N  N   . SER A 1 150 ? 13.664  15.571  -0.270  1.00 38.48 ? 150 SER A N   1 
ATOM   1201 C  CA  . SER A 1 150 ? 14.834  14.764  0.090   1.00 40.97 ? 150 SER A CA  1 
ATOM   1202 C  C   . SER A 1 150 ? 15.466  13.918  -1.031  1.00 41.19 ? 150 SER A C   1 
ATOM   1203 O  O   . SER A 1 150 ? 16.634  13.552  -0.916  1.00 42.60 ? 150 SER A O   1 
ATOM   1204 C  CB  . SER A 1 150 ? 14.493  13.854  1.297   1.00 41.74 ? 150 SER A CB  1 
ATOM   1205 O  OG  . SER A 1 150 ? 13.988  12.564  0.906   1.00 42.72 ? 150 SER A OG  1 
ATOM   1206 N  N   . GLU A 1 151 ? 14.725  13.636  -2.109  1.00 41.82 ? 151 GLU A N   1 
ATOM   1207 C  CA  . GLU A 1 151 ? 15.211  12.805  -3.226  1.00 42.21 ? 151 GLU A CA  1 
ATOM   1208 C  C   . GLU A 1 151 ? 15.776  13.538  -4.443  1.00 42.00 ? 151 GLU A C   1 
ATOM   1209 O  O   . GLU A 1 151 ? 16.396  12.899  -5.297  1.00 41.76 ? 151 GLU A O   1 
ATOM   1210 C  CB  . GLU A 1 151 ? 14.077  11.871  -3.713  1.00 42.80 ? 151 GLU A CB  1 
ATOM   1211 C  CG  . GLU A 1 151 ? 14.487  10.564  -4.470  1.00 45.25 ? 151 GLU A CG  1 
ATOM   1212 C  CD  . GLU A 1 151 ? 14.481  10.608  -6.013  1.00 45.45 ? 151 GLU A CD  1 
ATOM   1213 O  OE1 . GLU A 1 151 ? 14.382  9.504   -6.604  1.00 46.77 ? 151 GLU A OE1 1 
ATOM   1214 O  OE2 . GLU A 1 151 ? 14.591  11.688  -6.662  1.00 45.86 ? 151 GLU A OE2 1 
ATOM   1215 N  N   . GLU A 1 152 ? 15.610  14.851  -4.595  1.00 41.49 ? 152 GLU A N   1 
ATOM   1216 C  CA  . GLU A 1 152 ? 16.199  15.353  -5.837  1.00 40.80 ? 152 GLU A CA  1 
ATOM   1217 C  C   . GLU A 1 152 ? 17.686  15.616  -5.749  1.00 38.03 ? 152 GLU A C   1 
ATOM   1218 O  O   . GLU A 1 152 ? 18.214  15.948  -4.673  1.00 38.28 ? 152 GLU A O   1 
ATOM   1219 C  CB  . GLU A 1 152 ? 15.435  16.532  -6.435  1.00 43.24 ? 152 GLU A CB  1 
ATOM   1220 C  CG  . GLU A 1 152 ? 14.979  16.191  -7.892  1.00 45.61 ? 152 GLU A CG  1 
ATOM   1221 C  CD  . GLU A 1 152 ? 15.624  14.902  -8.495  1.00 46.67 ? 152 GLU A CD  1 
ATOM   1222 O  OE1 . GLU A 1 152 ? 16.855  14.860  -8.662  1.00 47.44 ? 152 GLU A OE1 1 
ATOM   1223 O  OE2 . GLU A 1 152 ? 14.907  13.913  -8.825  1.00 48.77 ? 152 GLU A OE2 1 
ATOM   1224 N  N   . GLY A 1 153 ? 18.358  15.407  -6.878  1.00 36.20 ? 153 GLY A N   1 
ATOM   1225 C  CA  . GLY A 1 153 ? 19.805  15.518  -6.919  1.00 32.90 ? 153 GLY A CA  1 
ATOM   1226 C  C   . GLY A 1 153 ? 20.292  14.096  -6.647  1.00 30.16 ? 153 GLY A C   1 
ATOM   1227 O  O   . GLY A 1 153 ? 21.479  13.853  -6.430  1.00 27.59 ? 153 GLY A O   1 
ATOM   1228 N  N   . TRP A 1 154 ? 19.355  13.149  -6.652  1.00 29.06 ? 154 TRP A N   1 
ATOM   1229 C  CA  . TRP A 1 154 ? 19.700  11.756  -6.392  1.00 27.31 ? 154 TRP A CA  1 
ATOM   1230 C  C   . TRP A 1 154 ? 19.157  10.822  -7.470  1.00 25.77 ? 154 TRP A C   1 
ATOM   1231 O  O   . TRP A 1 154 ? 18.092  11.054  -8.034  1.00 27.67 ? 154 TRP A O   1 
ATOM   1232 C  CB  . TRP A 1 154 ? 19.160  11.302  -5.022  1.00 27.58 ? 154 TRP A CB  1 
ATOM   1233 C  CG  . TRP A 1 154 ? 19.731  12.041  -3.838  1.00 26.45 ? 154 TRP A CG  1 
ATOM   1234 C  CD1 . TRP A 1 154 ? 19.358  13.277  -3.388  1.00 26.58 ? 154 TRP A CD1 1 
ATOM   1235 C  CD2 . TRP A 1 154 ? 20.790  11.606  -2.976  1.00 27.50 ? 154 TRP A CD2 1 
ATOM   1236 N  NE1 . TRP A 1 154 ? 20.117  13.636  -2.305  1.00 27.30 ? 154 TRP A NE1 1 
ATOM   1237 C  CE2 . TRP A 1 154 ? 21.006  12.632  -2.030  1.00 28.58 ? 154 TRP A CE2 1 
ATOM   1238 C  CE3 . TRP A 1 154 ? 21.581  10.452  -2.912  1.00 27.86 ? 154 TRP A CE3 1 
ATOM   1239 C  CZ2 . TRP A 1 154 ? 21.986  12.537  -1.030  1.00 30.42 ? 154 TRP A CZ2 1 
ATOM   1240 C  CZ3 . TRP A 1 154 ? 22.556  10.358  -1.920  1.00 29.57 ? 154 TRP A CZ3 1 
ATOM   1241 C  CH2 . TRP A 1 154 ? 22.750  11.396  -0.994  1.00 30.60 ? 154 TRP A CH2 1 
ATOM   1242 N  N   . ARG A 1 155 ? 19.904  9.763   -7.749  1.00 21.53 ? 155 ARG A N   1 
ATOM   1243 C  CA  . ARG A 1 155 ? 19.481  8.786   -8.732  1.00 21.22 ? 155 ARG A CA  1 
ATOM   1244 C  C   . ARG A 1 155 ? 19.147  7.453   -8.044  1.00 18.83 ? 155 ARG A C   1 
ATOM   1245 O  O   . ARG A 1 155 ? 19.883  6.987   -7.175  1.00 19.42 ? 155 ARG A O   1 
ATOM   1246 C  CB  . ARG A 1 155 ? 20.586  8.599   -9.758  1.00 20.92 ? 155 ARG A CB  1 
ATOM   1247 C  CG  . ARG A 1 155 ? 20.853  9.867   -10.552 1.00 24.50 ? 155 ARG A CG  1 
ATOM   1248 C  CD  . ARG A 1 155 ? 22.005  9.657   -11.485 1.00 24.02 ? 155 ARG A CD  1 
ATOM   1249 N  NE  . ARG A 1 155 ? 21.803  8.500   -12.364 1.00 24.21 ? 155 ARG A NE  1 
ATOM   1250 C  CZ  . ARG A 1 155 ? 22.737  8.056   -13.196 1.00 24.87 ? 155 ARG A CZ  1 
ATOM   1251 N  NH1 . ARG A 1 155 ? 23.906  8.678   -13.241 1.00 22.77 ? 155 ARG A NH1 1 
ATOM   1252 N  NH2 . ARG A 1 155 ? 22.508  7.003   -13.978 1.00 25.14 ? 155 ARG A NH2 1 
ATOM   1253 N  N   . LEU A 1 156 ? 18.031  6.844   -8.427  1.00 17.68 ? 156 LEU A N   1 
ATOM   1254 C  CA  . LEU A 1 156 ? 17.640  5.571   -7.829  1.00 17.47 ? 156 LEU A CA  1 
ATOM   1255 C  C   . LEU A 1 156 ? 18.241  4.404   -8.625  1.00 16.53 ? 156 LEU A C   1 
ATOM   1256 O  O   . LEU A 1 156 ? 18.031  4.292   -9.828  1.00 15.59 ? 156 LEU A O   1 
ATOM   1257 C  CB  . LEU A 1 156 ? 16.113  5.466   -7.797  1.00 17.83 ? 156 LEU A CB  1 
ATOM   1258 C  CG  . LEU A 1 156 ? 15.487  4.249   -7.097  1.00 19.51 ? 156 LEU A CG  1 
ATOM   1259 C  CD1 . LEU A 1 156 ? 16.002  4.127   -5.690  1.00 19.04 ? 156 LEU A CD1 1 
ATOM   1260 C  CD2 . LEU A 1 156 ? 13.973  4.409   -7.084  1.00 20.55 ? 156 LEU A CD2 1 
ATOM   1261 N  N   . PHE A 1 157 ? 18.995  3.540   -7.958  1.00 13.89 ? 157 PHE A N   1 
ATOM   1262 C  CA  . PHE A 1 157 ? 19.597  2.412   -8.657  1.00 16.36 ? 157 PHE A CA  1 
ATOM   1263 C  C   . PHE A 1 157 ? 19.085  1.088   -8.111  1.00 16.48 ? 157 PHE A C   1 
ATOM   1264 O  O   . PHE A 1 157 ? 18.536  1.021   -7.000  1.00 12.61 ? 157 PHE A O   1 
ATOM   1265 C  CB  . PHE A 1 157 ? 21.120  2.428   -8.520  1.00 17.90 ? 157 PHE A CB  1 
ATOM   1266 C  CG  . PHE A 1 157 ? 21.777  3.588   -9.192  1.00 22.44 ? 157 PHE A CG  1 
ATOM   1267 C  CD1 . PHE A 1 157 ? 21.759  3.709   -10.571 1.00 24.67 ? 157 PHE A CD1 1 
ATOM   1268 C  CD2 . PHE A 1 157 ? 22.418  4.572   -8.442  1.00 25.09 ? 157 PHE A CD2 1 
ATOM   1269 C  CE1 . PHE A 1 157 ? 22.374  4.790   -11.201 1.00 23.98 ? 157 PHE A CE1 1 
ATOM   1270 C  CE2 . PHE A 1 157 ? 23.039  5.661   -9.060  1.00 25.41 ? 157 PHE A CE2 1 
ATOM   1271 C  CZ  . PHE A 1 157 ? 23.016  5.766   -10.446 1.00 25.53 ? 157 PHE A CZ  1 
ATOM   1272 N  N   . LYS A 1 158 ? 19.281  0.035   -8.898  1.00 15.93 ? 158 LYS A N   1 
ATOM   1273 C  CA  . LYS A 1 158 ? 18.874  -1.288  -8.477  1.00 16.96 ? 158 LYS A CA  1 
ATOM   1274 C  C   . LYS A 1 158 ? 19.976  -2.260  -8.881  1.00 17.48 ? 158 LYS A C   1 
ATOM   1275 O  O   . LYS A 1 158 ? 20.741  -1.991  -9.796  1.00 17.58 ? 158 LYS A O   1 
ATOM   1276 C  CB  . LYS A 1 158 ? 17.540  -1.684  -9.138  1.00 17.14 ? 158 LYS A CB  1 
ATOM   1277 C  CG  . LYS A 1 158 ? 17.639  -1.956  -10.621 1.00 21.46 ? 158 LYS A CG  1 
ATOM   1278 C  CD  . LYS A 1 158 ? 16.340  -2.448  -11.250 1.00 25.05 ? 158 LYS A CD  1 
ATOM   1279 C  CE  . LYS A 1 158 ? 16.556  -2.595  -12.757 1.00 27.17 ? 158 LYS A CE  1 
ATOM   1280 N  NZ  . LYS A 1 158 ? 15.320  -2.815  -13.509 1.00 30.38 ? 158 LYS A NZ  1 
ATOM   1281 N  N   . ILE A 1 159 ? 20.087  -3.354  -8.143  1.00 16.70 ? 159 ILE A N   1 
ATOM   1282 C  CA  . ILE A 1 159 ? 21.023  -4.413  -8.459  1.00 16.63 ? 159 ILE A CA  1 
ATOM   1283 C  C   . ILE A 1 159 ? 20.126  -5.634  -8.376  1.00 16.89 ? 159 ILE A C   1 
ATOM   1284 O  O   . ILE A 1 159 ? 19.684  -6.032  -7.297  1.00 16.39 ? 159 ILE A O   1 
ATOM   1285 C  CB  . ILE A 1 159 ? 22.164  -4.511  -7.454  1.00 15.98 ? 159 ILE A CB  1 
ATOM   1286 C  CG1 . ILE A 1 159 ? 23.018  -3.238  -7.504  1.00 14.08 ? 159 ILE A CG1 1 
ATOM   1287 C  CG2 . ILE A 1 159 ? 22.998  -5.711  -7.770  1.00 18.12 ? 159 ILE A CG2 1 
ATOM   1288 C  CD1 . ILE A 1 159 ? 24.234  -3.253  -6.565  1.00 17.96 ? 159 ILE A CD1 1 
ATOM   1289 N  N   . ASP A 1 160 ? 19.826  -6.200  -9.532  1.00 18.05 ? 160 ASP A N   1 
ATOM   1290 C  CA  . ASP A 1 160 ? 18.925  -7.318  -9.603  1.00 19.89 ? 160 ASP A CA  1 
ATOM   1291 C  C   . ASP A 1 160 ? 19.525  -8.657  -9.185  1.00 20.31 ? 160 ASP A C   1 
ATOM   1292 O  O   . ASP A 1 160 ? 20.745  -8.804  -9.026  1.00 21.31 ? 160 ASP A O   1 
ATOM   1293 C  CB  . ASP A 1 160 ? 18.267  -7.359  -11.004 1.00 21.66 ? 160 ASP A CB  1 
ATOM   1294 C  CG  . ASP A 1 160 ? 17.257  -6.187  -11.226 1.00 25.46 ? 160 ASP A CG  1 
ATOM   1295 O  OD1 . ASP A 1 160 ? 16.677  -5.651  -10.240 1.00 19.80 ? 160 ASP A OD1 1 
ATOM   1296 O  OD2 . ASP A 1 160 ? 17.027  -5.805  -12.398 1.00 28.22 ? 160 ASP A OD2 1 
ATOM   1297 N  N   . LYS A 1 161 ? 18.647  -9.625  -8.962  1.00 21.85 ? 161 LYS A N   1 
ATOM   1298 C  CA  . LYS A 1 161 ? 19.041  -10.945 -8.486  1.00 24.03 ? 161 LYS A CA  1 
ATOM   1299 C  C   . LYS A 1 161 ? 20.256  -11.582 -9.148  1.00 23.51 ? 161 LYS A C   1 
ATOM   1300 O  O   . LYS A 1 161 ? 21.061  -12.197 -8.470  1.00 22.87 ? 161 LYS A O   1 
ATOM   1301 C  CB  . LYS A 1 161 ? 17.860  -11.919 -8.560  1.00 25.39 ? 161 LYS A CB  1 
ATOM   1302 C  CG  . LYS A 1 161 ? 18.222  -13.313 -7.990  1.00 27.36 ? 161 LYS A CG  1 
ATOM   1303 C  CD  . LYS A 1 161 ? 17.007  -14.215 -7.893  1.00 31.94 ? 161 LYS A CD  1 
ATOM   1304 C  CE  . LYS A 1 161 ? 17.386  -15.596 -7.371  1.00 32.50 ? 161 LYS A CE  1 
ATOM   1305 N  NZ  . LYS A 1 161 ? 16.307  -16.588 -7.638  1.00 32.87 ? 161 LYS A NZ  1 
ATOM   1306 N  N   . GLU A 1 162 ? 20.370  -11.444 -10.463 1.00 24.07 ? 162 GLU A N   1 
ATOM   1307 C  CA  . GLU A 1 162 ? 21.494  -12.011 -11.208 1.00 25.90 ? 162 GLU A CA  1 
ATOM   1308 C  C   . GLU A 1 162 ? 22.827  -11.543 -10.643 1.00 25.24 ? 162 GLU A C   1 
ATOM   1309 O  O   . GLU A 1 162 ? 23.732  -12.345 -10.406 1.00 22.44 ? 162 GLU A O   1 
ATOM   1310 C  CB  . GLU A 1 162 ? 21.408  -11.606 -12.685 1.00 28.88 ? 162 GLU A CB  1 
ATOM   1311 C  CG  . GLU A 1 162 ? 22.580  -12.062 -13.543 1.00 34.65 ? 162 GLU A CG  1 
ATOM   1312 C  CD  . GLU A 1 162 ? 22.464  -11.592 -14.992 1.00 37.88 ? 162 GLU A CD  1 
ATOM   1313 O  OE1 . GLU A 1 162 ? 21.425  -11.868 -15.633 1.00 40.07 ? 162 GLU A OE1 1 
ATOM   1314 O  OE2 . GLU A 1 162 ? 23.414  -10.946 -15.493 1.00 40.35 ? 162 GLU A OE2 1 
ATOM   1315 N  N   . TYR A 1 163 ? 22.939  -10.232 -10.434 1.00 23.44 ? 163 TYR A N   1 
ATOM   1316 C  CA  . TYR A 1 163 ? 24.168  -9.653  -9.929  1.00 23.54 ? 163 TYR A CA  1 
ATOM   1317 C  C   . TYR A 1 163 ? 24.334  -9.839  -8.442  1.00 22.90 ? 163 TYR A C   1 
ATOM   1318 O  O   . TYR A 1 163 ? 25.464  -9.898  -7.950  1.00 23.54 ? 163 TYR A O   1 
ATOM   1319 C  CB  . TYR A 1 163 ? 24.233  -8.180  -10.304 1.00 25.23 ? 163 TYR A CB  1 
ATOM   1320 C  CG  . TYR A 1 163 ? 24.314  -7.998  -11.790 1.00 29.63 ? 163 TYR A CG  1 
ATOM   1321 C  CD1 . TYR A 1 163 ? 25.523  -8.162  -12.460 1.00 29.93 ? 163 TYR A CD1 1 
ATOM   1322 C  CD2 . TYR A 1 163 ? 23.166  -7.738  -12.541 1.00 30.67 ? 163 TYR A CD2 1 
ATOM   1323 C  CE1 . TYR A 1 163 ? 25.585  -8.076  -13.841 1.00 34.12 ? 163 TYR A CE1 1 
ATOM   1324 C  CE2 . TYR A 1 163 ? 23.215  -7.648  -13.924 1.00 34.06 ? 163 TYR A CE2 1 
ATOM   1325 C  CZ  . TYR A 1 163 ? 24.426  -7.820  -14.565 1.00 34.71 ? 163 TYR A CZ  1 
ATOM   1326 O  OH  . TYR A 1 163 ? 24.486  -7.744  -15.934 1.00 39.68 ? 163 TYR A OH  1 
ATOM   1327 N  N   . LEU A 1 164 ? 23.218  -9.921  -7.722  1.00 20.89 ? 164 LEU A N   1 
ATOM   1328 C  CA  . LEU A 1 164 ? 23.272  -10.145 -6.292  1.00 19.02 ? 164 LEU A CA  1 
ATOM   1329 C  C   . LEU A 1 164 ? 23.896  -11.525 -6.130  1.00 19.88 ? 164 LEU A C   1 
ATOM   1330 O  O   . LEU A 1 164 ? 24.843  -11.689 -5.387  1.00 18.44 ? 164 LEU A O   1 
ATOM   1331 C  CB  . LEU A 1 164 ? 21.868  -10.137 -5.665  1.00 19.01 ? 164 LEU A CB  1 
ATOM   1332 C  CG  . LEU A 1 164 ? 21.145  -8.796  -5.583  1.00 16.61 ? 164 LEU A CG  1 
ATOM   1333 C  CD1 . LEU A 1 164 ? 19.747  -9.004  -5.033  1.00 19.33 ? 164 LEU A CD1 1 
ATOM   1334 C  CD2 . LEU A 1 164 ? 21.920  -7.848  -4.687  1.00 20.03 ? 164 LEU A CD2 1 
ATOM   1335 N  N   . LEU A 1 165 ? 23.361  -12.508 -6.846  1.00 20.34 ? 165 LEU A N   1 
ATOM   1336 C  CA  . LEU A 1 165 ? 23.893  -13.865 -6.759  1.00 22.66 ? 165 LEU A CA  1 
ATOM   1337 C  C   . LEU A 1 165 ? 25.389  -13.910 -7.128  1.00 23.16 ? 165 LEU A C   1 
ATOM   1338 O  O   . LEU A 1 165 ? 26.181  -14.523 -6.423  1.00 22.21 ? 165 LEU A O   1 
ATOM   1339 C  CB  . LEU A 1 165 ? 23.087  -14.809 -7.656  1.00 21.53 ? 165 LEU A CB  1 
ATOM   1340 C  CG  . LEU A 1 165 ? 23.664  -16.221 -7.618  1.00 23.83 ? 165 LEU A CG  1 
ATOM   1341 C  CD1 . LEU A 1 165 ? 23.523  -16.758 -6.214  1.00 24.75 ? 165 LEU A CD1 1 
ATOM   1342 C  CD2 . LEU A 1 165 ? 22.978  -17.114 -8.598  1.00 25.15 ? 165 LEU A CD2 1 
ATOM   1343 N  N   . LYS A 1 166 ? 25.771  -13.246 -8.218  1.00 25.34 ? 166 LYS A N   1 
ATOM   1344 C  CA  . LYS A 1 166 ? 27.177  -13.204 -8.609  1.00 25.73 ? 166 LYS A CA  1 
ATOM   1345 C  C   . LYS A 1 166 ? 28.027  -12.651 -7.469  1.00 26.37 ? 166 LYS A C   1 
ATOM   1346 O  O   . LYS A 1 166 ? 28.989  -13.293 -7.043  1.00 24.57 ? 166 LYS A O   1 
ATOM   1347 C  CB  . LYS A 1 166 ? 27.410  -12.328 -9.836  1.00 27.10 ? 166 LYS A CB  1 
ATOM   1348 C  CG  . LYS A 1 166 ? 28.902  -12.081 -10.031 1.00 29.39 ? 166 LYS A CG  1 
ATOM   1349 C  CD  . LYS A 1 166 ? 29.272  -11.544 -11.400 1.00 34.17 ? 166 LYS A CD  1 
ATOM   1350 C  CE  . LYS A 1 166 ? 28.902  -10.086 -11.580 1.00 34.80 ? 166 LYS A CE  1 
ATOM   1351 N  NZ  . LYS A 1 166 ? 29.904  -9.446  -12.479 1.00 35.91 ? 166 LYS A NZ  1 
HETATM 1352 N  N   . MSE A 1 167 ? 27.670  -11.461 -6.981  1.00 24.82 ? 167 MSE A N   1 
HETATM 1353 C  CA  . MSE A 1 167 ? 28.403  -10.842 -5.895  1.00 26.72 ? 167 MSE A CA  1 
HETATM 1354 C  C   . MSE A 1 167 ? 28.422  -11.717 -4.674  1.00 27.04 ? 167 MSE A C   1 
HETATM 1355 O  O   . MSE A 1 167 ? 29.437  -11.800 -3.975  1.00 25.13 ? 167 MSE A O   1 
HETATM 1356 C  CB  . MSE A 1 167 ? 27.793  -9.496  -5.504  1.00 30.57 ? 167 MSE A CB  1 
HETATM 1357 C  CG  . MSE A 1 167 ? 28.557  -8.305  -6.037  1.00 36.04 ? 167 MSE A CG  1 
HETATM 1358 SE SE  . MSE A 1 167 ? 28.081  -6.745  -5.057  1.00 41.71 ? 167 MSE A SE  1 
HETATM 1359 C  CE  . MSE A 1 167 ? 26.371  -6.365  -5.925  1.00 39.95 ? 167 MSE A CE  1 
ATOM   1360 N  N   . ALA A 1 168 ? 27.290  -12.350 -4.400  1.00 24.00 ? 168 ALA A N   1 
ATOM   1361 C  CA  . ALA A 1 168 ? 27.181  -13.220 -3.238  1.00 25.14 ? 168 ALA A CA  1 
ATOM   1362 C  C   . ALA A 1 168 ? 28.140  -14.420 -3.312  1.00 24.35 ? 168 ALA A C   1 
ATOM   1363 O  O   . ALA A 1 168 ? 28.624  -14.891 -2.289  1.00 24.00 ? 168 ALA A O   1 
ATOM   1364 C  CB  . ALA A 1 168 ? 25.723  -13.713 -3.090  1.00 23.90 ? 168 ALA A CB  1 
ATOM   1365 N  N   . THR A 1 169 ? 28.429  -14.881 -4.522  1.00 25.60 ? 169 THR A N   1 
ATOM   1366 C  CA  . THR A 1 169 ? 29.274  -16.054 -4.711  1.00 29.51 ? 169 THR A CA  1 
ATOM   1367 C  C   . THR A 1 169 ? 30.656  -15.861 -5.330  1.00 32.59 ? 169 THR A C   1 
ATOM   1368 O  O   . THR A 1 169 ? 31.284  -16.840 -5.741  1.00 34.67 ? 169 THR A O   1 
ATOM   1369 C  CB  . THR A 1 169 ? 28.545  -17.090 -5.556  1.00 28.78 ? 169 THR A CB  1 
ATOM   1370 O  OG1 . THR A 1 169 ? 28.309  -16.552 -6.861  1.00 28.76 ? 169 THR A OG1 1 
ATOM   1371 C  CG2 . THR A 1 169 ? 27.219  -17.452 -4.916  1.00 27.99 ? 169 THR A CG2 1 
ATOM   1372 N  N   . GLU A 1 170 ? 31.134  -14.623 -5.402  1.00 34.61 ? 170 GLU A N   1 
ATOM   1373 C  CA  . GLU A 1 170 ? 32.453  -14.363 -5.983  1.00 37.04 ? 170 GLU A CA  1 
ATOM   1374 C  C   . GLU A 1 170 ? 33.564  -14.806 -5.046  1.00 37.45 ? 170 GLU A C   1 
ATOM   1375 O  O   . GLU A 1 170 ? 33.376  -14.868 -3.831  1.00 38.70 ? 170 GLU A O   1 
ATOM   1376 C  CB  . GLU A 1 170 ? 32.618  -12.871 -6.298  1.00 39.15 ? 170 GLU A CB  1 
ATOM   1377 C  CG  . GLU A 1 170 ? 31.975  -12.439 -7.612  1.00 41.11 ? 170 GLU A CG  1 
ATOM   1378 C  CD  . GLU A 1 170 ? 31.812  -10.915 -7.745  1.00 43.55 ? 170 GLU A CD  1 
ATOM   1379 O  OE1 . GLU A 1 170 ? 31.432  -10.460 -8.854  1.00 42.85 ? 170 GLU A OE1 1 
ATOM   1380 O  OE2 . GLU A 1 170 ? 32.057  -10.181 -6.749  1.00 42.47 ? 170 GLU A OE2 1 
HETATM 1381 N  N1A . ACO B 2 .   ? -20.044 11.712  0.556   1.00 32.00 ? 172 ACO A N1A 1 
HETATM 1382 C  C2A . ACO B 2 .   ? -19.645 12.498  -0.451  1.00 33.07 ? 172 ACO A C2A 1 
HETATM 1383 N  N3A . ACO B 2 .   ? -18.339 12.844  -0.743  1.00 33.18 ? 172 ACO A N3A 1 
HETATM 1384 C  C4A . ACO B 2 .   ? -17.408 12.284  0.135   1.00 31.55 ? 172 ACO A C4A 1 
HETATM 1385 C  C5A . ACO B 2 .   ? -17.750 11.461  1.199   1.00 31.76 ? 172 ACO A C5A 1 
HETATM 1386 C  C6A . ACO B 2 .   ? -19.164 11.159  1.416   1.00 33.47 ? 172 ACO A C6A 1 
HETATM 1387 N  N6A . ACO B 2 .   ? -19.570 10.372  2.428   1.00 31.84 ? 172 ACO A N6A 1 
HETATM 1388 N  N7A . ACO B 2 .   ? -16.605 11.073  1.883   1.00 32.80 ? 172 ACO A N7A 1 
HETATM 1389 C  C8A . ACO B 2 .   ? -15.637 11.642  1.240   1.00 29.69 ? 172 ACO A C8A 1 
HETATM 1390 N  N9A . ACO B 2 .   ? -16.020 12.403  0.152   1.00 32.78 ? 172 ACO A N9A 1 
HETATM 1391 C  C1B . ACO B 2 .   ? -15.159 13.151  -0.763  1.00 33.74 ? 172 ACO A C1B 1 
HETATM 1392 C  C2B . ACO B 2 .   ? -14.437 14.290  -0.015  1.00 36.76 ? 172 ACO A C2B 1 
HETATM 1393 O  O2B . ACO B 2 .   ? -14.925 15.592  -0.482  1.00 41.56 ? 172 ACO A O2B 1 
HETATM 1394 C  C3B . ACO B 2 .   ? -12.928 14.059  -0.236  1.00 37.01 ? 172 ACO A C3B 1 
HETATM 1395 O  O3B . ACO B 2 .   ? -12.540 15.093  -1.111  1.00 36.88 ? 172 ACO A O3B 1 
HETATM 1396 P  P3B . ACO B 2 .   ? -11.122 15.746  -1.197  1.00 36.37 ? 172 ACO A P3B 1 
HETATM 1397 O  O7A . ACO B 2 .   ? -10.935 16.226  0.190   1.00 37.81 ? 172 ACO A O7A 1 
HETATM 1398 O  O8A . ACO B 2 .   ? -11.272 16.805  -2.177  1.00 37.94 ? 172 ACO A O8A 1 
HETATM 1399 O  O9A . ACO B 2 .   ? -10.155 14.716  -1.628  1.00 37.10 ? 172 ACO A O9A 1 
HETATM 1400 C  C4B . ACO B 2 .   ? -12.742 12.716  -0.860  1.00 34.76 ? 172 ACO A C4B 1 
HETATM 1401 O  O4B . ACO B 2 .   ? -14.126 12.304  -1.212  1.00 35.25 ? 172 ACO A O4B 1 
HETATM 1402 C  C5B . ACO B 2 .   ? -12.277 11.733  0.209   1.00 33.33 ? 172 ACO A C5B 1 
HETATM 1403 O  O5B . ACO B 2 .   ? -12.768 10.533  -0.263  1.00 24.00 ? 172 ACO A O5B 1 
HETATM 1404 P  P1A . ACO B 2 .   ? -12.851 9.079   0.296   1.00 23.89 ? 172 ACO A P1A 1 
HETATM 1405 O  O1A . ACO B 2 .   ? -14.205 8.620   0.029   1.00 20.69 ? 172 ACO A O1A 1 
HETATM 1406 O  O2A . ACO B 2 .   ? -12.313 9.066   1.725   1.00 17.88 ? 172 ACO A O2A 1 
HETATM 1407 O  O3A . ACO B 2 .   ? -11.976 8.489   -0.913  1.00 23.60 ? 172 ACO A O3A 1 
HETATM 1408 P  P2A . ACO B 2 .   ? -11.667 7.079   -1.402  1.00 20.04 ? 172 ACO A P2A 1 
HETATM 1409 O  O4A . ACO B 2 .   ? -12.143 7.298   -2.775  1.00 24.14 ? 172 ACO A O4A 1 
HETATM 1410 O  O5A . ACO B 2 .   ? -12.360 6.066   -0.593  1.00 21.12 ? 172 ACO A O5A 1 
HETATM 1411 O  O6A . ACO B 2 .   ? -10.126 6.791   -1.355  1.00 21.48 ? 172 ACO A O6A 1 
HETATM 1412 C  CBP . ACO B 2 .   ? -8.232  6.833   -2.963  1.00 16.79 ? 172 ACO A CBP 1 
HETATM 1413 C  CCP . ACO B 2 .   ? -9.074  7.620   -1.997  1.00 15.76 ? 172 ACO A CCP 1 
HETATM 1414 C  CDP . ACO B 2 .   ? -7.151  7.829   -3.512  1.00 15.12 ? 172 ACO A CDP 1 
HETATM 1415 C  CEP . ACO B 2 .   ? -7.548  5.628   -2.273  1.00 14.84 ? 172 ACO A CEP 1 
HETATM 1416 C  CAP . ACO B 2 .   ? -9.172  6.356   -4.139  1.00 16.94 ? 172 ACO A CAP 1 
HETATM 1417 O  OAP . ACO B 2 .   ? -9.786  7.466   -4.743  1.00 17.81 ? 172 ACO A OAP 1 
HETATM 1418 C  C9P . ACO B 2 .   ? -8.434  5.537   -5.239  1.00 16.51 ? 172 ACO A C9P 1 
HETATM 1419 O  O9P . ACO B 2 .   ? -8.305  4.331   -5.182  1.00 17.44 ? 172 ACO A O9P 1 
HETATM 1420 N  N8P . ACO B 2 .   ? -7.931  6.260   -6.290  1.00 15.45 ? 172 ACO A N8P 1 
HETATM 1421 C  C7P . ACO B 2 .   ? -7.197  5.674   -7.435  1.00 18.91 ? 172 ACO A C7P 1 
HETATM 1422 C  C6P . ACO B 2 .   ? -5.771  5.170   -7.097  1.00 22.19 ? 172 ACO A C6P 1 
HETATM 1423 C  C5P . ACO B 2 .   ? -4.914  6.200   -6.399  1.00 24.01 ? 172 ACO A C5P 1 
HETATM 1424 O  O5P . ACO B 2 .   ? -4.814  7.385   -6.831  1.00 22.60 ? 172 ACO A O5P 1 
HETATM 1425 N  N4P . ACO B 2 .   ? -4.264  5.830   -5.312  1.00 27.44 ? 172 ACO A N4P 1 
HETATM 1426 C  C3P . ACO B 2 .   ? -3.360  6.491   -4.364  1.00 35.30 ? 172 ACO A C3P 1 
HETATM 1427 C  C2P . ACO B 2 .   ? -1.929  6.378   -4.915  1.00 40.51 ? 172 ACO A C2P 1 
HETATM 1428 S  S1P . ACO B 2 .   ? -0.883  7.216   -3.598  1.00 51.30 ? 172 ACO A S1P 1 
HETATM 1429 C  C   . ACO B 2 .   ? -0.086  6.047   -3.027  1.00 51.68 ? 172 ACO A C   1 
HETATM 1430 O  O   . ACO B 2 .   ? -0.082  4.775   -3.343  1.00 54.06 ? 172 ACO A O   1 
HETATM 1431 C  CH3 . ACO B 2 .   ? 1.022   6.058   -1.828  1.00 52.86 ? 172 ACO A CH3 1 
HETATM 1432 O  O   . HOH C 3 .   ? -15.046 5.758   -0.309  1.00 22.02 ? 202 HOH A O   1 
HETATM 1433 O  O   . HOH C 3 .   ? -10.245 1.685   -10.954 1.00 22.85 ? 203 HOH A O   1 
HETATM 1434 O  O   . HOH C 3 .   ? -0.469  -18.827 -5.243  1.00 24.77 ? 204 HOH A O   1 
HETATM 1435 O  O   . HOH C 3 .   ? 9.284   -5.154  5.142   1.00 26.50 ? 205 HOH A O   1 
HETATM 1436 O  O   . HOH C 3 .   ? 7.639   -2.828  8.371   1.00 34.19 ? 206 HOH A O   1 
HETATM 1437 O  O   . HOH C 3 .   ? 4.149   5.155   -2.362  1.00 19.12 ? 207 HOH A O   1 
HETATM 1438 O  O   . HOH C 3 .   ? 8.975   -0.682  -2.991  1.00 25.43 ? 208 HOH A O   1 
HETATM 1439 O  O   . HOH C 3 .   ? -14.889 6.908   -8.717  1.00 33.76 ? 209 HOH A O   1 
HETATM 1440 O  O   . HOH C 3 .   ? 4.984   9.895   16.508  1.00 33.32 ? 210 HOH A O   1 
HETATM 1441 O  O   . HOH C 3 .   ? 18.133  -10.911 -12.276 1.00 23.85 ? 211 HOH A O   1 
HETATM 1442 O  O   . HOH C 3 .   ? 10.668  8.093   2.292   1.00 20.57 ? 212 HOH A O   1 
HETATM 1443 O  O   . HOH C 3 .   ? 9.774   6.547   -2.337  1.00 21.91 ? 213 HOH A O   1 
HETATM 1444 O  O   . HOH C 3 .   ? 10.277  3.793   -2.200  1.00 20.96 ? 214 HOH A O   1 
HETATM 1445 O  O   . HOH C 3 .   ? 1.815   17.120  -10.218 1.00 29.65 ? 215 HOH A O   1 
HETATM 1446 O  O   . HOH C 3 .   ? -9.440  15.296  -4.647  1.00 28.87 ? 216 HOH A O   1 
HETATM 1447 O  O   . HOH C 3 .   ? -4.142  20.479  -3.161  1.00 30.59 ? 217 HOH A O   1 
HETATM 1448 O  O   . HOH C 3 .   ? -4.286  15.919  8.863   1.00 22.82 ? 218 HOH A O   1 
HETATM 1449 O  O   . HOH C 3 .   ? -13.748 0.514   10.710  1.00 30.73 ? 219 HOH A O   1 
HETATM 1450 O  O   . HOH C 3 .   ? -11.688 -11.900 2.539   1.00 33.75 ? 220 HOH A O   1 
HETATM 1451 O  O   . HOH C 3 .   ? -8.321  -7.797  -10.196 1.00 24.44 ? 221 HOH A O   1 
HETATM 1452 O  O   . HOH C 3 .   ? -8.875  -0.808  -12.091 1.00 23.13 ? 222 HOH A O   1 
HETATM 1453 O  O   . HOH C 3 .   ? -7.998  -6.560  -13.125 1.00 41.73 ? 223 HOH A O   1 
HETATM 1454 O  O   . HOH C 3 .   ? 3.595   -14.752 -11.631 1.00 41.68 ? 224 HOH A O   1 
HETATM 1455 O  O   . HOH C 3 .   ? 0.464   -21.509 0.616   1.00 33.22 ? 225 HOH A O   1 
HETATM 1456 O  O   . HOH C 3 .   ? -17.027 -7.553  -9.489  1.00 34.02 ? 226 HOH A O   1 
HETATM 1457 O  O   . HOH C 3 .   ? 11.636  5.713   3.349   1.00 22.28 ? 228 HOH A O   1 
HETATM 1458 O  O   . HOH C 3 .   ? 12.340  3.477   1.543   1.00 17.66 ? 229 HOH A O   1 
HETATM 1459 O  O   . HOH C 3 .   ? 11.419  7.704   -0.424  1.00 17.30 ? 230 HOH A O   1 
HETATM 1460 O  O   . HOH C 3 .   ? 12.198  14.572  -3.343  1.00 33.15 ? 231 HOH A O   1 
HETATM 1461 O  O   . HOH C 3 .   ? 8.385   2.992   -6.279  1.00 35.04 ? 232 HOH A O   1 
HETATM 1462 O  O   . HOH C 3 .   ? -12.314 9.639   -4.563  1.00 27.85 ? 233 HOH A O   1 
HETATM 1463 O  O   . HOH C 3 .   ? 4.819   21.193  -0.094  1.00 29.75 ? 235 HOH A O   1 
HETATM 1464 O  O   . HOH C 3 .   ? -8.436  -8.015  11.457  1.00 25.89 ? 236 HOH A O   1 
HETATM 1465 O  O   . HOH C 3 .   ? -10.615 -11.881 -4.214  1.00 28.62 ? 237 HOH A O   1 
HETATM 1466 O  O   . HOH C 3 .   ? -6.887  -13.237 -6.313  1.00 31.18 ? 239 HOH A O   1 
HETATM 1467 O  O   . HOH C 3 .   ? 0.044   -13.319 -10.157 1.00 26.65 ? 240 HOH A O   1 
HETATM 1468 O  O   . HOH C 3 .   ? -2.302  -20.137 -3.460  1.00 31.31 ? 241 HOH A O   1 
HETATM 1469 O  O   . HOH C 3 .   ? -1.508  -19.672 -0.693  1.00 38.27 ? 242 HOH A O   1 
HETATM 1470 O  O   . HOH C 3 .   ? -12.088 -0.145  -9.648  1.00 28.53 ? 243 HOH A O   1 
HETATM 1471 O  O   . HOH C 3 .   ? 7.266   -7.378  -12.847 1.00 29.54 ? 244 HOH A O   1 
HETATM 1472 O  O   . HOH C 3 .   ? 10.930  -6.293  7.313   1.00 23.36 ? 245 HOH A O   1 
HETATM 1473 O  O   . HOH C 3 .   ? 6.210   -5.214  7.298   1.00 30.52 ? 246 HOH A O   1 
HETATM 1474 O  O   . HOH C 3 .   ? 17.986  11.444  5.567   1.00 33.83 ? 247 HOH A O   1 
HETATM 1475 O  O   . HOH C 3 .   ? 4.426   3.443   -4.542  1.00 23.90 ? 248 HOH A O   1 
HETATM 1476 O  O   . HOH C 3 .   ? 12.896  6.573   15.482  1.00 31.70 ? 249 HOH A O   1 
HETATM 1477 O  O   . HOH C 3 .   ? 7.954   2.543   -3.386  1.00 30.58 ? 250 HOH A O   1 
HETATM 1478 O  O   . HOH C 3 .   ? 13.601  9.027   -2.186  1.00 35.80 ? 251 HOH A O   1 
HETATM 1479 O  O   . HOH C 3 .   ? -1.088  7.744   -8.402  1.00 26.13 ? 252 HOH A O   1 
HETATM 1480 O  O   . HOH C 3 .   ? -1.137  3.164   -5.168  1.00 29.75 ? 253 HOH A O   1 
HETATM 1481 O  O   . HOH C 3 .   ? -0.177  19.275  -9.587  1.00 35.21 ? 254 HOH A O   1 
HETATM 1482 O  O   . HOH C 3 .   ? -10.205 6.295   15.794  1.00 33.47 ? 255 HOH A O   1 
HETATM 1483 O  O   . HOH C 3 .   ? 24.330  -14.623 -11.316 1.00 22.21 ? 256 HOH A O   1 
HETATM 1484 O  O   . HOH C 3 .   ? -11.542 -10.829 9.413   1.00 34.53 ? 257 HOH A O   1 
HETATM 1485 O  O   . HOH C 3 .   ? 1.001   -8.464  7.139   1.00 23.56 ? 258 HOH A O   1 
HETATM 1486 O  O   . HOH C 3 .   ? -18.758 -8.444  5.136   1.00 37.50 ? 259 HOH A O   1 
HETATM 1487 O  O   . HOH C 3 .   ? -30.365 -4.062  -2.039  1.00 43.00 ? 260 HOH A O   1 
HETATM 1488 O  O   . HOH C 3 .   ? -17.081 -11.927 -0.104  1.00 47.40 ? 261 HOH A O   1 
HETATM 1489 O  O   . HOH C 3 .   ? 9.608   13.253  6.708   1.00 30.10 ? 262 HOH A O   1 
HETATM 1490 O  O   . HOH C 3 .   ? 3.150   17.255  6.512   1.00 25.42 ? 263 HOH A O   1 
# 
